data_1SOR
# 
_entry.id   1SOR 
# 
_audit_conform.dict_name       mmcif_pdbx.dic 
_audit_conform.dict_version    5.376 
_audit_conform.dict_location   http://mmcif.pdb.org/dictionaries/ascii/mmcif_pdbx.dic 
# 
loop_
_database_2.database_id 
_database_2.database_code 
_database_2.pdbx_database_accession 
_database_2.pdbx_DOI 
PDB   1SOR         pdb_00001sor 10.2210/pdb1sor/pdb 
RCSB  RCSB021881   ?            ?                   
WWPDB D_1000021881 ?            ?                   
# 
_pdbx_database_status.status_code                     REL 
_pdbx_database_status.entry_id                        1SOR 
_pdbx_database_status.recvd_initial_deposition_date   2004-03-15 
_pdbx_database_status.deposit_site                    RCSB 
_pdbx_database_status.process_site                    RCSB 
_pdbx_database_status.status_code_sf                  REL 
_pdbx_database_status.status_code_mr                  ? 
_pdbx_database_status.SG_entry                        ? 
_pdbx_database_status.pdb_format_compatible           Y 
_pdbx_database_status.status_code_cs                  ? 
_pdbx_database_status.methods_development_category    ? 
_pdbx_database_status.status_code_nmr_data            ? 
# 
loop_
_audit_author.name 
_audit_author.pdbx_ordinal 
'Gonen, T.'   1 
'Sliz, P.'    2 
'Kistler, J.' 3 
'Cheng, Y.'   4 
'Walz, T.'    5 
# 
_citation.id                        primary 
_citation.title                     'Aquaporin-0 membrane junctions reveal the structure of a closed water pore' 
_citation.journal_abbrev            Nature 
_citation.journal_volume            429 
_citation.page_first                193 
_citation.page_last                 197 
_citation.year                      2004 
_citation.journal_id_ASTM           NATUAS 
_citation.country                   UK 
_citation.journal_id_ISSN           0028-0836 
_citation.journal_id_CSD            0006 
_citation.book_publisher            ? 
_citation.pdbx_database_id_PubMed   15141214 
_citation.pdbx_database_id_DOI      10.1038/nature02503 
# 
loop_
_citation_author.citation_id 
_citation_author.name 
_citation_author.ordinal 
_citation_author.identifier_ORCID 
primary 'Gonen, T.'   1 ? 
primary 'Sliz, P.'    2 ? 
primary 'Kistler, J.' 3 ? 
primary 'Cheng, Y.'   4 ? 
primary 'Walz, T.'    5 ? 
# 
_cell.entry_id           1SOR 
_cell.length_a           65.500 
_cell.length_b           65.500 
_cell.length_c           160.000 
_cell.angle_alpha        90.00 
_cell.angle_beta         90.00 
_cell.angle_gamma        90.00 
_cell.Z_PDB              8 
_cell.pdbx_unique_axis   ? 
# 
_symmetry.entry_id                         1SOR 
_symmetry.space_group_name_H-M             'P 4 2 2' 
_symmetry.pdbx_full_space_group_name_H-M   ? 
_symmetry.cell_setting                     ? 
_symmetry.Int_Tables_number                89 
_symmetry.space_group_name_Hall            ? 
# 
_entity.id                         1 
_entity.type                       polymer 
_entity.src_method                 nat 
_entity.pdbx_description           Aquaporin-0 
_entity.formula_weight             25173.439 
_entity.pdbx_number_of_molecules   1 
_entity.pdbx_ec                    ? 
_entity.pdbx_mutation              ? 
_entity.pdbx_fragment              ? 
_entity.details                    ? 
# 
_entity_name_com.entity_id   1 
_entity_name_com.name        MIP 
# 
_entity_poly.entity_id                      1 
_entity_poly.type                           'polypeptide(L)' 
_entity_poly.nstd_linkage                   no 
_entity_poly.nstd_monomer                   no 
_entity_poly.pdbx_seq_one_letter_code       
;RSASFWRAIFAEFFATLFYVFFGLGASLRWAPGPLHVLQVALAFGLALATLVQAVGHISGAHVNPAVTFAFLVGSQMSLL
RAICYVVAQLLGAVAGAAVLYSVTPPAVRGNLALNTLHPGVSVGQATIVEIFLTLQFVLCIFATYDERRNGRLGSVALAV
GFSLTLGHLFGMYYTGAGMNPARSFAPAILTRNFTNHWVYWVGPVIGAGLGSLLYDFLLFPRLKSVSERLSILKG
;
_entity_poly.pdbx_seq_one_letter_code_can   
;RSASFWRAIFAEFFATLFYVFFGLGASLRWAPGPLHVLQVALAFGLALATLVQAVGHISGAHVNPAVTFAFLVGSQMSLL
RAICYVVAQLLGAVAGAAVLYSVTPPAVRGNLALNTLHPGVSVGQATIVEIFLTLQFVLCIFATYDERRNGRLGSVALAV
GFSLTLGHLFGMYYTGAGMNPARSFAPAILTRNFTNHWVYWVGPVIGAGLGSLLYDFLLFPRLKSVSERLSILKG
;
_entity_poly.pdbx_strand_id                 A 
_entity_poly.pdbx_target_identifier         ? 
# 
loop_
_entity_poly_seq.entity_id 
_entity_poly_seq.num 
_entity_poly_seq.mon_id 
_entity_poly_seq.hetero 
1 1   ARG n 
1 2   SER n 
1 3   ALA n 
1 4   SER n 
1 5   PHE n 
1 6   TRP n 
1 7   ARG n 
1 8   ALA n 
1 9   ILE n 
1 10  PHE n 
1 11  ALA n 
1 12  GLU n 
1 13  PHE n 
1 14  PHE n 
1 15  ALA n 
1 16  THR n 
1 17  LEU n 
1 18  PHE n 
1 19  TYR n 
1 20  VAL n 
1 21  PHE n 
1 22  PHE n 
1 23  GLY n 
1 24  LEU n 
1 25  GLY n 
1 26  ALA n 
1 27  SER n 
1 28  LEU n 
1 29  ARG n 
1 30  TRP n 
1 31  ALA n 
1 32  PRO n 
1 33  GLY n 
1 34  PRO n 
1 35  LEU n 
1 36  HIS n 
1 37  VAL n 
1 38  LEU n 
1 39  GLN n 
1 40  VAL n 
1 41  ALA n 
1 42  LEU n 
1 43  ALA n 
1 44  PHE n 
1 45  GLY n 
1 46  LEU n 
1 47  ALA n 
1 48  LEU n 
1 49  ALA n 
1 50  THR n 
1 51  LEU n 
1 52  VAL n 
1 53  GLN n 
1 54  ALA n 
1 55  VAL n 
1 56  GLY n 
1 57  HIS n 
1 58  ILE n 
1 59  SER n 
1 60  GLY n 
1 61  ALA n 
1 62  HIS n 
1 63  VAL n 
1 64  ASN n 
1 65  PRO n 
1 66  ALA n 
1 67  VAL n 
1 68  THR n 
1 69  PHE n 
1 70  ALA n 
1 71  PHE n 
1 72  LEU n 
1 73  VAL n 
1 74  GLY n 
1 75  SER n 
1 76  GLN n 
1 77  MET n 
1 78  SER n 
1 79  LEU n 
1 80  LEU n 
1 81  ARG n 
1 82  ALA n 
1 83  ILE n 
1 84  CYS n 
1 85  TYR n 
1 86  VAL n 
1 87  VAL n 
1 88  ALA n 
1 89  GLN n 
1 90  LEU n 
1 91  LEU n 
1 92  GLY n 
1 93  ALA n 
1 94  VAL n 
1 95  ALA n 
1 96  GLY n 
1 97  ALA n 
1 98  ALA n 
1 99  VAL n 
1 100 LEU n 
1 101 TYR n 
1 102 SER n 
1 103 VAL n 
1 104 THR n 
1 105 PRO n 
1 106 PRO n 
1 107 ALA n 
1 108 VAL n 
1 109 ARG n 
1 110 GLY n 
1 111 ASN n 
1 112 LEU n 
1 113 ALA n 
1 114 LEU n 
1 115 ASN n 
1 116 THR n 
1 117 LEU n 
1 118 HIS n 
1 119 PRO n 
1 120 GLY n 
1 121 VAL n 
1 122 SER n 
1 123 VAL n 
1 124 GLY n 
1 125 GLN n 
1 126 ALA n 
1 127 THR n 
1 128 ILE n 
1 129 VAL n 
1 130 GLU n 
1 131 ILE n 
1 132 PHE n 
1 133 LEU n 
1 134 THR n 
1 135 LEU n 
1 136 GLN n 
1 137 PHE n 
1 138 VAL n 
1 139 LEU n 
1 140 CYS n 
1 141 ILE n 
1 142 PHE n 
1 143 ALA n 
1 144 THR n 
1 145 TYR n 
1 146 ASP n 
1 147 GLU n 
1 148 ARG n 
1 149 ARG n 
1 150 ASN n 
1 151 GLY n 
1 152 ARG n 
1 153 LEU n 
1 154 GLY n 
1 155 SER n 
1 156 VAL n 
1 157 ALA n 
1 158 LEU n 
1 159 ALA n 
1 160 VAL n 
1 161 GLY n 
1 162 PHE n 
1 163 SER n 
1 164 LEU n 
1 165 THR n 
1 166 LEU n 
1 167 GLY n 
1 168 HIS n 
1 169 LEU n 
1 170 PHE n 
1 171 GLY n 
1 172 MET n 
1 173 TYR n 
1 174 TYR n 
1 175 THR n 
1 176 GLY n 
1 177 ALA n 
1 178 GLY n 
1 179 MET n 
1 180 ASN n 
1 181 PRO n 
1 182 ALA n 
1 183 ARG n 
1 184 SER n 
1 185 PHE n 
1 186 ALA n 
1 187 PRO n 
1 188 ALA n 
1 189 ILE n 
1 190 LEU n 
1 191 THR n 
1 192 ARG n 
1 193 ASN n 
1 194 PHE n 
1 195 THR n 
1 196 ASN n 
1 197 HIS n 
1 198 TRP n 
1 199 VAL n 
1 200 TYR n 
1 201 TRP n 
1 202 VAL n 
1 203 GLY n 
1 204 PRO n 
1 205 VAL n 
1 206 ILE n 
1 207 GLY n 
1 208 ALA n 
1 209 GLY n 
1 210 LEU n 
1 211 GLY n 
1 212 SER n 
1 213 LEU n 
1 214 LEU n 
1 215 TYR n 
1 216 ASP n 
1 217 PHE n 
1 218 LEU n 
1 219 LEU n 
1 220 PHE n 
1 221 PRO n 
1 222 ARG n 
1 223 LEU n 
1 224 LYS n 
1 225 SER n 
1 226 VAL n 
1 227 SER n 
1 228 GLU n 
1 229 ARG n 
1 230 LEU n 
1 231 SER n 
1 232 ILE n 
1 233 LEU n 
1 234 LYS n 
1 235 GLY n 
# 
_entity_src_nat.entity_id                  1 
_entity_src_nat.pdbx_src_id                1 
_entity_src_nat.pdbx_alt_source_flag       sample 
_entity_src_nat.pdbx_beg_seq_num           ? 
_entity_src_nat.pdbx_end_seq_num           ? 
_entity_src_nat.common_name                sheep 
_entity_src_nat.pdbx_organism_scientific   'Ovis aries' 
_entity_src_nat.pdbx_ncbi_taxonomy_id      9940 
_entity_src_nat.genus                      Ovis 
_entity_src_nat.species                    ? 
_entity_src_nat.strain                     ? 
_entity_src_nat.tissue                     ? 
_entity_src_nat.tissue_fraction            ? 
_entity_src_nat.pdbx_secretion             ? 
_entity_src_nat.pdbx_fragment              ? 
_entity_src_nat.pdbx_variant               ? 
_entity_src_nat.pdbx_cell_line             ? 
_entity_src_nat.pdbx_atcc                  ? 
_entity_src_nat.pdbx_cellular_location     ? 
_entity_src_nat.pdbx_organ                 ? 
_entity_src_nat.pdbx_organelle             ? 
_entity_src_nat.pdbx_cell                  ? 
_entity_src_nat.pdbx_plasmid_name          ? 
_entity_src_nat.pdbx_plasmid_details       ? 
_entity_src_nat.details                    ? 
# 
_struct_ref.id                         1 
_struct_ref.db_name                    UNP 
_struct_ref.db_code                    Q6J8I9_SHEEP 
_struct_ref.pdbx_db_accession          Q6J8I9 
_struct_ref.entity_id                  1 
_struct_ref.pdbx_align_begin           5 
_struct_ref.pdbx_db_isoform            ? 
_struct_ref.pdbx_seq_one_letter_code   ? 
# 
_struct_ref_seq.align_id                      1 
_struct_ref_seq.ref_id                        1 
_struct_ref_seq.pdbx_PDB_id_code              1SOR 
_struct_ref_seq.pdbx_strand_id                A 
_struct_ref_seq.seq_align_beg                 1 
_struct_ref_seq.pdbx_seq_align_beg_ins_code   ? 
_struct_ref_seq.seq_align_end                 235 
_struct_ref_seq.pdbx_seq_align_end_ins_code   ? 
_struct_ref_seq.pdbx_db_accession             Q6J8I9 
_struct_ref_seq.db_align_beg                  5 
_struct_ref_seq.pdbx_db_align_beg_ins_code    ? 
_struct_ref_seq.db_align_end                  239 
_struct_ref_seq.pdbx_db_align_end_ins_code    ? 
_struct_ref_seq.pdbx_auth_seq_align_beg       5 
_struct_ref_seq.pdbx_auth_seq_align_end       239 
# 
loop_
_chem_comp.id 
_chem_comp.type 
_chem_comp.mon_nstd_flag 
_chem_comp.name 
_chem_comp.pdbx_synonyms 
_chem_comp.formula 
_chem_comp.formula_weight 
ALA 'L-peptide linking' y ALANINE         ? 'C3 H7 N O2'     89.093  
ARG 'L-peptide linking' y ARGININE        ? 'C6 H15 N4 O2 1' 175.209 
ASN 'L-peptide linking' y ASPARAGINE      ? 'C4 H8 N2 O3'    132.118 
ASP 'L-peptide linking' y 'ASPARTIC ACID' ? 'C4 H7 N O4'     133.103 
CYS 'L-peptide linking' y CYSTEINE        ? 'C3 H7 N O2 S'   121.158 
GLN 'L-peptide linking' y GLUTAMINE       ? 'C5 H10 N2 O3'   146.144 
GLU 'L-peptide linking' y 'GLUTAMIC ACID' ? 'C5 H9 N O4'     147.129 
GLY 'peptide linking'   y GLYCINE         ? 'C2 H5 N O2'     75.067  
HIS 'L-peptide linking' y HISTIDINE       ? 'C6 H10 N3 O2 1' 156.162 
ILE 'L-peptide linking' y ISOLEUCINE      ? 'C6 H13 N O2'    131.173 
LEU 'L-peptide linking' y LEUCINE         ? 'C6 H13 N O2'    131.173 
LYS 'L-peptide linking' y LYSINE          ? 'C6 H15 N2 O2 1' 147.195 
MET 'L-peptide linking' y METHIONINE      ? 'C5 H11 N O2 S'  149.211 
PHE 'L-peptide linking' y PHENYLALANINE   ? 'C9 H11 N O2'    165.189 
PRO 'L-peptide linking' y PROLINE         ? 'C5 H9 N O2'     115.130 
SER 'L-peptide linking' y SERINE          ? 'C3 H7 N O3'     105.093 
THR 'L-peptide linking' y THREONINE       ? 'C4 H9 N O3'     119.119 
TRP 'L-peptide linking' y TRYPTOPHAN      ? 'C11 H12 N2 O2'  204.225 
TYR 'L-peptide linking' y TYROSINE        ? 'C9 H11 N O3'    181.189 
VAL 'L-peptide linking' y VALINE          ? 'C5 H11 N O2'    117.146 
# 
_exptl.entry_id          1SOR 
_exptl.method            'ELECTRON CRYSTALLOGRAPHY' 
_exptl.crystals_number   131 
# 
_exptl_crystal.id                    1 
_exptl_crystal.density_meas          ? 
_exptl_crystal.density_percent_sol   64.04 
_exptl_crystal.description           ? 
_exptl_crystal.density_Matthews      3.45 
_exptl_crystal.F_000                 ? 
_exptl_crystal.preparation           ? 
# 
_exptl_crystal_grow.crystal_id      1 
_exptl_crystal_grow.method          MICRODIALYSIS 
_exptl_crystal_grow.temp            298.0 
_exptl_crystal_grow.temp_details    ? 
_exptl_crystal_grow.pH              6 
_exptl_crystal_grow.pdbx_details    
'magnesium chloride, sodium chloride, MES, sodium azide, DTT, pH 6, MICRODIALYSIS, temperature 25K' 
_exptl_crystal_grow.pdbx_pH_range   . 
# 
_diffrn.id                     1 
_diffrn.ambient_temp           100 
_diffrn.ambient_temp_details   ? 
_diffrn.crystal_id             1 
# 
_diffrn_detector.diffrn_id              1 
_diffrn_detector.detector               CCD 
_diffrn_detector.type                   'Gatan 2K x 2K' 
_diffrn_detector.pdbx_collection_date   2003-01-28 
_diffrn_detector.details                'crystals tilted to 0, 20, 45, 60 and 70 degrees' 
# 
_diffrn_radiation.diffrn_id                        1 
_diffrn_radiation.wavelength_id                    1 
_diffrn_radiation.pdbx_monochromatic_or_laue_m_l   M 
_diffrn_radiation.monochromator                    ? 
_diffrn_radiation.pdbx_diffrn_protocol             'SINGLE WAVELENGTH' 
_diffrn_radiation.pdbx_scattering_type             electron 
# 
_diffrn_radiation_wavelength.id           1 
_diffrn_radiation_wavelength.wavelength   . 
_diffrn_radiation_wavelength.wt           1.0 
# 
_diffrn_source.diffrn_id                   1 
_diffrn_source.source                      'ELECTRON MICROSCOPE' 
_diffrn_source.type                        'Tecnai T20' 
_diffrn_source.pdbx_synchrotron_site       ? 
_diffrn_source.pdbx_synchrotron_beamline   ? 
_diffrn_source.pdbx_wavelength             ? 
_diffrn_source.pdbx_wavelength_list        ? 
# 
_reflns.entry_id                     1SOR 
_reflns.observed_criterion_sigma_I   ? 
_reflns.observed_criterion_sigma_F   ? 
_reflns.d_resolution_low             30 
_reflns.d_resolution_high            3 
_reflns.number_obs                   6635 
_reflns.number_all                   ? 
_reflns.percent_possible_obs         88 
_reflns.pdbx_Rmerge_I_obs            0.16 
_reflns.pdbx_Rsym_value              ? 
_reflns.pdbx_netI_over_sigmaI        ? 
_reflns.B_iso_Wilson_estimate        ? 
_reflns.pdbx_redundancy              6.7 
_reflns.R_free_details               ? 
_reflns.limit_h_max                  ? 
_reflns.limit_h_min                  ? 
_reflns.limit_k_max                  ? 
_reflns.limit_k_min                  ? 
_reflns.limit_l_max                  ? 
_reflns.limit_l_min                  ? 
_reflns.observed_criterion_F_max     ? 
_reflns.observed_criterion_F_min     ? 
_reflns.pdbx_chi_squared             ? 
_reflns.pdbx_scaling_rejects         ? 
_reflns.pdbx_ordinal                 1 
_reflns.pdbx_diffrn_id               1 
# 
_reflns_shell.d_res_high             3 
_reflns_shell.d_res_low              3.5 
_reflns_shell.percent_possible_all   82 
_reflns_shell.Rmerge_I_obs           0.54 
_reflns_shell.pdbx_Rsym_value        ? 
_reflns_shell.meanI_over_sigI_obs    ? 
_reflns_shell.pdbx_redundancy        4.5 
_reflns_shell.percent_possible_obs   ? 
_reflns_shell.number_unique_all      ? 
_reflns_shell.number_measured_all    ? 
_reflns_shell.number_measured_obs    ? 
_reflns_shell.number_unique_obs      ? 
_reflns_shell.pdbx_chi_squared       ? 
_reflns_shell.pdbx_ordinal           1 
_reflns_shell.pdbx_diffrn_id         1 
# 
_refine.entry_id                                 1SOR 
_refine.ls_number_reflns_obs                     6635 
_refine.ls_number_reflns_all                     6635 
_refine.pdbx_ls_sigma_I                          ? 
_refine.pdbx_ls_sigma_F                          0.0 
_refine.pdbx_data_cutoff_high_absF               2281725.96 
_refine.pdbx_data_cutoff_low_absF                0.000000 
_refine.pdbx_data_cutoff_high_rms_absF           2281725.96 
_refine.ls_d_res_low                             22.25 
_refine.ls_d_res_high                            3.00 
_refine.ls_percent_reflns_obs                    88.2 
_refine.ls_R_factor_obs                          0.299 
_refine.ls_R_factor_all                          0.307 
_refine.ls_R_factor_R_work                       0.299 
_refine.ls_R_factor_R_free                       0.338 
_refine.ls_R_factor_R_free_error                 0.013 
_refine.ls_R_factor_R_free_error_details         ? 
_refine.ls_percent_reflns_R_free                 10.8 
_refine.ls_number_reflns_R_free                  718 
_refine.ls_number_parameters                     ? 
_refine.ls_number_restraints                     ? 
_refine.occupancy_min                            ? 
_refine.occupancy_max                            ? 
_refine.correlation_coeff_Fo_to_Fc               ? 
_refine.correlation_coeff_Fo_to_Fc_free          ? 
_refine.B_iso_mean                               81.8 
_refine.aniso_B[1][1]                            -13.27 
_refine.aniso_B[2][2]                            -13.27 
_refine.aniso_B[3][3]                            26.54 
_refine.aniso_B[1][2]                            0.00 
_refine.aniso_B[1][3]                            0.00 
_refine.aniso_B[2][3]                            0.00 
_refine.solvent_model_details                    'FLAT MODEL' 
_refine.solvent_model_param_ksol                 0.330035 
_refine.solvent_model_param_bsol                 74.19 
_refine.pdbx_solvent_vdw_probe_radii             ? 
_refine.pdbx_solvent_ion_probe_radii             ? 
_refine.pdbx_solvent_shrinkage_radii             ? 
_refine.pdbx_ls_cross_valid_method               THROUGHOUT 
_refine.details                                  ? 
_refine.pdbx_starting_model                      'PDB entry 1J4N' 
_refine.pdbx_method_to_determine_struct          'MOLECULAR REPLACEMENT' 
_refine.pdbx_isotropic_thermal_model             RESTRAINED 
_refine.pdbx_stereochemistry_target_values       'Engh & Huber' 
_refine.pdbx_stereochem_target_val_spec_case     ? 
_refine.pdbx_R_Free_selection_details            RANDOM 
_refine.pdbx_overall_ESU_R                       ? 
_refine.pdbx_overall_ESU_R_Free                  ? 
_refine.overall_SU_ML                            ? 
_refine.overall_SU_B                             ? 
_refine.ls_redundancy_reflns_obs                 ? 
_refine.B_iso_min                                ? 
_refine.B_iso_max                                ? 
_refine.overall_SU_R_Cruickshank_DPI             ? 
_refine.overall_SU_R_free                        ? 
_refine.ls_wR_factor_R_free                      ? 
_refine.ls_wR_factor_R_work                      ? 
_refine.overall_FOM_free_R_set                   ? 
_refine.overall_FOM_work_R_set                   ? 
_refine.pdbx_refine_id                           'ELECTRON CRYSTALLOGRAPHY' 
_refine.pdbx_diffrn_id                           1 
_refine.pdbx_TLS_residual_ADP_flag               ? 
_refine.pdbx_overall_phase_error                 ? 
_refine.pdbx_overall_SU_R_free_Cruickshank_DPI   ? 
_refine.pdbx_overall_SU_R_Blow_DPI               ? 
_refine.pdbx_overall_SU_R_free_Blow_DPI          ? 
# 
_refine_analyze.entry_id                        1SOR 
_refine_analyze.Luzzati_coordinate_error_obs    0.51 
_refine_analyze.Luzzati_sigma_a_obs             0.70 
_refine_analyze.Luzzati_d_res_low_obs           5.00 
_refine_analyze.Luzzati_coordinate_error_free   0.58 
_refine_analyze.Luzzati_sigma_a_free            0.71 
_refine_analyze.Luzzati_d_res_low_free          ? 
_refine_analyze.number_disordered_residues      ? 
_refine_analyze.occupancy_sum_hydrogen          ? 
_refine_analyze.occupancy_sum_non_hydrogen      ? 
_refine_analyze.pdbx_Luzzati_d_res_high_obs     ? 
_refine_analyze.pdbx_refine_id                  'ELECTRON CRYSTALLOGRAPHY' 
# 
_refine_hist.pdbx_refine_id                   'ELECTRON CRYSTALLOGRAPHY' 
_refine_hist.cycle_id                         LAST 
_refine_hist.pdbx_number_atoms_protein        1778 
_refine_hist.pdbx_number_atoms_nucleic_acid   0 
_refine_hist.pdbx_number_atoms_ligand         0 
_refine_hist.number_atoms_solvent             0 
_refine_hist.number_atoms_total               1778 
_refine_hist.d_res_high                       3.00 
_refine_hist.d_res_low                        22.25 
# 
loop_
_refine_ls_restr.type 
_refine_ls_restr.dev_ideal 
_refine_ls_restr.dev_ideal_target 
_refine_ls_restr.weight 
_refine_ls_restr.number 
_refine_ls_restr.pdbx_refine_id 
_refine_ls_restr.pdbx_restraint_function 
c_bond_d           0.005 ?    ? ? 'ELECTRON CRYSTALLOGRAPHY' ? 
c_angle_deg        1.0   ?    ? ? 'ELECTRON CRYSTALLOGRAPHY' ? 
c_dihedral_angle_d 17.4  ?    ? ? 'ELECTRON CRYSTALLOGRAPHY' ? 
c_improper_angle_d 0.80  ?    ? ? 'ELECTRON CRYSTALLOGRAPHY' ? 
c_mcbond_it        1.26  1.50 ? ? 'ELECTRON CRYSTALLOGRAPHY' ? 
c_mcangle_it       2.27  2.00 ? ? 'ELECTRON CRYSTALLOGRAPHY' ? 
c_scbond_it        1.16  2.00 ? ? 'ELECTRON CRYSTALLOGRAPHY' ? 
c_scangle_it       1.94  2.50 ? ? 'ELECTRON CRYSTALLOGRAPHY' ? 
# 
_refine_ls_shell.pdbx_total_number_of_bins_used   6 
_refine_ls_shell.d_res_high                       3.00 
_refine_ls_shell.d_res_low                        3.19 
_refine_ls_shell.number_reflns_R_work             806 
_refine_ls_shell.R_factor_R_work                  0.364 
_refine_ls_shell.percent_reflns_obs               74.0 
_refine_ls_shell.R_factor_R_free                  0.36 
_refine_ls_shell.R_factor_R_free_error            0.038 
_refine_ls_shell.percent_reflns_R_free            9.8 
_refine_ls_shell.number_reflns_R_free             88 
_refine_ls_shell.number_reflns_obs                ? 
_refine_ls_shell.redundancy_reflns_obs            ? 
_refine_ls_shell.number_reflns_all                ? 
_refine_ls_shell.pdbx_refine_id                   'ELECTRON CRYSTALLOGRAPHY' 
_refine_ls_shell.R_factor_all                     ? 
# 
_pdbx_xplor_file.serial_no        1 
_pdbx_xplor_file.param_file       PROTEIN_REP.PARAM 
_pdbx_xplor_file.topol_file       PROTEIN.TOP 
_pdbx_xplor_file.pdbx_refine_id   'ELECTRON CRYSTALLOGRAPHY' 
# 
_struct.entry_id                  1SOR 
_struct.title                     'Aquaporin-0 membrane junctions reveal the structure of a closed water pore' 
_struct.pdbx_model_details        ? 
_struct.pdbx_CASP_flag            ? 
_struct.pdbx_model_type_details   ? 
# 
_struct_keywords.entry_id        1SOR 
_struct_keywords.pdbx_keywords   'MEMBRANE PROTEIN' 
_struct_keywords.text            'membrane junction, water channel, MEMBRANE PROTEIN' 
# 
_struct_asym.id                            A 
_struct_asym.pdbx_blank_PDB_chainid_flag   N 
_struct_asym.pdbx_modified                 N 
_struct_asym.entity_id                     1 
_struct_asym.details                       ? 
# 
loop_
_struct_conf.conf_type_id 
_struct_conf.id 
_struct_conf.pdbx_PDB_helix_id 
_struct_conf.beg_label_comp_id 
_struct_conf.beg_label_asym_id 
_struct_conf.beg_label_seq_id 
_struct_conf.pdbx_beg_PDB_ins_code 
_struct_conf.end_label_comp_id 
_struct_conf.end_label_asym_id 
_struct_conf.end_label_seq_id 
_struct_conf.pdbx_end_PDB_ins_code 
_struct_conf.beg_auth_comp_id 
_struct_conf.beg_auth_asym_id 
_struct_conf.beg_auth_seq_id 
_struct_conf.end_auth_comp_id 
_struct_conf.end_auth_asym_id 
_struct_conf.end_auth_seq_id 
_struct_conf.pdbx_PDB_helix_class 
_struct_conf.details 
_struct_conf.pdbx_PDB_helix_length 
HELX_P HELX_P1  1  ARG A 1   ? LEU A 28  ? ARG A 5   LEU A 32  1 ? 28 
HELX_P HELX_P2  2  HIS A 36  ? SER A 59  ? HIS A 40  SER A 63  1 ? 24 
HELX_P HELX_P3  3  ASN A 64  ? GLY A 74  ? ASN A 68  GLY A 78  1 ? 11 
HELX_P HELX_P4  4  SER A 78  ? THR A 104 ? SER A 82  THR A 108 1 ? 27 
HELX_P HELX_P5  5  SER A 122 ? ASP A 146 ? SER A 126 ASP A 150 1 ? 25 
HELX_P HELX_P6  6  SER A 155 ? GLY A 176 ? SER A 159 GLY A 180 1 ? 22 
HELX_P HELX_P7  7  ASN A 180 ? LEU A 190 ? ASN A 184 LEU A 194 1 ? 11 
HELX_P HELX_P8  8  ASN A 196 ? LEU A 218 ? ASN A 200 LEU A 222 1 ? 23 
HELX_P HELX_P9  9  SER A 225 ? LEU A 230 ? SER A 229 LEU A 234 1 ? 6  
HELX_P HELX_P10 10 SER A 231 ? GLY A 235 ? SER A 235 GLY A 239 5 ? 5  
# 
_struct_conf_type.id          HELX_P 
_struct_conf_type.criteria    ? 
_struct_conf_type.reference   ? 
# 
_atom_sites.entry_id                    1SOR 
_atom_sites.fract_transf_matrix[1][1]   0.00307635 
_atom_sites.fract_transf_matrix[1][2]   0.00844346 
_atom_sites.fract_transf_matrix[1][3]   -0.01234202 
_atom_sites.fract_transf_matrix[2][1]   -0.01162675 
_atom_sites.fract_transf_matrix[2][2]   0.00927462 
_atom_sites.fract_transf_matrix[2][3]   0.00344692 
_atom_sites.fract_transf_matrix[3][1]   0.00384982 
_atom_sites.fract_transf_matrix[3][2]   0.00356350 
_atom_sites.fract_transf_matrix[3][3]   0.00339747 
_atom_sites.fract_transf_vector[1]      -0.224660 
_atom_sites.fract_transf_vector[2]      0.207320 
_atom_sites.fract_transf_vector[3]      0.150479 
# 
loop_
_atom_type.symbol 
C 
N 
O 
S 
# 
loop_
_atom_site.group_PDB 
_atom_site.id 
_atom_site.type_symbol 
_atom_site.label_atom_id 
_atom_site.label_alt_id 
_atom_site.label_comp_id 
_atom_site.label_asym_id 
_atom_site.label_entity_id 
_atom_site.label_seq_id 
_atom_site.pdbx_PDB_ins_code 
_atom_site.Cartn_x 
_atom_site.Cartn_y 
_atom_site.Cartn_z 
_atom_site.occupancy 
_atom_site.B_iso_or_equiv 
_atom_site.pdbx_formal_charge 
_atom_site.auth_seq_id 
_atom_site.auth_comp_id 
_atom_site.auth_asym_id 
_atom_site.auth_atom_id 
_atom_site.pdbx_PDB_model_num 
ATOM 1    N N   . ARG A 1 1   ? 3.352   25.431  12.952  1.00 114.14 ? 5   ARG A N   1 
ATOM 2    C CA  . ARG A 1 1   ? 3.854   24.048  13.184  1.00 114.50 ? 5   ARG A CA  1 
ATOM 3    C C   . ARG A 1 1   ? 2.698   23.057  13.262  1.00 114.76 ? 5   ARG A C   1 
ATOM 4    O O   . ARG A 1 1   ? 2.826   21.905  12.846  1.00 114.81 ? 5   ARG A O   1 
ATOM 5    C CB  . ARG A 1 1   ? 4.670   24.001  14.472  1.00 114.43 ? 5   ARG A CB  1 
ATOM 6    N N   . SER A 1 2   ? 1.573   23.511  13.804  1.00 114.71 ? 6   SER A N   1 
ATOM 7    C CA  . SER A 1 2   ? 0.390   22.668  13.938  1.00 114.40 ? 6   SER A CA  1 
ATOM 8    C C   . SER A 1 2   ? -0.263  22.393  12.586  1.00 113.93 ? 6   SER A C   1 
ATOM 9    O O   . SER A 1 2   ? -0.582  21.249  12.262  1.00 114.10 ? 6   SER A O   1 
ATOM 10   C CB  . SER A 1 2   ? -0.614  23.327  14.881  1.00 114.07 ? 6   SER A CB  1 
ATOM 11   N N   . ALA A 1 3   ? -0.458  23.448  11.799  1.00 113.13 ? 7   ALA A N   1 
ATOM 12   C CA  . ALA A 1 3   ? -1.082  23.322  10.486  1.00 111.43 ? 7   ALA A CA  1 
ATOM 13   C C   . ALA A 1 3   ? -0.219  22.541  9.499   1.00 110.23 ? 7   ALA A C   1 
ATOM 14   O O   . ALA A 1 3   ? -0.742  21.822  8.649   1.00 110.55 ? 7   ALA A O   1 
ATOM 15   C CB  . ALA A 1 3   ? -1.395  24.705  9.925   1.00 111.36 ? 7   ALA A CB  1 
ATOM 16   N N   . SER A 1 4   ? 1.098   22.683  9.615   1.00 108.29 ? 8   SER A N   1 
ATOM 17   C CA  . SER A 1 4   ? 2.029   21.993  8.725   1.00 106.17 ? 8   SER A CA  1 
ATOM 18   C C   . SER A 1 4   ? 1.816   20.483  8.764   1.00 105.05 ? 8   SER A C   1 
ATOM 19   O O   . SER A 1 4   ? 1.991   19.792  7.761   1.00 104.09 ? 8   SER A O   1 
ATOM 20   C CB  . SER A 1 4   ? 3.471   22.319  9.116   1.00 106.20 ? 8   SER A CB  1 
ATOM 21   O OG  . SER A 1 4   ? 4.391   21.704  8.232   1.00 106.05 ? 8   SER A OG  1 
ATOM 22   N N   . PHE A 1 5   ? 1.444   19.979  9.935   1.00 104.41 ? 9   PHE A N   1 
ATOM 23   C CA  . PHE A 1 5   ? 1.182   18.556  10.124  1.00 104.16 ? 9   PHE A CA  1 
ATOM 24   C C   . PHE A 1 5   ? 0.023   18.123  9.231   1.00 103.55 ? 9   PHE A C   1 
ATOM 25   O O   . PHE A 1 5   ? -0.014  16.995  8.738   1.00 103.15 ? 9   PHE A O   1 
ATOM 26   C CB  . PHE A 1 5   ? 0.858   18.286  11.602  1.00 104.69 ? 9   PHE A CB  1 
ATOM 27   C CG  . PHE A 1 5   ? 0.089   17.014  11.847  1.00 105.05 ? 9   PHE A CG  1 
ATOM 28   C CD1 . PHE A 1 5   ? -1.288  16.963  11.630  1.00 105.34 ? 9   PHE A CD1 1 
ATOM 29   C CD2 . PHE A 1 5   ? 0.735   15.874  12.310  1.00 105.32 ? 9   PHE A CD2 1 
ATOM 30   C CE1 . PHE A 1 5   ? -2.008  15.795  11.872  1.00 105.25 ? 9   PHE A CE1 1 
ATOM 31   C CE2 . PHE A 1 5   ? 0.023   14.701  12.556  1.00 106.18 ? 9   PHE A CE2 1 
ATOM 32   C CZ  . PHE A 1 5   ? -1.352  14.661  12.336  1.00 105.50 ? 9   PHE A CZ  1 
ATOM 33   N N   . TRP A 1 6   ? -0.923  19.033  9.035   1.00 102.74 ? 10  TRP A N   1 
ATOM 34   C CA  . TRP A 1 6   ? -2.098  18.765  8.222   1.00 101.58 ? 10  TRP A CA  1 
ATOM 35   C C   . TRP A 1 6   ? -1.807  18.600  6.731   1.00 100.32 ? 10  TRP A C   1 
ATOM 36   O O   . TRP A 1 6   ? -2.474  17.816  6.058   1.00 101.22 ? 10  TRP A O   1 
ATOM 37   C CB  . TRP A 1 6   ? -3.129  19.876  8.432   1.00 102.14 ? 10  TRP A CB  1 
ATOM 38   C CG  . TRP A 1 6   ? -4.498  19.361  8.749   1.00 103.09 ? 10  TRP A CG  1 
ATOM 39   C CD1 . TRP A 1 6   ? -4.830  18.463  9.723   1.00 102.40 ? 10  TRP A CD1 1 
ATOM 40   C CD2 . TRP A 1 6   ? -5.723  19.720  8.100   1.00 103.76 ? 10  TRP A CD2 1 
ATOM 41   N NE1 . TRP A 1 6   ? -6.185  18.239  9.721   1.00 102.44 ? 10  TRP A NE1 1 
ATOM 42   C CE2 . TRP A 1 6   ? -6.759  18.999  8.735   1.00 103.80 ? 10  TRP A CE2 1 
ATOM 43   C CE3 . TRP A 1 6   ? -6.048  20.584  7.042   1.00 103.32 ? 10  TRP A CE3 1 
ATOM 44   C CZ2 . TRP A 1 6   ? -8.101  19.114  8.347   1.00 103.71 ? 10  TRP A CZ2 1 
ATOM 45   C CZ3 . TRP A 1 6   ? -7.383  20.698  6.656   1.00 102.72 ? 10  TRP A CZ3 1 
ATOM 46   C CH2 . TRP A 1 6   ? -8.392  19.964  7.309   1.00 103.05 ? 10  TRP A CH2 1 
ATOM 47   N N   . ARG A 1 7   ? -0.823  19.331  6.211   1.00 98.68  ? 11  ARG A N   1 
ATOM 48   C CA  . ARG A 1 7   ? -0.488  19.229  4.789   1.00 96.94  ? 11  ARG A CA  1 
ATOM 49   C C   . ARG A 1 7   ? -0.069  17.804  4.451   1.00 95.45  ? 11  ARG A C   1 
ATOM 50   O O   . ARG A 1 7   ? -0.359  17.302  3.366   1.00 95.14  ? 11  ARG A O   1 
ATOM 51   C CB  . ARG A 1 7   ? 0.648   20.190  4.414   1.00 97.42  ? 11  ARG A CB  1 
ATOM 52   C CG  . ARG A 1 7   ? 2.036   19.713  4.807   1.00 97.52  ? 11  ARG A CG  1 
ATOM 53   C CD  . ARG A 1 7   ? 3.122   20.581  4.191   1.00 99.31  ? 11  ARG A CD  1 
ATOM 54   N NE  . ARG A 1 7   ? 3.046   21.970  4.640   1.00 101.23 ? 11  ARG A NE  1 
ATOM 55   C CZ  . ARG A 1 7   ? 3.939   22.906  4.332   1.00 101.91 ? 11  ARG A CZ  1 
ATOM 56   N NH1 . ARG A 1 7   ? 4.983   22.604  3.572   1.00 102.79 ? 11  ARG A NH1 1 
ATOM 57   N NH2 . ARG A 1 7   ? 3.790   24.143  4.789   1.00 101.52 ? 11  ARG A NH2 1 
ATOM 58   N N   . ALA A 1 8   ? 0.623   17.163  5.388   1.00 94.08  ? 12  ALA A N   1 
ATOM 59   C CA  . ALA A 1 8   ? 1.079   15.790  5.212   1.00 92.08  ? 12  ALA A CA  1 
ATOM 60   C C   . ALA A 1 8   ? -0.127  14.891  4.958   1.00 91.09  ? 12  ALA A C   1 
ATOM 61   O O   . ALA A 1 8   ? -0.040  13.910  4.218   1.00 91.38  ? 12  ALA A O   1 
ATOM 62   C CB  . ALA A 1 8   ? 1.826   15.325  6.454   1.00 91.34  ? 12  ALA A CB  1 
ATOM 63   N N   . ILE A 1 9   ? -1.249  15.233  5.584   1.00 89.42  ? 13  ILE A N   1 
ATOM 64   C CA  . ILE A 1 9   ? -2.482  14.471  5.427   1.00 87.93  ? 13  ILE A CA  1 
ATOM 65   C C   . ILE A 1 9   ? -2.984  14.607  3.994   1.00 87.30  ? 13  ILE A C   1 
ATOM 66   O O   . ILE A 1 9   ? -3.581  13.679  3.447   1.00 87.06  ? 13  ILE A O   1 
ATOM 67   C CB  . ILE A 1 9   ? -3.577  14.972  6.384   1.00 88.41  ? 13  ILE A CB  1 
ATOM 68   C CG1 . ILE A 1 9   ? -3.010  15.110  7.799   1.00 88.57  ? 13  ILE A CG1 1 
ATOM 69   C CG2 . ILE A 1 9   ? -4.751  14.002  6.379   1.00 88.32  ? 13  ILE A CG2 1 
ATOM 70   C CD1 . ILE A 1 9   ? -2.423  13.831  8.357   1.00 89.69  ? 13  ILE A CD1 1 
ATOM 71   N N   . PHE A 1 10  ? -2.756  15.779  3.403   1.00 87.07  ? 14  PHE A N   1 
ATOM 72   C CA  . PHE A 1 10  ? -3.155  16.047  2.022   1.00 86.37  ? 14  PHE A CA  1 
ATOM 73   C C   . PHE A 1 10  ? -2.268  15.259  1.062   1.00 84.95  ? 14  PHE A C   1 
ATOM 74   O O   . PHE A 1 10  ? -2.747  14.663  0.095   1.00 84.40  ? 14  PHE A O   1 
ATOM 75   C CB  . PHE A 1 10  ? -3.045  17.544  1.716   1.00 86.75  ? 14  PHE A CB  1 
ATOM 76   C CG  . PHE A 1 10  ? -4.163  18.372  2.293   1.00 88.27  ? 14  PHE A CG  1 
ATOM 77   C CD1 . PHE A 1 10  ? -4.153  19.760  2.164   1.00 89.74  ? 14  PHE A CD1 1 
ATOM 78   C CD2 . PHE A 1 10  ? -5.237  17.771  2.945   1.00 88.37  ? 14  PHE A CD2 1 
ATOM 79   C CE1 . PHE A 1 10  ? -5.194  20.538  2.675   1.00 89.90  ? 14  PHE A CE1 1 
ATOM 80   C CE2 . PHE A 1 10  ? -6.284  18.537  3.460   1.00 89.34  ? 14  PHE A CE2 1 
ATOM 81   C CZ  . PHE A 1 10  ? -6.262  19.924  3.324   1.00 89.77  ? 14  PHE A CZ  1 
ATOM 82   N N   . ALA A 1 11  ? -0.967  15.261  1.341   1.00 82.76  ? 15  ALA A N   1 
ATOM 83   C CA  . ALA A 1 11  ? -0.007  14.543  0.515   1.00 80.32  ? 15  ALA A CA  1 
ATOM 84   C C   . ALA A 1 11  ? -0.425  13.083  0.463   1.00 78.57  ? 15  ALA A C   1 
ATOM 85   O O   . ALA A 1 11  ? -0.385  12.448  -0.588  1.00 78.25  ? 15  ALA A O   1 
ATOM 86   C CB  . ALA A 1 11  ? 1.388   14.668  1.111   1.00 80.42  ? 15  ALA A CB  1 
ATOM 87   N N   . GLU A 1 12  ? -0.829  12.560  1.614   1.00 76.61  ? 16  GLU A N   1 
ATOM 88   C CA  . GLU A 1 12  ? -1.263  11.179  1.717   1.00 74.96  ? 16  GLU A CA  1 
ATOM 89   C C   . GLU A 1 12  ? -2.614  10.956  1.039   1.00 74.36  ? 16  GLU A C   1 
ATOM 90   O O   . GLU A 1 12  ? -2.865  9.882   0.491   1.00 75.71  ? 16  GLU A O   1 
ATOM 91   C CB  . GLU A 1 12  ? -1.325  10.761  3.186   1.00 74.57  ? 16  GLU A CB  1 
ATOM 92   C CG  . GLU A 1 12  ? -0.674  9.415   3.453   1.00 76.92  ? 16  GLU A CG  1 
ATOM 93   C CD  . GLU A 1 12  ? 0.791   9.374   3.039   1.00 78.68  ? 16  GLU A CD  1 
ATOM 94   O OE1 . GLU A 1 12  ? 1.390   8.281   3.088   1.00 78.91  ? 16  GLU A OE1 1 
ATOM 95   O OE2 . GLU A 1 12  ? 1.347   10.431  2.666   1.00 80.08  ? 16  GLU A OE2 1 
ATOM 96   N N   . PHE A 1 13  ? -3.486  11.963  1.091   1.00 72.92  ? 17  PHE A N   1 
ATOM 97   C CA  . PHE A 1 13  ? -4.804  11.868  0.462   1.00 69.32  ? 17  PHE A CA  1 
ATOM 98   C C   . PHE A 1 13  ? -4.692  11.908  -1.055  1.00 68.50  ? 17  PHE A C   1 
ATOM 99   O O   . PHE A 1 13  ? -5.301  11.098  -1.756  1.00 68.52  ? 17  PHE A O   1 
ATOM 100  C CB  . PHE A 1 13  ? -5.719  13.004  0.932   1.00 66.70  ? 17  PHE A CB  1 
ATOM 101  C CG  . PHE A 1 13  ? -6.994  13.123  0.135   1.00 63.10  ? 17  PHE A CG  1 
ATOM 102  C CD1 . PHE A 1 13  ? -7.055  13.935  -0.994  1.00 60.50  ? 17  PHE A CD1 1 
ATOM 103  C CD2 . PHE A 1 13  ? -8.126  12.396  0.495   1.00 62.16  ? 17  PHE A CD2 1 
ATOM 104  C CE1 . PHE A 1 13  ? -8.218  14.019  -1.752  1.00 57.87  ? 17  PHE A CE1 1 
ATOM 105  C CE2 . PHE A 1 13  ? -9.293  12.474  -0.259  1.00 59.28  ? 17  PHE A CE2 1 
ATOM 106  C CZ  . PHE A 1 13  ? -9.337  13.287  -1.383  1.00 57.27  ? 17  PHE A CZ  1 
ATOM 107  N N   . PHE A 1 14  ? -3.924  12.863  -1.560  1.00 67.61  ? 18  PHE A N   1 
ATOM 108  C CA  . PHE A 1 14  ? -3.743  12.983  -2.995  1.00 69.06  ? 18  PHE A CA  1 
ATOM 109  C C   . PHE A 1 14  ? -2.943  11.801  -3.532  1.00 68.86  ? 18  PHE A C   1 
ATOM 110  O O   . PHE A 1 14  ? -3.280  11.236  -4.573  1.00 70.41  ? 18  PHE A O   1 
ATOM 111  C CB  . PHE A 1 14  ? -3.028  14.292  -3.338  1.00 70.29  ? 18  PHE A CB  1 
ATOM 112  C CG  . PHE A 1 14  ? -3.822  15.521  -2.998  1.00 71.20  ? 18  PHE A CG  1 
ATOM 113  C CD1 . PHE A 1 14  ? -5.101  15.700  -3.516  1.00 71.18  ? 18  PHE A CD1 1 
ATOM 114  C CD2 . PHE A 1 14  ? -3.294  16.496  -2.155  1.00 71.45  ? 18  PHE A CD2 1 
ATOM 115  C CE1 . PHE A 1 14  ? -5.846  16.831  -3.199  1.00 71.10  ? 18  PHE A CE1 1 
ATOM 116  C CE2 . PHE A 1 14  ? -4.030  17.631  -1.830  1.00 70.63  ? 18  PHE A CE2 1 
ATOM 117  C CZ  . PHE A 1 14  ? -5.309  17.799  -2.354  1.00 70.98  ? 18  PHE A CZ  1 
ATOM 118  N N   . ALA A 1 15  ? -1.891  11.420  -2.814  1.00 66.74  ? 19  ALA A N   1 
ATOM 119  C CA  . ALA A 1 15  ? -1.050  10.311  -3.243  1.00 64.02  ? 19  ALA A CA  1 
ATOM 120  C C   . ALA A 1 15  ? -1.854  9.036   -3.426  1.00 62.56  ? 19  ALA A C   1 
ATOM 121  O O   . ALA A 1 15  ? -1.744  8.370   -4.451  1.00 63.31  ? 19  ALA A O   1 
ATOM 122  C CB  . ALA A 1 15  ? 0.056   10.078  -2.232  1.00 63.61  ? 19  ALA A CB  1 
ATOM 123  N N   . THR A 1 16  ? -2.674  8.704   -2.438  1.00 61.33  ? 20  THR A N   1 
ATOM 124  C CA  . THR A 1 16  ? -3.482  7.497   -2.510  1.00 62.15  ? 20  THR A CA  1 
ATOM 125  C C   . THR A 1 16  ? -4.565  7.629   -3.566  1.00 62.64  ? 20  THR A C   1 
ATOM 126  O O   . THR A 1 16  ? -4.862  6.673   -4.285  1.00 62.57  ? 20  THR A O   1 
ATOM 127  C CB  . THR A 1 16  ? -4.151  7.185   -1.159  1.00 62.23  ? 20  THR A CB  1 
ATOM 128  O OG1 . THR A 1 16  ? -3.143  6.864   -0.191  1.00 63.42  ? 20  THR A OG1 1 
ATOM 129  C CG2 . THR A 1 16  ? -5.111  6.010   -1.298  1.00 61.08  ? 20  THR A CG2 1 
ATOM 130  N N   . LEU A 1 17  ? -5.153  8.815   -3.660  1.00 63.20  ? 21  LEU A N   1 
ATOM 131  C CA  . LEU A 1 17  ? -6.201  9.042   -4.639  1.00 64.36  ? 21  LEU A CA  1 
ATOM 132  C C   . LEU A 1 17  ? -5.631  8.716   -6.014  1.00 66.30  ? 21  LEU A C   1 
ATOM 133  O O   . LEU A 1 17  ? -6.238  7.975   -6.787  1.00 68.98  ? 21  LEU A O   1 
ATOM 134  C CB  . LEU A 1 17  ? -6.664  10.502  -4.588  1.00 62.54  ? 21  LEU A CB  1 
ATOM 135  C CG  . LEU A 1 17  ? -7.937  10.889  -5.351  1.00 60.25  ? 21  LEU A CG  1 
ATOM 136  C CD1 . LEU A 1 17  ? -8.339  12.293  -4.943  1.00 57.64  ? 21  LEU A CD1 1 
ATOM 137  C CD2 . LEU A 1 17  ? -7.725  10.805  -6.852  1.00 57.00  ? 21  LEU A CD2 1 
ATOM 138  N N   . PHE A 1 18  ? -4.449  9.247   -6.304  1.00 66.01  ? 22  PHE A N   1 
ATOM 139  C CA  . PHE A 1 18  ? -3.814  8.995   -7.587  1.00 65.77  ? 22  PHE A CA  1 
ATOM 140  C C   . PHE A 1 18  ? -3.419  7.535   -7.703  1.00 64.46  ? 22  PHE A C   1 
ATOM 141  O O   . PHE A 1 18  ? -3.567  6.926   -8.760  1.00 66.25  ? 22  PHE A O   1 
ATOM 142  C CB  . PHE A 1 18  ? -2.577  9.883   -7.763  1.00 67.73  ? 22  PHE A CB  1 
ATOM 143  C CG  . PHE A 1 18  ? -2.901  11.317  -8.091  1.00 70.78  ? 22  PHE A CG  1 
ATOM 144  C CD1 . PHE A 1 18  ? -3.660  11.632  -9.215  1.00 70.70  ? 22  PHE A CD1 1 
ATOM 145  C CD2 . PHE A 1 18  ? -2.446  12.354  -7.278  1.00 71.60  ? 22  PHE A CD2 1 
ATOM 146  C CE1 . PHE A 1 18  ? -3.961  12.957  -9.526  1.00 72.18  ? 22  PHE A CE1 1 
ATOM 147  C CE2 . PHE A 1 18  ? -2.743  13.684  -7.581  1.00 71.69  ? 22  PHE A CE2 1 
ATOM 148  C CZ  . PHE A 1 18  ? -3.502  13.985  -8.707  1.00 72.35  ? 22  PHE A CZ  1 
ATOM 149  N N   . TYR A 1 19  ? -2.937  6.969   -6.603  1.00 62.96  ? 23  TYR A N   1 
ATOM 150  C CA  . TYR A 1 19  ? -2.506  5.577   -6.591  1.00 60.91  ? 23  TYR A CA  1 
ATOM 151  C C   . TYR A 1 19  ? -3.617  4.636   -7.023  1.00 58.37  ? 23  TYR A C   1 
ATOM 152  O O   . TYR A 1 19  ? -3.411  3.759   -7.856  1.00 58.08  ? 23  TYR A O   1 
ATOM 153  C CB  . TYR A 1 19  ? -2.038  5.186   -5.190  1.00 61.95  ? 23  TYR A CB  1 
ATOM 154  C CG  . TYR A 1 19  ? -1.656  3.731   -5.062  1.00 63.67  ? 23  TYR A CG  1 
ATOM 155  C CD1 . TYR A 1 19  ? -0.538  3.222   -5.721  1.00 64.27  ? 23  TYR A CD1 1 
ATOM 156  C CD2 . TYR A 1 19  ? -2.412  2.864   -4.278  1.00 64.08  ? 23  TYR A CD2 1 
ATOM 157  C CE1 . TYR A 1 19  ? -0.180  1.884   -5.600  1.00 65.91  ? 23  TYR A CE1 1 
ATOM 158  C CE2 . TYR A 1 19  ? -2.064  1.525   -4.149  1.00 65.84  ? 23  TYR A CE2 1 
ATOM 159  C CZ  . TYR A 1 19  ? -0.948  1.041   -4.810  1.00 67.12  ? 23  TYR A CZ  1 
ATOM 160  O OH  . TYR A 1 19  ? -0.598  -0.284  -4.675  1.00 70.23  ? 23  TYR A OH  1 
ATOM 161  N N   . VAL A 1 20  ? -4.797  4.813   -6.448  1.00 57.25  ? 24  VAL A N   1 
ATOM 162  C CA  . VAL A 1 20  ? -5.927  3.967   -6.788  1.00 56.37  ? 24  VAL A CA  1 
ATOM 163  C C   . VAL A 1 20  ? -6.474  4.248   -8.179  1.00 56.95  ? 24  VAL A C   1 
ATOM 164  O O   . VAL A 1 20  ? -6.920  3.334   -8.867  1.00 57.23  ? 24  VAL A O   1 
ATOM 165  C CB  . VAL A 1 20  ? -7.061  4.117   -5.758  1.00 55.65  ? 24  VAL A CB  1 
ATOM 166  C CG1 . VAL A 1 20  ? -8.293  3.347   -6.215  1.00 53.87  ? 24  VAL A CG1 1 
ATOM 167  C CG2 . VAL A 1 20  ? -6.587  3.601   -4.406  1.00 54.92  ? 24  VAL A CG2 1 
ATOM 168  N N   . PHE A 1 21  ? -6.434  5.510   -8.597  1.00 57.55  ? 25  PHE A N   1 
ATOM 169  C CA  . PHE A 1 21  ? -6.956  5.877   -9.908  1.00 56.97  ? 25  PHE A CA  1 
ATOM 170  C C   . PHE A 1 21  ? -6.158  5.269   -11.058 1.00 57.35  ? 25  PHE A C   1 
ATOM 171  O O   . PHE A 1 21  ? -6.730  4.698   -11.984 1.00 58.97  ? 25  PHE A O   1 
ATOM 172  C CB  . PHE A 1 21  ? -6.971  7.396   -10.070 1.00 56.82  ? 25  PHE A CB  1 
ATOM 173  C CG  . PHE A 1 21  ? -7.482  7.849   -11.406 1.00 56.49  ? 25  PHE A CG  1 
ATOM 174  C CD1 . PHE A 1 21  ? -8.835  7.786   -11.701 1.00 57.47  ? 25  PHE A CD1 1 
ATOM 175  C CD2 . PHE A 1 21  ? -6.605  8.294   -12.385 1.00 55.85  ? 25  PHE A CD2 1 
ATOM 176  C CE1 . PHE A 1 21  ? -9.310  8.156   -12.955 1.00 56.90  ? 25  PHE A CE1 1 
ATOM 177  C CE2 . PHE A 1 21  ? -7.070  8.664   -13.642 1.00 55.92  ? 25  PHE A CE2 1 
ATOM 178  C CZ  . PHE A 1 21  ? -8.424  8.594   -13.927 1.00 55.01  ? 25  PHE A CZ  1 
ATOM 179  N N   . PHE A 1 22  ? -4.839  5.400   -11.003 1.00 56.35  ? 26  PHE A N   1 
ATOM 180  C CA  . PHE A 1 22  ? -3.993  4.860   -12.055 1.00 56.64  ? 26  PHE A CA  1 
ATOM 181  C C   . PHE A 1 22  ? -3.884  3.338   -12.078 1.00 57.44  ? 26  PHE A C   1 
ATOM 182  O O   . PHE A 1 22  ? -4.072  2.714   -13.118 1.00 58.24  ? 26  PHE A O   1 
ATOM 183  C CB  . PHE A 1 22  ? -2.595  5.471   -11.955 1.00 57.28  ? 26  PHE A CB  1 
ATOM 184  C CG  . PHE A 1 22  ? -2.530  6.902   -12.406 1.00 60.17  ? 26  PHE A CG  1 
ATOM 185  C CD1 . PHE A 1 22  ? -2.753  7.233   -13.741 1.00 58.64  ? 26  PHE A CD1 1 
ATOM 186  C CD2 . PHE A 1 22  ? -2.264  7.923   -11.496 1.00 61.17  ? 26  PHE A CD2 1 
ATOM 187  C CE1 . PHE A 1 22  ? -2.714  8.559   -14.165 1.00 59.16  ? 26  PHE A CE1 1 
ATOM 188  C CE2 . PHE A 1 22  ? -2.222  9.255   -11.912 1.00 61.02  ? 26  PHE A CE2 1 
ATOM 189  C CZ  . PHE A 1 22  ? -2.449  9.572   -13.250 1.00 60.40  ? 26  PHE A CZ  1 
ATOM 190  N N   . GLY A 1 23  ? -3.610  2.736   -10.926 1.00 58.32  ? 27  GLY A N   1 
ATOM 191  C CA  . GLY A 1 23  ? -3.457  1.294   -10.887 1.00 58.34  ? 27  GLY A CA  1 
ATOM 192  C C   . GLY A 1 23  ? -4.745  0.524   -11.076 1.00 58.69  ? 27  GLY A C   1 
ATOM 193  O O   . GLY A 1 23  ? -4.811  -0.397  -11.893 1.00 58.59  ? 27  GLY A O   1 
ATOM 194  N N   . LEU A 1 24  ? -5.778  0.908   -10.335 1.00 58.71  ? 28  LEU A N   1 
ATOM 195  C CA  . LEU A 1 24  ? -7.064  0.239   -10.442 1.00 59.04  ? 28  LEU A CA  1 
ATOM 196  C C   . LEU A 1 24  ? -7.596  0.502   -11.842 1.00 59.08  ? 28  LEU A C   1 
ATOM 197  O O   . LEU A 1 24  ? -8.284  -0.334  -12.421 1.00 59.64  ? 28  LEU A O   1 
ATOM 198  C CB  . LEU A 1 24  ? -8.039  0.773   -9.396  1.00 60.97  ? 28  LEU A CB  1 
ATOM 199  C CG  . LEU A 1 24  ? -9.194  -0.168  -9.047  1.00 62.89  ? 28  LEU A CG  1 
ATOM 200  C CD1 . LEU A 1 24  ? -8.629  -1.461  -8.476  1.00 60.75  ? 28  LEU A CD1 1 
ATOM 201  C CD2 . LEU A 1 24  ? -10.123 0.498   -8.040  1.00 63.47  ? 28  LEU A CD2 1 
ATOM 202  N N   . GLY A 1 25  ? -7.284  1.684   -12.370 1.00 58.45  ? 29  GLY A N   1 
ATOM 203  C CA  . GLY A 1 25  ? -7.717  2.042   -13.707 1.00 57.64  ? 29  GLY A CA  1 
ATOM 204  C C   . GLY A 1 25  ? -7.055  1.136   -14.724 1.00 58.11  ? 29  GLY A C   1 
ATOM 205  O O   . GLY A 1 25  ? -7.642  0.799   -15.751 1.00 58.05  ? 29  GLY A O   1 
ATOM 206  N N   . ALA A 1 26  ? -5.820  0.742   -14.426 1.00 59.91  ? 30  ALA A N   1 
ATOM 207  C CA  . ALA A 1 26  ? -5.037  -0.135  -15.293 1.00 61.02  ? 30  ALA A CA  1 
ATOM 208  C C   . ALA A 1 26  ? -5.638  -1.529  -15.379 1.00 61.69  ? 30  ALA A C   1 
ATOM 209  O O   . ALA A 1 26  ? -5.549  -2.191  -16.409 1.00 61.25  ? 30  ALA A O   1 
ATOM 210  C CB  . ALA A 1 26  ? -3.604  -0.223  -14.786 1.00 60.56  ? 30  ALA A CB  1 
ATOM 211  N N   . SER A 1 27  ? -6.235  -1.980  -14.285 1.00 63.57  ? 31  SER A N   1 
ATOM 212  C CA  . SER A 1 27  ? -6.835  -3.303  -14.239 1.00 67.75  ? 31  SER A CA  1 
ATOM 213  C C   . SER A 1 27  ? -8.034  -3.472  -15.165 1.00 71.28  ? 31  SER A C   1 
ATOM 214  O O   . SER A 1 27  ? -8.200  -4.532  -15.767 1.00 72.07  ? 31  SER A O   1 
ATOM 215  C CB  . SER A 1 27  ? -7.254  -3.633  -12.809 1.00 67.60  ? 31  SER A CB  1 
ATOM 216  O OG  . SER A 1 27  ? -6.150  -3.538  -11.926 1.00 69.33  ? 31  SER A OG  1 
ATOM 217  N N   . LEU A 1 28  ? -8.860  -2.433  -15.277 1.00 75.96  ? 32  LEU A N   1 
ATOM 218  C CA  . LEU A 1 28  ? -10.062 -2.475  -16.112 1.00 80.14  ? 32  LEU A CA  1 
ATOM 219  C C   . LEU A 1 28  ? -10.035 -3.560  -17.182 1.00 83.48  ? 32  LEU A C   1 
ATOM 220  O O   . LEU A 1 28  ? -9.127  -3.620  -18.010 1.00 82.37  ? 32  LEU A O   1 
ATOM 221  C CB  . LEU A 1 28  ? -10.323 -1.107  -16.742 1.00 79.95  ? 32  LEU A CB  1 
ATOM 222  C CG  . LEU A 1 28  ? -11.099 -0.136  -15.841 1.00 80.98  ? 32  LEU A CG  1 
ATOM 223  C CD1 . LEU A 1 28  ? -12.493 -0.690  -15.567 1.00 80.23  ? 32  LEU A CD1 1 
ATOM 224  C CD2 . LEU A 1 28  ? -10.352 0.081   -14.534 1.00 80.10  ? 32  LEU A CD2 1 
ATOM 225  N N   . ARG A 1 29  ? -11.053 -4.413  -17.145 1.00 88.95  ? 33  ARG A N   1 
ATOM 226  C CA  . ARG A 1 29  ? -11.180 -5.548  -18.051 1.00 94.56  ? 33  ARG A CA  1 
ATOM 227  C C   . ARG A 1 29  ? -11.363 -5.232  -19.529 1.00 97.07  ? 33  ARG A C   1 
ATOM 228  O O   . ARG A 1 29  ? -12.472 -4.966  -19.994 1.00 97.47  ? 33  ARG A O   1 
ATOM 229  C CB  . ARG A 1 29  ? -12.317 -6.453  -17.568 1.00 97.16  ? 33  ARG A CB  1 
ATOM 230  C CG  . ARG A 1 29  ? -12.201 -6.801  -16.091 1.00 100.06 ? 33  ARG A CG  1 
ATOM 231  C CD  . ARG A 1 29  ? -13.055 -7.986  -15.704 1.00 102.51 ? 33  ARG A CD  1 
ATOM 232  N NE  . ARG A 1 29  ? -12.833 -8.357  -14.309 1.00 105.14 ? 33  ARG A NE  1 
ATOM 233  C CZ  . ARG A 1 29  ? -13.206 -9.514  -13.769 1.00 106.52 ? 33  ARG A CZ  1 
ATOM 234  N NH1 . ARG A 1 29  ? -13.825 -10.427 -14.509 1.00 106.61 ? 33  ARG A NH1 1 
ATOM 235  N NH2 . ARG A 1 29  ? -12.955 -9.761  -12.490 1.00 106.48 ? 33  ARG A NH2 1 
ATOM 236  N N   . TRP A 1 30  ? -10.254 -5.278  -20.259 1.00 99.97  ? 34  TRP A N   1 
ATOM 237  C CA  . TRP A 1 30  ? -10.236 -5.029  -21.695 1.00 102.29 ? 34  TRP A CA  1 
ATOM 238  C C   . TRP A 1 30  ? -8.994  -5.699  -22.264 1.00 103.80 ? 34  TRP A C   1 
ATOM 239  O O   . TRP A 1 30  ? -8.506  -5.331  -23.333 1.00 104.60 ? 34  TRP A O   1 
ATOM 240  C CB  . TRP A 1 30  ? -10.199 -3.526  -21.989 1.00 102.41 ? 34  TRP A CB  1 
ATOM 241  C CG  . TRP A 1 30  ? -9.207  -2.755  -21.164 1.00 103.53 ? 34  TRP A CG  1 
ATOM 242  C CD1 . TRP A 1 30  ? -7.960  -3.160  -20.780 1.00 103.49 ? 34  TRP A CD1 1 
ATOM 243  C CD2 . TRP A 1 30  ? -9.374  -1.430  -20.644 1.00 103.70 ? 34  TRP A CD2 1 
ATOM 244  N NE1 . TRP A 1 30  ? -7.341  -2.171  -20.053 1.00 104.12 ? 34  TRP A NE1 1 
ATOM 245  C CE2 . TRP A 1 30  ? -8.188  -1.098  -19.955 1.00 104.04 ? 34  TRP A CE2 1 
ATOM 246  C CE3 . TRP A 1 30  ? -10.411 -0.490  -20.696 1.00 103.76 ? 34  TRP A CE3 1 
ATOM 247  C CZ2 . TRP A 1 30  ? -8.011  0.135   -19.318 1.00 104.22 ? 34  TRP A CZ2 1 
ATOM 248  C CZ3 . TRP A 1 30  ? -10.234 0.736   -20.062 1.00 103.89 ? 34  TRP A CZ3 1 
ATOM 249  C CH2 . TRP A 1 30  ? -9.042  1.036   -19.383 1.00 103.86 ? 34  TRP A CH2 1 
ATOM 250  N N   . ALA A 1 31  ? -8.491  -6.690  -21.535 1.00 105.42 ? 35  ALA A N   1 
ATOM 251  C CA  . ALA A 1 31  ? -7.297  -7.416  -21.935 1.00 106.64 ? 35  ALA A CA  1 
ATOM 252  C C   . ALA A 1 31  ? -7.504  -8.814  -22.524 1.00 107.60 ? 35  ALA A C   1 
ATOM 253  O O   . ALA A 1 31  ? -6.585  -9.349  -23.137 1.00 107.79 ? 35  ALA A O   1 
ATOM 254  C CB  . ALA A 1 31  ? -6.340  -7.500  -20.760 1.00 106.59 ? 35  ALA A CB  1 
ATOM 255  N N   . PRO A 1 32  ? -8.699  -9.423  -22.349 1.00 108.78 ? 36  PRO A N   1 
ATOM 256  C CA  . PRO A 1 32  ? -8.953  -10.765 -22.892 1.00 109.66 ? 36  PRO A CA  1 
ATOM 257  C C   . PRO A 1 32  ? -8.193  -11.072 -24.179 1.00 110.33 ? 36  PRO A C   1 
ATOM 258  O O   . PRO A 1 32  ? -8.730  -10.973 -25.283 1.00 111.32 ? 36  PRO A O   1 
ATOM 259  C CB  . PRO A 1 32  ? -10.462 -10.766 -23.078 1.00 109.53 ? 36  PRO A CB  1 
ATOM 260  C CG  . PRO A 1 32  ? -10.909 -10.037 -21.857 1.00 109.86 ? 36  PRO A CG  1 
ATOM 261  C CD  . PRO A 1 32  ? -9.940  -8.863  -21.779 1.00 109.39 ? 36  PRO A CD  1 
ATOM 262  N N   . GLY A 1 33  ? -6.938  -11.461 -24.005 1.00 110.40 ? 37  GLY A N   1 
ATOM 263  C CA  . GLY A 1 33  ? -6.052  -11.771 -25.109 1.00 110.32 ? 37  GLY A CA  1 
ATOM 264  C C   . GLY A 1 33  ? -4.677  -11.787 -24.478 1.00 110.37 ? 37  GLY A C   1 
ATOM 265  O O   . GLY A 1 33  ? -4.211  -12.836 -24.038 1.00 110.33 ? 37  GLY A O   1 
ATOM 266  N N   . PRO A 1 34  ? -3.992  -10.637 -24.419 1.00 110.28 ? 38  PRO A N   1 
ATOM 267  C CA  . PRO A 1 34  ? -2.664  -10.633 -23.799 1.00 109.55 ? 38  PRO A CA  1 
ATOM 268  C C   . PRO A 1 34  ? -2.887  -10.831 -22.303 1.00 108.29 ? 38  PRO A C   1 
ATOM 269  O O   . PRO A 1 34  ? -4.015  -10.705 -21.829 1.00 109.17 ? 38  PRO A O   1 
ATOM 270  C CB  . PRO A 1 34  ? -2.137  -9.237  -24.119 1.00 109.90 ? 38  PRO A CB  1 
ATOM 271  C CG  . PRO A 1 34  ? -2.849  -8.889  -25.402 1.00 111.20 ? 38  PRO A CG  1 
ATOM 272  C CD  . PRO A 1 34  ? -4.248  -9.368  -25.120 1.00 110.63 ? 38  PRO A CD  1 
ATOM 273  N N   . LEU A 1 35  ? -1.837  -11.144 -21.557 1.00 106.18 ? 39  LEU A N   1 
ATOM 274  C CA  . LEU A 1 35  ? -1.999  -11.337 -20.122 1.00 104.13 ? 39  LEU A CA  1 
ATOM 275  C C   . LEU A 1 35  ? -1.681  -10.025 -19.414 1.00 102.44 ? 39  LEU A C   1 
ATOM 276  O O   . LEU A 1 35  ? -0.563  -9.801  -18.950 1.00 102.58 ? 39  LEU A O   1 
ATOM 277  C CB  . LEU A 1 35  ? -1.083  -12.458 -19.631 1.00 103.99 ? 39  LEU A CB  1 
ATOM 278  C CG  . LEU A 1 35  ? -1.628  -13.299 -18.474 1.00 103.84 ? 39  LEU A CG  1 
ATOM 279  C CD1 . LEU A 1 35  ? -3.050  -13.754 -18.780 1.00 103.64 ? 39  LEU A CD1 1 
ATOM 280  C CD2 . LEU A 1 35  ? -0.722  -14.497 -18.256 1.00 104.48 ? 39  LEU A CD2 1 
ATOM 281  N N   . HIS A 1 36  ? -2.687  -9.158  -19.344 1.00 99.94  ? 40  HIS A N   1 
ATOM 282  C CA  . HIS A 1 36  ? -2.554  -7.848  -18.722 1.00 98.76  ? 40  HIS A CA  1 
ATOM 283  C C   . HIS A 1 36  ? -1.925  -7.882  -17.338 1.00 97.92  ? 40  HIS A C   1 
ATOM 284  O O   . HIS A 1 36  ? -1.632  -6.834  -16.764 1.00 98.34  ? 40  HIS A O   1 
ATOM 285  C CB  . HIS A 1 36  ? -3.921  -7.172  -18.630 1.00 99.51  ? 40  HIS A CB  1 
ATOM 286  C CG  . HIS A 1 36  ? -4.867  -7.851  -17.690 1.00 99.78  ? 40  HIS A CG  1 
ATOM 287  N ND1 . HIS A 1 36  ? -5.207  -9.181  -17.807 1.00 99.72  ? 40  HIS A ND1 1 
ATOM 288  C CD2 . HIS A 1 36  ? -5.551  -7.379  -16.621 1.00 98.89  ? 40  HIS A CD2 1 
ATOM 289  C CE1 . HIS A 1 36  ? -6.060  -9.500  -16.850 1.00 99.07  ? 40  HIS A CE1 1 
ATOM 290  N NE2 . HIS A 1 36  ? -6.285  -8.424  -16.117 1.00 98.57  ? 40  HIS A NE2 1 
ATOM 291  N N   . VAL A 1 37  ? -1.716  -9.077  -16.800 1.00 96.58  ? 41  VAL A N   1 
ATOM 292  C CA  . VAL A 1 37  ? -1.118  -9.198  -15.480 1.00 94.59  ? 41  VAL A CA  1 
ATOM 293  C C   . VAL A 1 37  ? 0.229   -8.479  -15.488 1.00 93.18  ? 41  VAL A C   1 
ATOM 294  O O   . VAL A 1 37  ? 0.632   -7.892  -14.484 1.00 93.17  ? 41  VAL A O   1 
ATOM 295  C CB  . VAL A 1 37  ? -0.914  -10.678 -15.091 1.00 95.43  ? 41  VAL A CB  1 
ATOM 296  C CG1 . VAL A 1 37  ? -0.037  -11.370 -16.117 1.00 95.48  ? 41  VAL A CG1 1 
ATOM 297  C CG2 . VAL A 1 37  ? -0.298  -10.772 -13.703 1.00 96.31  ? 41  VAL A CG2 1 
ATOM 298  N N   . LEU A 1 38  ? 0.917   -8.521  -16.627 1.00 91.33  ? 42  LEU A N   1 
ATOM 299  C CA  . LEU A 1 38  ? 2.204   -7.846  -16.757 1.00 89.20  ? 42  LEU A CA  1 
ATOM 300  C C   . LEU A 1 38  ? 1.949   -6.350  -16.690 1.00 87.57  ? 42  LEU A C   1 
ATOM 301  O O   . LEU A 1 38  ? 2.687   -5.607  -16.043 1.00 87.06  ? 42  LEU A O   1 
ATOM 302  C CB  . LEU A 1 38  ? 2.872   -8.183  -18.095 1.00 89.76  ? 42  LEU A CB  1 
ATOM 303  C CG  . LEU A 1 38  ? 3.491   -9.568  -18.305 1.00 91.73  ? 42  LEU A CG  1 
ATOM 304  C CD1 . LEU A 1 38  ? 2.420   -10.642 -18.225 1.00 93.28  ? 42  LEU A CD1 1 
ATOM 305  C CD2 . LEU A 1 38  ? 4.177   -9.611  -19.660 1.00 92.10  ? 42  LEU A CD2 1 
ATOM 306  N N   . GLN A 1 39  ? 0.887   -5.923  -17.367 1.00 85.93  ? 43  GLN A N   1 
ATOM 307  C CA  . GLN A 1 39  ? 0.499   -4.518  -17.411 1.00 84.21  ? 43  GLN A CA  1 
ATOM 308  C C   . GLN A 1 39  ? 0.020   -4.012  -16.055 1.00 82.14  ? 43  GLN A C   1 
ATOM 309  O O   . GLN A 1 39  ? 0.674   -3.177  -15.430 1.00 83.11  ? 43  GLN A O   1 
ATOM 310  C CB  . GLN A 1 39  ? -0.607  -4.319  -18.454 1.00 85.26  ? 43  GLN A CB  1 
ATOM 311  C CG  . GLN A 1 39  ? -1.297  -2.960  -18.390 1.00 85.98  ? 43  GLN A CG  1 
ATOM 312  C CD  . GLN A 1 39  ? -2.415  -2.825  -19.409 1.00 87.03  ? 43  GLN A CD  1 
ATOM 313  O OE1 . GLN A 1 39  ? -3.192  -1.868  -19.373 1.00 86.22  ? 43  GLN A OE1 1 
ATOM 314  N NE2 . GLN A 1 39  ? -2.498  -3.780  -20.328 1.00 87.64  ? 43  GLN A NE2 1 
ATOM 315  N N   . VAL A 1 40  ? -1.117  -4.525  -15.601 1.00 78.67  ? 44  VAL A N   1 
ATOM 316  C CA  . VAL A 1 40  ? -1.675  -4.111  -14.324 1.00 75.97  ? 44  VAL A CA  1 
ATOM 317  C C   . VAL A 1 40  ? -0.610  -4.084  -13.230 1.00 74.59  ? 44  VAL A C   1 
ATOM 318  O O   . VAL A 1 40  ? -0.483  -3.099  -12.502 1.00 74.86  ? 44  VAL A O   1 
ATOM 319  C CB  . VAL A 1 40  ? -2.832  -5.043  -13.893 1.00 75.65  ? 44  VAL A CB  1 
ATOM 320  C CG1 . VAL A 1 40  ? -2.394  -6.490  -13.975 1.00 77.48  ? 44  VAL A CG1 1 
ATOM 321  C CG2 . VAL A 1 40  ? -3.272  -4.708  -12.476 1.00 75.87  ? 44  VAL A CG2 1 
ATOM 322  N N   . ALA A 1 41  ? 0.162   -5.160  -13.121 1.00 72.79  ? 45  ALA A N   1 
ATOM 323  C CA  . ALA A 1 41  ? 1.202   -5.232  -12.105 1.00 70.44  ? 45  ALA A CA  1 
ATOM 324  C C   . ALA A 1 41  ? 2.175   -4.081  -12.288 1.00 69.27  ? 45  ALA A C   1 
ATOM 325  O O   . ALA A 1 41  ? 2.493   -3.365  -11.341 1.00 69.22  ? 45  ALA A O   1 
ATOM 326  C CB  . ALA A 1 41  ? 1.942   -6.555  -12.208 1.00 68.56  ? 45  ALA A CB  1 
ATOM 327  N N   . LEU A 1 42  ? 2.620   -3.896  -13.524 1.00 68.60  ? 46  LEU A N   1 
ATOM 328  C CA  . LEU A 1 42  ? 3.571   -2.847  -13.861 1.00 67.62  ? 46  LEU A CA  1 
ATOM 329  C C   . LEU A 1 42  ? 3.008   -1.465  -13.552 1.00 66.51  ? 46  LEU A C   1 
ATOM 330  O O   . LEU A 1 42  ? 3.742   -0.560  -13.153 1.00 66.20  ? 46  LEU A O   1 
ATOM 331  C CB  . LEU A 1 42  ? 3.943   -2.956  -15.346 1.00 68.46  ? 46  LEU A CB  1 
ATOM 332  C CG  . LEU A 1 42  ? 4.966   -2.006  -15.979 1.00 70.28  ? 46  LEU A CG  1 
ATOM 333  C CD1 . LEU A 1 42  ? 4.350   -0.627  -16.167 1.00 71.32  ? 46  LEU A CD1 1 
ATOM 334  C CD2 . LEU A 1 42  ? 6.219   -1.945  -15.116 1.00 69.86  ? 46  LEU A CD2 1 
ATOM 335  N N   . ALA A 1 43  ? 1.702   -1.310  -13.722 1.00 65.48  ? 47  ALA A N   1 
ATOM 336  C CA  . ALA A 1 43  ? 1.059   -0.028  -13.477 1.00 64.04  ? 47  ALA A CA  1 
ATOM 337  C C   . ALA A 1 43  ? 1.084   0.376   -12.009 1.00 63.29  ? 47  ALA A C   1 
ATOM 338  O O   . ALA A 1 43  ? 1.472   1.496   -11.678 1.00 62.84  ? 47  ALA A O   1 
ATOM 339  C CB  . ALA A 1 43  ? -0.376  -0.073  -13.975 1.00 64.11  ? 47  ALA A CB  1 
ATOM 340  N N   . PHE A 1 44  ? 0.695   -0.537  -11.126 1.00 63.42  ? 48  PHE A N   1 
ATOM 341  C CA  . PHE A 1 44  ? 0.684   -0.232  -9.702  1.00 63.35  ? 48  PHE A CA  1 
ATOM 342  C C   . PHE A 1 44  ? 2.074   0.189   -9.248  1.00 64.80  ? 48  PHE A C   1 
ATOM 343  O O   . PHE A 1 44  ? 2.217   1.079   -8.411  1.00 65.86  ? 48  PHE A O   1 
ATOM 344  C CB  . PHE A 1 44  ? 0.247   -1.445  -8.880  1.00 62.40  ? 48  PHE A CB  1 
ATOM 345  C CG  . PHE A 1 44  ? -1.243  -1.581  -8.720  1.00 63.50  ? 48  PHE A CG  1 
ATOM 346  C CD1 . PHE A 1 44  ? -2.002  -2.283  -9.653  1.00 63.51  ? 48  PHE A CD1 1 
ATOM 347  C CD2 . PHE A 1 44  ? -1.882  -1.048  -7.604  1.00 62.59  ? 48  PHE A CD2 1 
ATOM 348  C CE1 . PHE A 1 44  ? -3.380  -2.458  -9.470  1.00 61.77  ? 48  PHE A CE1 1 
ATOM 349  C CE2 . PHE A 1 44  ? -3.253  -1.218  -7.415  1.00 62.19  ? 48  PHE A CE2 1 
ATOM 350  C CZ  . PHE A 1 44  ? -4.003  -1.926  -8.348  1.00 60.46  ? 48  PHE A CZ  1 
ATOM 351  N N   . GLY A 1 45  ? 3.094   -0.455  -9.810  1.00 66.29  ? 49  GLY A N   1 
ATOM 352  C CA  . GLY A 1 45  ? 4.464   -0.154  -9.436  1.00 65.89  ? 49  GLY A CA  1 
ATOM 353  C C   . GLY A 1 45  ? 4.949   1.223   -9.844  1.00 65.72  ? 49  GLY A C   1 
ATOM 354  O O   . GLY A 1 45  ? 5.515   1.943   -9.023  1.00 65.91  ? 49  GLY A O   1 
ATOM 355  N N   . LEU A 1 46  ? 4.725   1.597   -11.099 1.00 65.57  ? 50  LEU A N   1 
ATOM 356  C CA  . LEU A 1 46  ? 5.152   2.908   -11.581 1.00 65.03  ? 50  LEU A CA  1 
ATOM 357  C C   . LEU A 1 46  ? 4.357   3.992   -10.867 1.00 65.39  ? 50  LEU A C   1 
ATOM 358  O O   . LEU A 1 46  ? 4.861   5.086   -10.610 1.00 66.04  ? 50  LEU A O   1 
ATOM 359  C CB  . LEU A 1 46  ? 4.940   3.032   -13.091 1.00 63.19  ? 50  LEU A CB  1 
ATOM 360  C CG  . LEU A 1 46  ? 5.673   2.044   -13.999 1.00 61.98  ? 50  LEU A CG  1 
ATOM 361  C CD1 . LEU A 1 46  ? 5.476   2.478   -15.439 1.00 61.51  ? 50  LEU A CD1 1 
ATOM 362  C CD2 . LEU A 1 46  ? 7.156   2.002   -13.655 1.00 61.97  ? 50  LEU A CD2 1 
ATOM 363  N N   . ALA A 1 47  ? 3.102   3.682   -10.563 1.00 64.54  ? 51  ALA A N   1 
ATOM 364  C CA  . ALA A 1 47  ? 2.240   4.619   -9.867  1.00 63.81  ? 51  ALA A CA  1 
ATOM 365  C C   . ALA A 1 47  ? 2.836   4.899   -8.494  1.00 63.59  ? 51  ALA A C   1 
ATOM 366  O O   . ALA A 1 47  ? 2.919   6.044   -8.064  1.00 63.70  ? 51  ALA A O   1 
ATOM 367  C CB  . ALA A 1 47  ? 0.844   4.037   -9.724  1.00 64.89  ? 51  ALA A CB  1 
ATOM 368  N N   . LEU A 1 48  ? 3.252   3.841   -7.809  1.00 63.77  ? 52  LEU A N   1 
ATOM 369  C CA  . LEU A 1 48  ? 3.844   3.980   -6.486  1.00 63.75  ? 52  LEU A CA  1 
ATOM 370  C C   . LEU A 1 48  ? 5.233   4.601   -6.550  1.00 63.31  ? 52  LEU A C   1 
ATOM 371  O O   . LEU A 1 48  ? 5.588   5.428   -5.713  1.00 63.81  ? 52  LEU A O   1 
ATOM 372  C CB  . LEU A 1 48  ? 3.932   2.620   -5.799  1.00 63.58  ? 52  LEU A CB  1 
ATOM 373  C CG  . LEU A 1 48  ? 4.589   2.642   -4.420  1.00 62.84  ? 52  LEU A CG  1 
ATOM 374  C CD1 . LEU A 1 48  ? 3.727   3.416   -3.436  1.00 62.50  ? 52  LEU A CD1 1 
ATOM 375  C CD2 . LEU A 1 48  ? 4.786   1.226   -3.949  1.00 63.14  ? 52  LEU A CD2 1 
ATOM 376  N N   . ALA A 1 49  ? 6.011   4.204   -7.551  1.00 62.44  ? 53  ALA A N   1 
ATOM 377  C CA  . ALA A 1 49  ? 7.368   4.711   -7.710  1.00 61.65  ? 53  ALA A CA  1 
ATOM 378  C C   . ALA A 1 49  ? 7.373   6.227   -7.806  1.00 61.18  ? 53  ALA A C   1 
ATOM 379  O O   . ALA A 1 49  ? 8.171   6.894   -7.153  1.00 61.62  ? 53  ALA A O   1 
ATOM 380  C CB  . ALA A 1 49  ? 8.006   4.113   -8.957  1.00 61.62  ? 53  ALA A CB  1 
ATOM 381  N N   . THR A 1 50  ? 6.483   6.762   -8.634  1.00 61.78  ? 54  THR A N   1 
ATOM 382  C CA  . THR A 1 50  ? 6.374   8.202   -8.836  1.00 63.80  ? 54  THR A CA  1 
ATOM 383  C C   . THR A 1 50  ? 5.783   8.978   -7.659  1.00 64.29  ? 54  THR A C   1 
ATOM 384  O O   . THR A 1 50  ? 6.283   10.045  -7.299  1.00 64.23  ? 54  THR A O   1 
ATOM 385  C CB  . THR A 1 50  ? 5.548   8.507   -10.090 1.00 64.70  ? 54  THR A CB  1 
ATOM 386  O OG1 . THR A 1 50  ? 4.239   7.945   -9.946  1.00 65.84  ? 54  THR A OG1 1 
ATOM 387  C CG2 . THR A 1 50  ? 6.219   7.908   -11.316 1.00 64.61  ? 54  THR A CG2 1 
ATOM 388  N N   . LEU A 1 51  ? 4.723   8.445   -7.058  1.00 64.76  ? 55  LEU A N   1 
ATOM 389  C CA  . LEU A 1 51  ? 4.091   9.120   -5.933  1.00 65.31  ? 55  LEU A CA  1 
ATOM 390  C C   . LEU A 1 51  ? 5.122   9.351   -4.844  1.00 67.12  ? 55  LEU A C   1 
ATOM 391  O O   . LEU A 1 51  ? 5.135   10.401  -4.206  1.00 67.81  ? 55  LEU A O   1 
ATOM 392  C CB  . LEU A 1 51  ? 2.931   8.286   -5.375  1.00 64.74  ? 55  LEU A CB  1 
ATOM 393  C CG  . LEU A 1 51  ? 1.530   8.578   -5.922  1.00 64.15  ? 55  LEU A CG  1 
ATOM 394  C CD1 . LEU A 1 51  ? 1.193   10.036  -5.664  1.00 63.70  ? 55  LEU A CD1 1 
ATOM 395  C CD2 . LEU A 1 51  ? 1.461   8.286   -7.409  1.00 64.79  ? 55  LEU A CD2 1 
ATOM 396  N N   . VAL A 1 52  ? 5.996   8.371   -4.649  1.00 68.96  ? 56  VAL A N   1 
ATOM 397  C CA  . VAL A 1 52  ? 7.034   8.474   -3.636  1.00 72.02  ? 56  VAL A CA  1 
ATOM 398  C C   . VAL A 1 52  ? 7.892   9.714   -3.864  1.00 74.33  ? 56  VAL A C   1 
ATOM 399  O O   . VAL A 1 52  ? 8.361   10.333  -2.908  1.00 75.50  ? 56  VAL A O   1 
ATOM 400  C CB  . VAL A 1 52  ? 7.946   7.232   -3.639  1.00 72.49  ? 56  VAL A CB  1 
ATOM 401  C CG1 . VAL A 1 52  ? 9.043   7.388   -2.600  1.00 73.16  ? 56  VAL A CG1 1 
ATOM 402  C CG2 . VAL A 1 52  ? 7.127   5.990   -3.347  1.00 73.30  ? 56  VAL A CG2 1 
ATOM 403  N N   . GLN A 1 53  ? 8.098   10.079  -5.126  1.00 76.77  ? 57  GLN A N   1 
ATOM 404  C CA  . GLN A 1 53  ? 8.913   11.250  -5.431  1.00 78.75  ? 57  GLN A CA  1 
ATOM 405  C C   . GLN A 1 53  ? 8.222   12.559  -5.065  1.00 80.14  ? 57  GLN A C   1 
ATOM 406  O O   . GLN A 1 53  ? 8.820   13.417  -4.417  1.00 80.70  ? 57  GLN A O   1 
ATOM 407  C CB  . GLN A 1 53  ? 9.254   11.270  -6.922  1.00 79.10  ? 57  GLN A CB  1 
ATOM 408  C CG  . GLN A 1 53  ? 10.356  10.314  -7.331  1.00 81.11  ? 57  GLN A CG  1 
ATOM 409  C CD  . GLN A 1 53  ? 11.730  10.846  -6.987  1.00 82.53  ? 57  GLN A CD  1 
ATOM 410  O OE1 . GLN A 1 53  ? 12.094  11.949  -7.392  1.00 84.36  ? 57  GLN A OE1 1 
ATOM 411  N NE2 . GLN A 1 53  ? 12.503  10.065  -6.241  1.00 82.87  ? 57  GLN A NE2 1 
ATOM 412  N N   . ALA A 1 54  ? 6.975   12.733  -5.491  1.00 81.41  ? 58  ALA A N   1 
ATOM 413  C CA  . ALA A 1 54  ? 6.254   13.953  -5.154  1.00 82.79  ? 58  ALA A CA  1 
ATOM 414  C C   . ALA A 1 54  ? 5.803   14.025  -3.696  1.00 83.65  ? 58  ALA A C   1 
ATOM 415  O O   . ALA A 1 54  ? 6.036   15.011  -3.003  1.00 84.12  ? 58  ALA A O   1 
ATOM 416  C CB  . ALA A 1 54  ? 5.051   14.111  -6.075  1.00 82.99  ? 58  ALA A CB  1 
ATOM 417  N N   . VAL A 1 55  ? 5.153   12.957  -3.246  1.00 85.51  ? 59  VAL A N   1 
ATOM 418  C CA  . VAL A 1 55  ? 4.629   12.855  -1.888  1.00 87.78  ? 59  VAL A CA  1 
ATOM 419  C C   . VAL A 1 55  ? 5.604   12.652  -0.729  1.00 88.98  ? 59  VAL A C   1 
ATOM 420  O O   . VAL A 1 55  ? 5.529   13.348  0.285   1.00 89.55  ? 59  VAL A O   1 
ATOM 421  C CB  . VAL A 1 55  ? 3.555   11.757  -1.818  1.00 88.20  ? 59  VAL A CB  1 
ATOM 422  C CG1 . VAL A 1 55  ? 2.969   11.684  -0.416  1.00 90.35  ? 59  VAL A CG1 1 
ATOM 423  C CG2 . VAL A 1 55  ? 2.470   12.051  -2.835  1.00 88.47  ? 59  VAL A CG2 1 
ATOM 424  N N   . GLY A 1 56  ? 6.516   11.698  -0.883  1.00 89.73  ? 60  GLY A N   1 
ATOM 425  C CA  . GLY A 1 56  ? 7.455   11.397  0.182   1.00 90.37  ? 60  GLY A CA  1 
ATOM 426  C C   . GLY A 1 56  ? 8.263   12.589  0.626   1.00 91.36  ? 60  GLY A C   1 
ATOM 427  O O   . GLY A 1 56  ? 8.548   12.752  1.810   1.00 90.69  ? 60  GLY A O   1 
ATOM 428  N N   . HIS A 1 57  ? 8.616   13.439  -0.329  1.00 94.02  ? 61  HIS A N   1 
ATOM 429  C CA  . HIS A 1 57  ? 9.405   14.627  -0.045  1.00 95.95  ? 61  HIS A CA  1 
ATOM 430  C C   . HIS A 1 57  ? 8.703   15.482  1.003   1.00 96.44  ? 61  HIS A C   1 
ATOM 431  O O   . HIS A 1 57  ? 9.318   15.912  1.980   1.00 97.04  ? 61  HIS A O   1 
ATOM 432  C CB  . HIS A 1 57  ? 9.596   15.434  -1.329  1.00 96.65  ? 61  HIS A CB  1 
ATOM 433  C CG  . HIS A 1 57  ? 10.418  16.670  -1.150  1.00 98.44  ? 61  HIS A CG  1 
ATOM 434  N ND1 . HIS A 1 57  ? 10.545  17.623  -2.136  1.00 99.99  ? 61  HIS A ND1 1 
ATOM 435  C CD2 . HIS A 1 57  ? 11.152  17.111  -0.101  1.00 98.73  ? 61  HIS A CD2 1 
ATOM 436  C CE1 . HIS A 1 57  ? 11.319  18.602  -1.701  1.00 100.22 ? 61  HIS A CE1 1 
ATOM 437  N NE2 . HIS A 1 57  ? 11.701  18.315  -0.470  1.00 100.73 ? 61  HIS A NE2 1 
ATOM 438  N N   . ILE A 1 58  ? 7.412   15.718  0.796   1.00 96.54  ? 62  ILE A N   1 
ATOM 439  C CA  . ILE A 1 58  ? 6.627   16.525  1.719   1.00 95.10  ? 62  ILE A CA  1 
ATOM 440  C C   . ILE A 1 58  ? 6.415   15.798  3.035   1.00 93.53  ? 62  ILE A C   1 
ATOM 441  O O   . ILE A 1 58  ? 6.627   16.372  4.100   1.00 93.84  ? 62  ILE A O   1 
ATOM 442  C CB  . ILE A 1 58  ? 5.249   16.888  1.121   1.00 95.44  ? 62  ILE A CB  1 
ATOM 443  C CG1 . ILE A 1 58  ? 5.418   17.918  0.000   1.00 95.72  ? 62  ILE A CG1 1 
ATOM 444  C CG2 . ILE A 1 58  ? 4.340   17.444  2.204   1.00 95.19  ? 62  ILE A CG2 1 
ATOM 445  C CD1 . ILE A 1 58  ? 6.242   17.437  -1.177  1.00 95.51  ? 62  ILE A CD1 1 
ATOM 446  N N   . SER A 1 59  ? 6.003   14.536  2.963   1.00 92.45  ? 63  SER A N   1 
ATOM 447  C CA  . SER A 1 59  ? 5.779   13.759  4.176   1.00 92.20  ? 63  SER A CA  1 
ATOM 448  C C   . SER A 1 59  ? 5.310   12.328  3.943   1.00 90.87  ? 63  SER A C   1 
ATOM 449  O O   . SER A 1 59  ? 4.218   12.092  3.425   1.00 90.31  ? 63  SER A O   1 
ATOM 450  C CB  . SER A 1 59  ? 4.770   14.471  5.079   1.00 93.78  ? 63  SER A CB  1 
ATOM 451  O OG  . SER A 1 59  ? 4.559   13.744  6.277   1.00 95.55  ? 63  SER A OG  1 
ATOM 452  N N   . GLY A 1 60  ? 6.156   11.380  4.339   1.00 89.72  ? 64  GLY A N   1 
ATOM 453  C CA  . GLY A 1 60  ? 5.834   9.971   4.217   1.00 88.17  ? 64  GLY A CA  1 
ATOM 454  C C   . GLY A 1 60  ? 5.729   9.373   2.828   1.00 86.94  ? 64  GLY A C   1 
ATOM 455  O O   . GLY A 1 60  ? 6.726   8.926   2.265   1.00 86.43  ? 64  GLY A O   1 
ATOM 456  N N   . ALA A 1 61  ? 4.506   9.356   2.298   1.00 86.50  ? 65  ALA A N   1 
ATOM 457  C CA  . ALA A 1 61  ? 4.189   8.797   0.983   1.00 85.15  ? 65  ALA A CA  1 
ATOM 458  C C   . ALA A 1 61  ? 3.803   7.335   1.141   1.00 83.76  ? 65  ALA A C   1 
ATOM 459  O O   . ALA A 1 61  ? 3.849   6.560   0.186   1.00 83.03  ? 65  ALA A O   1 
ATOM 460  C CB  . ALA A 1 61  ? 5.374   8.920   0.032   1.00 85.64  ? 65  ALA A CB  1 
ATOM 461  N N   . HIS A 1 62  ? 3.420   6.966   2.358   1.00 81.95  ? 66  HIS A N   1 
ATOM 462  C CA  . HIS A 1 62  ? 3.030   5.597   2.654   1.00 80.49  ? 66  HIS A CA  1 
ATOM 463  C C   . HIS A 1 62  ? 2.014   5.088   1.627   1.00 79.55  ? 66  HIS A C   1 
ATOM 464  O O   . HIS A 1 62  ? 2.237   4.060   0.991   1.00 79.84  ? 66  HIS A O   1 
ATOM 465  C CB  . HIS A 1 62  ? 2.457   5.510   4.074   1.00 80.37  ? 66  HIS A CB  1 
ATOM 466  C CG  . HIS A 1 62  ? 3.273   6.229   5.106   1.00 80.82  ? 66  HIS A CG  1 
ATOM 467  N ND1 . HIS A 1 62  ? 3.283   7.603   5.220   1.00 82.59  ? 66  HIS A ND1 1 
ATOM 468  C CD2 . HIS A 1 62  ? 4.083   5.766   6.090   1.00 81.45  ? 66  HIS A CD2 1 
ATOM 469  C CE1 . HIS A 1 62  ? 4.058   7.954   6.231   1.00 83.19  ? 66  HIS A CE1 1 
ATOM 470  N NE2 . HIS A 1 62  ? 4.556   6.859   6.776   1.00 81.45  ? 66  HIS A NE2 1 
ATOM 471  N N   . VAL A 1 63  ? 0.907   5.808   1.459   1.00 78.46  ? 67  VAL A N   1 
ATOM 472  C CA  . VAL A 1 63  ? -0.129  5.425   0.496   1.00 77.11  ? 67  VAL A CA  1 
ATOM 473  C C   . VAL A 1 63  ? -0.872  4.160   0.919   1.00 75.88  ? 67  VAL A C   1 
ATOM 474  O O   . VAL A 1 63  ? -2.102  4.123   0.918   1.00 76.84  ? 67  VAL A O   1 
ATOM 475  C CB  . VAL A 1 63  ? 0.477   5.192   -0.915  1.00 76.54  ? 67  VAL A CB  1 
ATOM 476  C CG1 . VAL A 1 63  ? -0.622  4.872   -1.915  1.00 75.88  ? 67  VAL A CG1 1 
ATOM 477  C CG2 . VAL A 1 63  ? 1.258   6.417   -1.357  1.00 76.28  ? 67  VAL A CG2 1 
ATOM 478  N N   . ASN A 1 64  ? -0.115  3.128   1.280   1.00 74.47  ? 68  ASN A N   1 
ATOM 479  C CA  . ASN A 1 64  ? -0.685  1.852   1.701   1.00 74.45  ? 68  ASN A CA  1 
ATOM 480  C C   . ASN A 1 64  ? -1.057  1.865   3.182   1.00 73.79  ? 68  ASN A C   1 
ATOM 481  O O   . ASN A 1 64  ? -0.214  2.138   4.036   1.00 74.30  ? 68  ASN A O   1 
ATOM 482  C CB  . ASN A 1 64  ? 0.323   0.732   1.447   1.00 75.74  ? 68  ASN A CB  1 
ATOM 483  C CG  . ASN A 1 64  ? -0.252  -0.644  1.714   1.00 76.67  ? 68  ASN A CG  1 
ATOM 484  O OD1 . ASN A 1 64  ? -0.812  -0.904  2.779   1.00 78.53  ? 68  ASN A OD1 1 
ATOM 485  N ND2 . ASN A 1 64  ? -0.108  -1.539  0.745   1.00 77.21  ? 68  ASN A ND2 1 
ATOM 486  N N   . PRO A 1 65  ? -2.324  1.560   3.506   1.00 73.18  ? 69  PRO A N   1 
ATOM 487  C CA  . PRO A 1 65  ? -2.776  1.546   4.900   1.00 73.05  ? 69  PRO A CA  1 
ATOM 488  C C   . PRO A 1 65  ? -1.955  0.606   5.777   1.00 73.43  ? 69  PRO A C   1 
ATOM 489  O O   . PRO A 1 65  ? -1.511  0.986   6.859   1.00 73.89  ? 69  PRO A O   1 
ATOM 490  C CB  . PRO A 1 65  ? -4.228  1.100   4.782   1.00 72.65  ? 69  PRO A CB  1 
ATOM 491  C CG  . PRO A 1 65  ? -4.646  1.714   3.486   1.00 72.95  ? 69  PRO A CG  1 
ATOM 492  C CD  . PRO A 1 65  ? -3.466  1.396   2.587   1.00 73.62  ? 69  PRO A CD  1 
ATOM 493  N N   . ALA A 1 66  ? -1.752  -0.618  5.300   1.00 73.08  ? 70  ALA A N   1 
ATOM 494  C CA  . ALA A 1 66  ? -0.979  -1.608  6.038   1.00 72.26  ? 70  ALA A CA  1 
ATOM 495  C C   . ALA A 1 66  ? 0.458   -1.129  6.254   1.00 72.80  ? 70  ALA A C   1 
ATOM 496  O O   . ALA A 1 66  ? 1.077   -1.434  7.273   1.00 72.94  ? 70  ALA A O   1 
ATOM 497  C CB  . ALA A 1 66  ? -0.988  -2.939  5.295   1.00 71.00  ? 70  ALA A CB  1 
ATOM 498  N N   . VAL A 1 67  ? 0.987   -0.386  5.287   1.00 72.99  ? 71  VAL A N   1 
ATOM 499  C CA  . VAL A 1 67  ? 2.348   0.130   5.379   1.00 73.24  ? 71  VAL A CA  1 
ATOM 500  C C   . VAL A 1 67  ? 2.499   1.221   6.433   1.00 73.51  ? 71  VAL A C   1 
ATOM 501  O O   . VAL A 1 67  ? 3.548   1.332   7.062   1.00 74.35  ? 71  VAL A O   1 
ATOM 502  C CB  . VAL A 1 67  ? 2.828   0.673   4.021   1.00 73.78  ? 71  VAL A CB  1 
ATOM 503  C CG1 . VAL A 1 67  ? 4.205   1.313   4.166   1.00 72.75  ? 71  VAL A CG1 1 
ATOM 504  C CG2 . VAL A 1 67  ? 2.885   -0.462  3.017   1.00 76.32  ? 71  VAL A CG2 1 
ATOM 505  N N   . THR A 1 68  ? 1.462   2.033   6.621   1.00 73.23  ? 72  THR A N   1 
ATOM 506  C CA  . THR A 1 68  ? 1.515   3.097   7.620   1.00 73.10  ? 72  THR A CA  1 
ATOM 507  C C   . THR A 1 68  ? 1.655   2.512   9.019   1.00 73.35  ? 72  THR A C   1 
ATOM 508  O O   . THR A 1 68  ? 2.456   2.991   9.822   1.00 73.61  ? 72  THR A O   1 
ATOM 509  C CB  . THR A 1 68  ? 0.249   3.973   7.582   1.00 73.65  ? 72  THR A CB  1 
ATOM 510  O OG1 . THR A 1 68  ? 0.276   4.796   6.409   1.00 75.83  ? 72  THR A OG1 1 
ATOM 511  C CG2 . THR A 1 68  ? 0.171   4.853   8.823   1.00 72.26  ? 72  THR A CG2 1 
ATOM 512  N N   . PHE A 1 69  ? 0.869   1.479   9.306   1.00 73.23  ? 73  PHE A N   1 
ATOM 513  C CA  . PHE A 1 69  ? 0.914   0.828   10.607  1.00 73.84  ? 73  PHE A CA  1 
ATOM 514  C C   . PHE A 1 69  ? 2.306   0.261   10.854  1.00 72.92  ? 73  PHE A C   1 
ATOM 515  O O   . PHE A 1 69  ? 2.787   0.243   11.986  1.00 73.12  ? 73  PHE A O   1 
ATOM 516  C CB  . PHE A 1 69  ? -0.126  -0.294  10.686  1.00 76.93  ? 73  PHE A CB  1 
ATOM 517  C CG  . PHE A 1 69  ? -1.552  0.187   10.581  1.00 82.00  ? 73  PHE A CG  1 
ATOM 518  C CD1 . PHE A 1 69  ? -2.039  1.171   11.442  1.00 82.89  ? 73  PHE A CD1 1 
ATOM 519  C CD2 . PHE A 1 69  ? -2.413  -0.353  9.628   1.00 84.02  ? 73  PHE A CD2 1 
ATOM 520  C CE1 . PHE A 1 69  ? -3.364  1.611   11.354  1.00 82.87  ? 73  PHE A CE1 1 
ATOM 521  C CE2 . PHE A 1 69  ? -3.740  0.079   9.531   1.00 84.33  ? 73  PHE A CE2 1 
ATOM 522  C CZ  . PHE A 1 69  ? -4.216  1.063   10.396  1.00 83.67  ? 73  PHE A CZ  1 
ATOM 523  N N   . ALA A 1 70  ? 2.953   -0.195  9.786   1.00 72.19  ? 74  ALA A N   1 
ATOM 524  C CA  . ALA A 1 70  ? 4.292   -0.762  9.888   1.00 71.27  ? 74  ALA A CA  1 
ATOM 525  C C   . ALA A 1 70  ? 5.224   0.258   10.525  1.00 71.31  ? 74  ALA A C   1 
ATOM 526  O O   . ALA A 1 70  ? 6.057   -0.082  11.362  1.00 70.79  ? 74  ALA A O   1 
ATOM 527  C CB  . ALA A 1 70  ? 4.800   -1.146  8.510   1.00 69.95  ? 74  ALA A CB  1 
ATOM 528  N N   . PHE A 1 71  ? 5.074   1.514   10.128  1.00 73.00  ? 75  PHE A N   1 
ATOM 529  C CA  . PHE A 1 71  ? 5.896   2.583   10.673  1.00 73.86  ? 75  PHE A CA  1 
ATOM 530  C C   . PHE A 1 71  ? 5.511   2.867   12.117  1.00 74.74  ? 75  PHE A C   1 
ATOM 531  O O   . PHE A 1 71  ? 6.379   3.115   12.955  1.00 76.12  ? 75  PHE A O   1 
ATOM 532  C CB  . PHE A 1 71  ? 5.750   3.841   9.816   1.00 73.07  ? 75  PHE A CB  1 
ATOM 533  C CG  . PHE A 1 71  ? 6.522   3.780   8.528   1.00 73.81  ? 75  PHE A CG  1 
ATOM 534  C CD1 . PHE A 1 71  ? 7.866   4.146   8.491   1.00 74.11  ? 75  PHE A CD1 1 
ATOM 535  C CD2 . PHE A 1 71  ? 5.921   3.319   7.362   1.00 74.31  ? 75  PHE A CD2 1 
ATOM 536  C CE1 . PHE A 1 71  ? 8.600   4.052   7.309   1.00 74.29  ? 75  PHE A CE1 1 
ATOM 537  C CE2 . PHE A 1 71  ? 6.645   3.220   6.173   1.00 74.95  ? 75  PHE A CE2 1 
ATOM 538  C CZ  . PHE A 1 71  ? 7.989   3.589   6.148   1.00 74.19  ? 75  PHE A CZ  1 
ATOM 539  N N   . LEU A 1 72  ? 4.215   2.818   12.413  1.00 74.61  ? 76  LEU A N   1 
ATOM 540  C CA  . LEU A 1 72  ? 3.750   3.061   13.773  1.00 75.14  ? 76  LEU A CA  1 
ATOM 541  C C   . LEU A 1 72  ? 4.263   1.965   14.701  1.00 75.66  ? 76  LEU A C   1 
ATOM 542  O O   . LEU A 1 72  ? 4.800   2.251   15.774  1.00 76.22  ? 76  LEU A O   1 
ATOM 543  C CB  . LEU A 1 72  ? 2.222   3.102   13.825  1.00 75.68  ? 76  LEU A CB  1 
ATOM 544  C CG  . LEU A 1 72  ? 1.622   3.306   15.220  1.00 75.39  ? 76  LEU A CG  1 
ATOM 545  C CD1 . LEU A 1 72  ? 2.177   4.583   15.835  1.00 75.41  ? 76  LEU A CD1 1 
ATOM 546  C CD2 . LEU A 1 72  ? 0.103   3.366   15.128  1.00 74.92  ? 76  LEU A CD2 1 
ATOM 547  N N   . VAL A 1 73  ? 4.103   0.710   14.294  1.00 75.58  ? 77  VAL A N   1 
ATOM 548  C CA  . VAL A 1 73  ? 4.587   -0.397  15.105  1.00 75.54  ? 77  VAL A CA  1 
ATOM 549  C C   . VAL A 1 73  ? 6.104   -0.328  15.054  1.00 76.93  ? 77  VAL A C   1 
ATOM 550  O O   . VAL A 1 73  ? 6.791   -0.832  15.941  1.00 77.75  ? 77  VAL A O   1 
ATOM 551  C CB  . VAL A 1 73  ? 4.126   -1.771  14.558  1.00 74.32  ? 77  VAL A CB  1 
ATOM 552  C CG1 . VAL A 1 73  ? 2.614   -1.855  14.577  1.00 74.51  ? 77  VAL A CG1 1 
ATOM 553  C CG2 . VAL A 1 73  ? 4.651   -1.983  13.150  1.00 74.51  ? 77  VAL A CG2 1 
ATOM 554  N N   . GLY A 1 74  ? 6.612   0.313   14.004  1.00 78.43  ? 78  GLY A N   1 
ATOM 555  C CA  . GLY A 1 74  ? 8.044   0.462   13.831  1.00 80.33  ? 78  GLY A CA  1 
ATOM 556  C C   . GLY A 1 74  ? 8.640   1.373   14.885  1.00 82.65  ? 78  GLY A C   1 
ATOM 557  O O   . GLY A 1 74  ? 9.860   1.520   14.973  1.00 83.17  ? 78  GLY A O   1 
ATOM 558  N N   . SER A 1 75  ? 7.774   1.991   15.682  1.00 84.68  ? 79  SER A N   1 
ATOM 559  C CA  . SER A 1 75  ? 8.204   2.882   16.755  1.00 87.53  ? 79  SER A CA  1 
ATOM 560  C C   . SER A 1 75  ? 8.944   4.122   16.258  1.00 88.99  ? 79  SER A C   1 
ATOM 561  O O   . SER A 1 75  ? 10.166  4.217   16.378  1.00 90.23  ? 79  SER A O   1 
ATOM 562  C CB  . SER A 1 75  ? 9.091   2.114   17.744  1.00 87.19  ? 79  SER A CB  1 
ATOM 563  O OG  . SER A 1 75  ? 9.559   2.959   18.781  1.00 87.41  ? 79  SER A OG  1 
ATOM 564  N N   . GLN A 1 76  ? 8.195   5.074   15.707  1.00 90.02  ? 80  GLN A N   1 
ATOM 565  C CA  . GLN A 1 76  ? 8.768   6.317   15.202  1.00 92.17  ? 80  GLN A CA  1 
ATOM 566  C C   . GLN A 1 76  ? 7.696   7.182   14.542  1.00 93.88  ? 80  GLN A C   1 
ATOM 567  O O   . GLN A 1 76  ? 7.835   7.601   13.389  1.00 93.75  ? 80  GLN A O   1 
ATOM 568  C CB  . GLN A 1 76  ? 9.895   6.016   14.208  1.00 91.98  ? 80  GLN A CB  1 
ATOM 569  C CG  . GLN A 1 76  ? 9.520   5.051   13.098  1.00 92.02  ? 80  GLN A CG  1 
ATOM 570  C CD  . GLN A 1 76  ? 10.730  4.594   12.306  1.00 92.82  ? 80  GLN A CD  1 
ATOM 571  O OE1 . GLN A 1 76  ? 11.453  5.407   11.727  1.00 93.19  ? 80  GLN A OE1 1 
ATOM 572  N NE2 . GLN A 1 76  ? 10.959  3.284   12.279  1.00 91.91  ? 80  GLN A NE2 1 
ATOM 573  N N   . MET A 1 77  ? 6.632   7.454   15.295  1.00 95.09  ? 81  MET A N   1 
ATOM 574  C CA  . MET A 1 77  ? 5.510   8.256   14.816  1.00 95.51  ? 81  MET A CA  1 
ATOM 575  C C   . MET A 1 77  ? 4.450   8.347   15.913  1.00 94.75  ? 81  MET A C   1 
ATOM 576  O O   . MET A 1 77  ? 4.370   7.467   16.772  1.00 95.15  ? 81  MET A O   1 
ATOM 577  C CB  . MET A 1 77  ? 4.914   7.608   13.563  1.00 97.46  ? 81  MET A CB  1 
ATOM 578  C CG  . MET A 1 77  ? 3.673   8.283   13.018  1.00 99.98  ? 81  MET A CG  1 
ATOM 579  S SD  . MET A 1 77  ? 3.151   7.523   11.468  1.00 103.12 ? 81  MET A SD  1 
ATOM 580  C CE  . MET A 1 77  ? 2.575   5.932   12.059  1.00 103.12 ? 81  MET A CE  1 
ATOM 581  N N   . SER A 1 78  ? 3.647   9.407   15.892  1.00 93.41  ? 82  SER A N   1 
ATOM 582  C CA  . SER A 1 78  ? 2.602   9.582   16.898  1.00 92.23  ? 82  SER A CA  1 
ATOM 583  C C   . SER A 1 78  ? 1.387   8.740   16.532  1.00 91.26  ? 82  SER A C   1 
ATOM 584  O O   . SER A 1 78  ? 1.032   8.626   15.360  1.00 91.85  ? 82  SER A O   1 
ATOM 585  C CB  . SER A 1 78  ? 2.189   11.051  16.998  1.00 93.29  ? 82  SER A CB  1 
ATOM 586  O OG  . SER A 1 78  ? 1.429   11.448  15.872  1.00 94.86  ? 82  SER A OG  1 
ATOM 587  N N   . LEU A 1 79  ? 0.748   8.159   17.540  1.00 90.42  ? 83  LEU A N   1 
ATOM 588  C CA  . LEU A 1 79  ? -0.417  7.314   17.321  1.00 89.43  ? 83  LEU A CA  1 
ATOM 589  C C   . LEU A 1 79  ? -1.517  8.062   16.568  1.00 88.86  ? 83  LEU A C   1 
ATOM 590  O O   . LEU A 1 79  ? -2.239  7.469   15.767  1.00 89.40  ? 83  LEU A O   1 
ATOM 591  C CB  . LEU A 1 79  ? -0.943  6.798   18.665  1.00 90.23  ? 83  LEU A CB  1 
ATOM 592  C CG  . LEU A 1 79  ? -1.838  5.552   18.670  1.00 90.77  ? 83  LEU A CG  1 
ATOM 593  C CD1 . LEU A 1 79  ? -1.986  5.045   20.095  1.00 90.13  ? 83  LEU A CD1 1 
ATOM 594  C CD2 . LEU A 1 79  ? -3.198  5.870   18.070  1.00 92.08  ? 83  LEU A CD2 1 
ATOM 595  N N   . LEU A 1 80  ? -1.646  9.362   16.820  1.00 87.98  ? 84  LEU A N   1 
ATOM 596  C CA  . LEU A 1 80  ? -2.664  10.159  16.143  1.00 87.08  ? 84  LEU A CA  1 
ATOM 597  C C   . LEU A 1 80  ? -2.310  10.366  14.669  1.00 85.72  ? 84  LEU A C   1 
ATOM 598  O O   . LEU A 1 80  ? -3.164  10.234  13.789  1.00 84.84  ? 84  LEU A O   1 
ATOM 599  C CB  . LEU A 1 80  ? -2.841  11.515  16.846  1.00 88.18  ? 84  LEU A CB  1 
ATOM 600  C CG  . LEU A 1 80  ? -1.720  12.561  16.844  1.00 89.01  ? 84  LEU A CG  1 
ATOM 601  C CD1 . LEU A 1 80  ? -1.666  13.279  15.500  1.00 89.21  ? 84  LEU A CD1 1 
ATOM 602  C CD2 . LEU A 1 80  ? -1.985  13.573  17.947  1.00 89.11  ? 84  LEU A CD2 1 
ATOM 603  N N   . ARG A 1 81  ? -1.046  10.685  14.407  1.00 83.53  ? 85  ARG A N   1 
ATOM 604  C CA  . ARG A 1 81  ? -0.581  10.906  13.046  1.00 81.58  ? 85  ARG A CA  1 
ATOM 605  C C   . ARG A 1 81  ? -0.816  9.655   12.212  1.00 80.18  ? 85  ARG A C   1 
ATOM 606  O O   . ARG A 1 81  ? -1.084  9.735   11.013  1.00 80.85  ? 85  ARG A O   1 
ATOM 607  C CB  . ARG A 1 81  ? 0.904   11.277  13.050  1.00 82.45  ? 85  ARG A CB  1 
ATOM 608  C CG  . ARG A 1 81  ? 1.458   11.649  11.686  1.00 84.56  ? 85  ARG A CG  1 
ATOM 609  C CD  . ARG A 1 81  ? 2.596   12.649  11.814  1.00 86.13  ? 85  ARG A CD  1 
ATOM 610  N NE  . ARG A 1 81  ? 3.132   13.043  10.512  1.00 88.01  ? 85  ARG A NE  1 
ATOM 611  C CZ  . ARG A 1 81  ? 3.959   14.066  10.322  1.00 88.28  ? 85  ARG A CZ  1 
ATOM 612  N NH1 . ARG A 1 81  ? 4.349   14.806  11.352  1.00 88.55  ? 85  ARG A NH1 1 
ATOM 613  N NH2 . ARG A 1 81  ? 4.402   14.346  9.104   1.00 87.34  ? 85  ARG A NH2 1 
ATOM 614  N N   . ALA A 1 82  ? -0.702  8.497   12.850  1.00 77.77  ? 86  ALA A N   1 
ATOM 615  C CA  . ALA A 1 82  ? -0.920  7.234   12.163  1.00 75.71  ? 86  ALA A CA  1 
ATOM 616  C C   . ALA A 1 82  ? -2.380  7.156   11.732  1.00 74.55  ? 86  ALA A C   1 
ATOM 617  O O   . ALA A 1 82  ? -2.684  6.851   10.581  1.00 74.17  ? 86  ALA A O   1 
ATOM 618  C CB  . ALA A 1 82  ? -0.586  6.074   13.087  1.00 75.14  ? 86  ALA A CB  1 
ATOM 619  N N   . ILE A 1 83  ? -3.281  7.453   12.662  1.00 74.02  ? 87  ILE A N   1 
ATOM 620  C CA  . ILE A 1 83  ? -4.710  7.416   12.381  1.00 73.33  ? 87  ILE A CA  1 
ATOM 621  C C   . ILE A 1 83  ? -5.068  8.431   11.299  1.00 74.09  ? 87  ILE A C   1 
ATOM 622  O O   . ILE A 1 83  ? -5.968  8.200   10.490  1.00 74.92  ? 87  ILE A O   1 
ATOM 623  C CB  . ILE A 1 83  ? -5.534  7.709   13.654  1.00 72.17  ? 87  ILE A CB  1 
ATOM 624  C CG1 . ILE A 1 83  ? -5.214  6.669   14.729  1.00 71.88  ? 87  ILE A CG1 1 
ATOM 625  C CG2 . ILE A 1 83  ? -7.021  7.675   13.335  1.00 71.42  ? 87  ILE A CG2 1 
ATOM 626  C CD1 . ILE A 1 83  ? -5.543  5.242   14.323  1.00 72.08  ? 87  ILE A CD1 1 
ATOM 627  N N   . CYS A 1 84  ? -4.361  9.555   11.288  1.00 73.54  ? 88  CYS A N   1 
ATOM 628  C CA  . CYS A 1 84  ? -4.607  10.596  10.300  1.00 73.55  ? 88  CYS A CA  1 
ATOM 629  C C   . CYS A 1 84  ? -4.336  10.122  8.874   1.00 72.21  ? 88  CYS A C   1 
ATOM 630  O O   . CYS A 1 84  ? -5.077  10.466  7.951   1.00 73.21  ? 88  CYS A O   1 
ATOM 631  C CB  . CYS A 1 84  ? -3.750  11.827  10.602  1.00 75.18  ? 88  CYS A CB  1 
ATOM 632  S SG  . CYS A 1 84  ? -4.225  12.716  12.099  1.00 79.64  ? 88  CYS A SG  1 
ATOM 633  N N   . TYR A 1 85  ? -3.272  9.343   8.690   1.00 70.20  ? 89  TYR A N   1 
ATOM 634  C CA  . TYR A 1 85  ? -2.928  8.839   7.364   1.00 67.41  ? 89  TYR A CA  1 
ATOM 635  C C   . TYR A 1 85  ? -3.892  7.775   6.858   1.00 66.13  ? 89  TYR A C   1 
ATOM 636  O O   . TYR A 1 85  ? -4.238  7.760   5.678   1.00 66.65  ? 89  TYR A O   1 
ATOM 637  C CB  . TYR A 1 85  ? -1.503  8.281   7.343   1.00 66.35  ? 89  TYR A CB  1 
ATOM 638  C CG  . TYR A 1 85  ? -0.429  9.335   7.482   1.00 67.15  ? 89  TYR A CG  1 
ATOM 639  C CD1 . TYR A 1 85  ? -0.581  10.592  6.902   1.00 68.36  ? 89  TYR A CD1 1 
ATOM 640  C CD2 . TYR A 1 85  ? 0.752   9.065   8.167   1.00 68.31  ? 89  TYR A CD2 1 
ATOM 641  C CE1 . TYR A 1 85  ? 0.419   11.555  7.001   1.00 69.04  ? 89  TYR A CE1 1 
ATOM 642  C CE2 . TYR A 1 85  ? 1.759   10.021  8.271   1.00 67.68  ? 89  TYR A CE2 1 
ATOM 643  C CZ  . TYR A 1 85  ? 1.585   11.263  7.687   1.00 67.82  ? 89  TYR A CZ  1 
ATOM 644  O OH  . TYR A 1 85  ? 2.574   12.213  7.788   1.00 69.02  ? 89  TYR A OH  1 
ATOM 645  N N   . VAL A 1 86  ? -4.327  6.888   7.747   1.00 64.48  ? 90  VAL A N   1 
ATOM 646  C CA  . VAL A 1 86  ? -5.246  5.818   7.369   1.00 62.46  ? 90  VAL A CA  1 
ATOM 647  C C   . VAL A 1 86  ? -6.563  6.359   6.813   1.00 62.76  ? 90  VAL A C   1 
ATOM 648  O O   . VAL A 1 86  ? -7.042  5.902   5.774   1.00 63.06  ? 90  VAL A O   1 
ATOM 649  C CB  . VAL A 1 86  ? -5.556  4.894   8.567   1.00 60.39  ? 90  VAL A CB  1 
ATOM 650  C CG1 . VAL A 1 86  ? -6.474  3.765   8.131   1.00 59.45  ? 90  VAL A CG1 1 
ATOM 651  C CG2 . VAL A 1 86  ? -4.269  4.333   9.133   1.00 59.62  ? 90  VAL A CG2 1 
ATOM 652  N N   . VAL A 1 87  ? -7.149  7.328   7.506   1.00 62.91  ? 91  VAL A N   1 
ATOM 653  C CA  . VAL A 1 87  ? -8.407  7.916   7.061   1.00 62.91  ? 91  VAL A CA  1 
ATOM 654  C C   . VAL A 1 87  ? -8.188  8.750   5.800   1.00 62.36  ? 91  VAL A C   1 
ATOM 655  O O   . VAL A 1 87  ? -9.071  8.838   4.945   1.00 63.13  ? 91  VAL A O   1 
ATOM 656  C CB  . VAL A 1 87  ? -9.040  8.788   8.164   1.00 62.08  ? 91  VAL A CB  1 
ATOM 657  C CG1 . VAL A 1 87  ? -9.301  7.942   9.401   1.00 61.14  ? 91  VAL A CG1 1 
ATOM 658  C CG2 . VAL A 1 87  ? -8.128  9.949   8.498   1.00 63.38  ? 91  VAL A CG2 1 
ATOM 659  N N   . ALA A 1 88  ? -7.020  9.380   5.698   1.00 60.51  ? 92  ALA A N   1 
ATOM 660  C CA  . ALA A 1 88  ? -6.699  10.183  4.525   1.00 60.03  ? 92  ALA A CA  1 
ATOM 661  C C   . ALA A 1 88  ? -6.521  9.243   3.332   1.00 60.28  ? 92  ALA A C   1 
ATOM 662  O O   . ALA A 1 88  ? -6.862  9.587   2.199   1.00 59.96  ? 92  ALA A O   1 
ATOM 663  C CB  . ALA A 1 88  ? -5.424  10.981  4.767   1.00 58.73  ? 92  ALA A CB  1 
ATOM 664  N N   . GLN A 1 89  ? -5.956  8.066   3.597   1.00 59.89  ? 93  GLN A N   1 
ATOM 665  C CA  . GLN A 1 89  ? -5.738  7.046   2.573   1.00 59.33  ? 93  GLN A CA  1 
ATOM 666  C C   . GLN A 1 89  ? -7.023  6.361   2.098   1.00 57.68  ? 93  GLN A C   1 
ATOM 667  O O   . GLN A 1 89  ? -7.234  6.186   0.900   1.00 57.43  ? 93  GLN A O   1 
ATOM 668  C CB  . GLN A 1 89  ? -4.740  6.003   3.081   1.00 59.42  ? 93  GLN A CB  1 
ATOM 669  C CG  . GLN A 1 89  ? -3.337  6.563   3.242   1.00 61.66  ? 93  GLN A CG  1 
ATOM 670  C CD  . GLN A 1 89  ? -2.484  5.737   4.180   1.00 63.21  ? 93  GLN A CD  1 
ATOM 671  O OE1 . GLN A 1 89  ? -1.776  6.279   5.032   1.00 65.13  ? 93  GLN A OE1 1 
ATOM 672  N NE2 . GLN A 1 89  ? -2.541  4.420   4.029   1.00 64.04  ? 93  GLN A NE2 1 
ATOM 673  N N   . LEU A 1 90  ? -7.875  5.963   3.036   1.00 56.95  ? 94  LEU A N   1 
ATOM 674  C CA  . LEU A 1 90  ? -9.123  5.307   2.671   1.00 56.26  ? 94  LEU A CA  1 
ATOM 675  C C   . LEU A 1 90  ? -9.989  6.269   1.865   1.00 55.79  ? 94  LEU A C   1 
ATOM 676  O O   . LEU A 1 90  ? -10.505 5.914   0.804   1.00 57.05  ? 94  LEU A O   1 
ATOM 677  C CB  . LEU A 1 90  ? -9.859  4.841   3.928   1.00 55.49  ? 94  LEU A CB  1 
ATOM 678  C CG  . LEU A 1 90  ? -9.067  3.790   4.710   1.00 56.20  ? 94  LEU A CG  1 
ATOM 679  C CD1 . LEU A 1 90  ? -9.803  3.418   5.981   1.00 56.66  ? 94  LEU A CD1 1 
ATOM 680  C CD2 . LEU A 1 90  ? -8.848  2.563   3.832   1.00 55.63  ? 94  LEU A CD2 1 
ATOM 681  N N   . LEU A 1 91  ? -10.140 7.491   2.360   1.00 53.26  ? 95  LEU A N   1 
ATOM 682  C CA  . LEU A 1 91  ? -10.926 8.485   1.644   1.00 51.79  ? 95  LEU A CA  1 
ATOM 683  C C   . LEU A 1 91  ? -10.262 8.756   0.297   1.00 49.94  ? 95  LEU A C   1 
ATOM 684  O O   . LEU A 1 91  ? -10.934 8.883   -0.725  1.00 49.30  ? 95  LEU A O   1 
ATOM 685  C CB  . LEU A 1 91  ? -11.019 9.774   2.465   1.00 51.86  ? 95  LEU A CB  1 
ATOM 686  C CG  . LEU A 1 91  ? -12.205 9.892   3.429   1.00 50.29  ? 95  LEU A CG  1 
ATOM 687  C CD1 . LEU A 1 91  ? -12.515 8.553   4.078   1.00 52.34  ? 95  LEU A CD1 1 
ATOM 688  C CD2 . LEU A 1 91  ? -11.885 10.947  4.475   1.00 49.69  ? 95  LEU A CD2 1 
ATOM 689  N N   . GLY A 1 92  ? -8.936  8.833   0.305   1.00 49.00  ? 96  GLY A N   1 
ATOM 690  C CA  . GLY A 1 92  ? -8.205  9.078   -0.923  1.00 49.01  ? 96  GLY A CA  1 
ATOM 691  C C   . GLY A 1 92  ? -8.420  7.956   -1.918  1.00 49.14  ? 96  GLY A C   1 
ATOM 692  O O   . GLY A 1 92  ? -8.525  8.195   -3.122  1.00 49.41  ? 96  GLY A O   1 
ATOM 693  N N   . ALA A 1 93  ? -8.487  6.729   -1.407  1.00 47.95  ? 97  ALA A N   1 
ATOM 694  C CA  . ALA A 1 93  ? -8.691  5.548   -2.238  1.00 47.23  ? 97  ALA A CA  1 
ATOM 695  C C   . ALA A 1 93  ? -10.050 5.604   -2.914  1.00 48.69  ? 97  ALA A C   1 
ATOM 696  O O   . ALA A 1 93  ? -10.181 5.308   -4.100  1.00 49.24  ? 97  ALA A O   1 
ATOM 697  C CB  . ALA A 1 93  ? -8.593  4.294   -1.391  1.00 46.13  ? 97  ALA A CB  1 
ATOM 698  N N   . VAL A 1 94  ? -11.065 5.980   -2.144  1.00 51.21  ? 98  VAL A N   1 
ATOM 699  C CA  . VAL A 1 94  ? -12.426 6.076   -2.656  1.00 51.92  ? 98  VAL A CA  1 
ATOM 700  C C   . VAL A 1 94  ? -12.590 7.257   -3.604  1.00 52.43  ? 98  VAL A C   1 
ATOM 701  O O   . VAL A 1 94  ? -13.278 7.156   -4.621  1.00 51.64  ? 98  VAL A O   1 
ATOM 702  C CB  . VAL A 1 94  ? -13.435 6.212   -1.501  1.00 51.00  ? 98  VAL A CB  1 
ATOM 703  C CG1 . VAL A 1 94  ? -14.844 6.342   -2.050  1.00 49.86  ? 98  VAL A CG1 1 
ATOM 704  C CG2 . VAL A 1 94  ? -13.328 5.005   -0.585  1.00 51.37  ? 98  VAL A CG2 1 
ATOM 705  N N   . ALA A 1 95  ? -11.959 8.377   -3.268  1.00 53.72  ? 99  ALA A N   1 
ATOM 706  C CA  . ALA A 1 95  ? -12.049 9.567   -4.103  1.00 55.90  ? 99  ALA A CA  1 
ATOM 707  C C   . ALA A 1 95  ? -11.573 9.193   -5.501  1.00 57.98  ? 99  ALA A C   1 
ATOM 708  O O   . ALA A 1 95  ? -12.154 9.622   -6.502  1.00 59.01  ? 99  ALA A O   1 
ATOM 709  C CB  . ALA A 1 95  ? -11.182 10.682  -3.529  1.00 54.65  ? 99  ALA A CB  1 
ATOM 710  N N   . GLY A 1 96  ? -10.511 8.391   -5.554  1.00 57.34  ? 100 GLY A N   1 
ATOM 711  C CA  . GLY A 1 96  ? -9.967  7.949   -6.822  1.00 55.16  ? 100 GLY A CA  1 
ATOM 712  C C   . GLY A 1 96  ? -10.884 6.949   -7.497  1.00 53.97  ? 100 GLY A C   1 
ATOM 713  O O   . GLY A 1 96  ? -11.159 7.051   -8.689  1.00 54.69  ? 100 GLY A O   1 
ATOM 714  N N   . ALA A 1 97  ? -11.362 5.975   -6.729  1.00 52.84  ? 101 ALA A N   1 
ATOM 715  C CA  . ALA A 1 97  ? -12.251 4.949   -7.259  1.00 52.51  ? 101 ALA A CA  1 
ATOM 716  C C   . ALA A 1 97  ? -13.528 5.580   -7.786  1.00 52.69  ? 101 ALA A C   1 
ATOM 717  O O   . ALA A 1 97  ? -14.117 5.102   -8.756  1.00 53.00  ? 101 ALA A O   1 
ATOM 718  C CB  . ALA A 1 97  ? -12.580 3.932   -6.181  1.00 52.41  ? 101 ALA A CB  1 
ATOM 719  N N   . ALA A 1 98  ? -13.957 6.652   -7.130  1.00 53.01  ? 102 ALA A N   1 
ATOM 720  C CA  . ALA A 1 98  ? -15.166 7.360   -7.524  1.00 50.43  ? 102 ALA A CA  1 
ATOM 721  C C   . ALA A 1 98  ? -14.999 7.978   -8.904  1.00 50.18  ? 102 ALA A C   1 
ATOM 722  O O   . ALA A 1 98  ? -15.855 7.807   -9.770  1.00 50.66  ? 102 ALA A O   1 
ATOM 723  C CB  . ALA A 1 98  ? -15.482 8.440   -6.508  1.00 47.25  ? 102 ALA A CB  1 
ATOM 724  N N   . VAL A 1 99  ? -13.888 8.676   -9.117  1.00 50.51  ? 103 VAL A N   1 
ATOM 725  C CA  . VAL A 1 99  ? -13.642 9.321   -10.403 1.00 52.39  ? 103 VAL A CA  1 
ATOM 726  C C   . VAL A 1 99  ? -13.396 8.311   -11.522 1.00 53.30  ? 103 VAL A C   1 
ATOM 727  O O   . VAL A 1 99  ? -13.893 8.483   -12.632 1.00 54.50  ? 103 VAL A O   1 
ATOM 728  C CB  . VAL A 1 99  ? -12.436 10.307  -10.339 1.00 51.24  ? 103 VAL A CB  1 
ATOM 729  C CG1 . VAL A 1 99  ? -12.604 11.253  -9.167  1.00 51.11  ? 103 VAL A CG1 1 
ATOM 730  C CG2 . VAL A 1 99  ? -11.129 9.548   -10.229 1.00 50.85  ? 103 VAL A CG2 1 
ATOM 731  N N   . LEU A 1 100 ? -12.643 7.255   -11.233 1.00 52.92  ? 104 LEU A N   1 
ATOM 732  C CA  . LEU A 1 100 ? -12.361 6.244   -12.244 1.00 53.36  ? 104 LEU A CA  1 
ATOM 733  C C   . LEU A 1 100 ? -13.669 5.690   -12.783 1.00 53.70  ? 104 LEU A C   1 
ATOM 734  O O   . LEU A 1 100 ? -13.797 5.416   -13.977 1.00 50.80  ? 104 LEU A O   1 
ATOM 735  C CB  . LEU A 1 100 ? -11.541 5.094   -11.649 1.00 52.89  ? 104 LEU A CB  1 
ATOM 736  C CG  . LEU A 1 100 ? -11.367 3.871   -12.561 1.00 51.42  ? 104 LEU A CG  1 
ATOM 737  C CD1 . LEU A 1 100 ? -10.478 4.222   -13.747 1.00 48.74  ? 104 LEU A CD1 1 
ATOM 738  C CD2 . LEU A 1 100 ? -10.771 2.724   -11.769 1.00 51.51  ? 104 LEU A CD2 1 
ATOM 739  N N   . TYR A 1 101 ? -14.639 5.531   -11.889 1.00 55.13  ? 105 TYR A N   1 
ATOM 740  C CA  . TYR A 1 101 ? -15.943 5.001   -12.264 1.00 57.68  ? 105 TYR A CA  1 
ATOM 741  C C   . TYR A 1 101 ? -16.670 5.903   -13.258 1.00 58.46  ? 105 TYR A C   1 
ATOM 742  O O   . TYR A 1 101 ? -17.182 5.444   -14.283 1.00 58.49  ? 105 TYR A O   1 
ATOM 743  C CB  . TYR A 1 101 ? -16.831 4.850   -11.026 1.00 56.35  ? 105 TYR A CB  1 
ATOM 744  C CG  . TYR A 1 101 ? -18.247 4.497   -11.393 1.00 55.71  ? 105 TYR A CG  1 
ATOM 745  C CD1 . TYR A 1 101 ? -18.611 3.172   -11.619 1.00 57.38  ? 105 TYR A CD1 1 
ATOM 746  C CD2 . TYR A 1 101 ? -19.193 5.492   -11.624 1.00 54.22  ? 105 TYR A CD2 1 
ATOM 747  C CE1 . TYR A 1 101 ? -19.878 2.846   -12.075 1.00 58.22  ? 105 TYR A CE1 1 
ATOM 748  C CE2 . TYR A 1 101 ? -20.460 5.178   -12.082 1.00 57.79  ? 105 TYR A CE2 1 
ATOM 749  C CZ  . TYR A 1 101 ? -20.795 3.850   -12.308 1.00 59.96  ? 105 TYR A CZ  1 
ATOM 750  O OH  . TYR A 1 101 ? -22.040 3.522   -12.791 1.00 65.44  ? 105 TYR A OH  1 
ATOM 751  N N   . SER A 1 102 ? -16.707 7.189   -12.939 1.00 58.67  ? 106 SER A N   1 
ATOM 752  C CA  . SER A 1 102 ? -17.383 8.177   -13.764 1.00 58.98  ? 106 SER A CA  1 
ATOM 753  C C   . SER A 1 102 ? -16.805 8.300   -15.169 1.00 60.06  ? 106 SER A C   1 
ATOM 754  O O   . SER A 1 102 ? -17.533 8.552   -16.130 1.00 62.19  ? 106 SER A O   1 
ATOM 755  C CB  . SER A 1 102 ? -17.336 9.539   -13.072 1.00 57.50  ? 106 SER A CB  1 
ATOM 756  O OG  . SER A 1 102 ? -15.999 9.927   -12.810 1.00 56.36  ? 106 SER A OG  1 
ATOM 757  N N   . VAL A 1 103 ? -15.497 8.114   -15.286 1.00 59.53  ? 107 VAL A N   1 
ATOM 758  C CA  . VAL A 1 103 ? -14.826 8.251   -16.568 1.00 58.76  ? 107 VAL A CA  1 
ATOM 759  C C   . VAL A 1 103 ? -14.797 7.025   -17.487 1.00 58.81  ? 107 VAL A C   1 
ATOM 760  O O   . VAL A 1 103 ? -14.860 7.167   -18.705 1.00 57.00  ? 107 VAL A O   1 
ATOM 761  C CB  . VAL A 1 103 ? -13.390 8.736   -16.354 1.00 59.04  ? 107 VAL A CB  1 
ATOM 762  C CG1 . VAL A 1 103 ? -12.778 9.102   -17.678 1.00 62.62  ? 107 VAL A CG1 1 
ATOM 763  C CG2 . VAL A 1 103 ? -13.381 9.930   -15.413 1.00 58.38  ? 107 VAL A CG2 1 
ATOM 764  N N   . THR A 1 104 ? -14.701 5.826   -16.924 1.00 60.78  ? 108 THR A N   1 
ATOM 765  C CA  . THR A 1 104 ? -14.658 4.625   -17.757 1.00 62.67  ? 108 THR A CA  1 
ATOM 766  C C   . THR A 1 104 ? -16.054 4.232   -18.235 1.00 64.02  ? 108 THR A C   1 
ATOM 767  O O   . THR A 1 104 ? -17.031 4.375   -17.499 1.00 64.99  ? 108 THR A O   1 
ATOM 768  C CB  . THR A 1 104 ? -14.057 3.427   -16.997 1.00 62.53  ? 108 THR A CB  1 
ATOM 769  O OG1 . THR A 1 104 ? -15.020 2.920   -16.066 1.00 66.00  ? 108 THR A OG1 1 
ATOM 770  C CG2 . THR A 1 104 ? -12.809 3.849   -16.239 1.00 61.55  ? 108 THR A CG2 1 
ATOM 771  N N   . PRO A 1 105 ? -16.167 3.741   -19.485 1.00 64.79  ? 109 PRO A N   1 
ATOM 772  C CA  . PRO A 1 105 ? -17.452 3.325   -20.058 1.00 64.57  ? 109 PRO A CA  1 
ATOM 773  C C   . PRO A 1 105 ? -18.078 2.163   -19.285 1.00 65.47  ? 109 PRO A C   1 
ATOM 774  O O   . PRO A 1 105 ? -17.385 1.428   -18.582 1.00 65.96  ? 109 PRO A O   1 
ATOM 775  C CB  . PRO A 1 105 ? -17.083 2.937   -21.486 1.00 63.20  ? 109 PRO A CB  1 
ATOM 776  C CG  . PRO A 1 105 ? -15.942 3.842   -21.787 1.00 62.48  ? 109 PRO A CG  1 
ATOM 777  C CD  . PRO A 1 105 ? -15.123 3.748   -20.524 1.00 63.56  ? 109 PRO A CD  1 
ATOM 778  N N   . PRO A 1 106 ? -19.403 1.981   -19.414 1.00 66.07  ? 110 PRO A N   1 
ATOM 779  C CA  . PRO A 1 106 ? -20.139 0.911   -18.730 1.00 66.00  ? 110 PRO A CA  1 
ATOM 780  C C   . PRO A 1 106 ? -19.581 -0.484  -19.015 1.00 66.15  ? 110 PRO A C   1 
ATOM 781  O O   . PRO A 1 106 ? -19.266 -1.235  -18.093 1.00 65.14  ? 110 PRO A O   1 
ATOM 782  C CB  . PRO A 1 106 ? -21.561 1.075   -19.265 1.00 66.13  ? 110 PRO A CB  1 
ATOM 783  C CG  . PRO A 1 106 ? -21.638 2.538   -19.583 1.00 66.28  ? 110 PRO A CG  1 
ATOM 784  C CD  . PRO A 1 106 ? -20.313 2.792   -20.242 1.00 65.67  ? 110 PRO A CD  1 
ATOM 785  N N   . ALA A 1 107 ? -19.468 -0.822  -20.297 1.00 67.60  ? 111 ALA A N   1 
ATOM 786  C CA  . ALA A 1 107 ? -18.956 -2.121  -20.720 1.00 67.82  ? 111 ALA A CA  1 
ATOM 787  C C   . ALA A 1 107 ? -17.543 -2.345  -20.203 1.00 68.91  ? 111 ALA A C   1 
ATOM 788  O O   . ALA A 1 107 ? -17.161 -3.468  -19.879 1.00 67.86  ? 111 ALA A O   1 
ATOM 789  C CB  . ALA A 1 107 ? -18.977 -2.219  -22.235 1.00 67.34  ? 111 ALA A CB  1 
ATOM 790  N N   . VAL A 1 108 ? -16.772 -1.266  -20.131 1.00 71.31  ? 112 VAL A N   1 
ATOM 791  C CA  . VAL A 1 108 ? -15.399 -1.332  -19.649 1.00 73.08  ? 112 VAL A CA  1 
ATOM 792  C C   . VAL A 1 108 ? -15.359 -1.690  -18.169 1.00 74.77  ? 112 VAL A C   1 
ATOM 793  O O   . VAL A 1 108 ? -14.757 -2.689  -17.776 1.00 75.91  ? 112 VAL A O   1 
ATOM 794  C CB  . VAL A 1 108 ? -14.678 0.012   -19.841 1.00 72.66  ? 112 VAL A CB  1 
ATOM 795  C CG1 . VAL A 1 108 ? -13.332 -0.020  -19.142 1.00 72.10  ? 112 VAL A CG1 1 
ATOM 796  C CG2 . VAL A 1 108 ? -14.505 0.298   -21.321 1.00 72.97  ? 112 VAL A CG2 1 
ATOM 797  N N   . ARG A 1 109 ? -15.999 -0.862  -17.351 1.00 76.22  ? 113 ARG A N   1 
ATOM 798  C CA  . ARG A 1 109 ? -16.035 -1.091  -15.917 1.00 77.72  ? 113 ARG A CA  1 
ATOM 799  C C   . ARG A 1 109 ? -16.823 -2.361  -15.598 1.00 78.65  ? 113 ARG A C   1 
ATOM 800  O O   . ARG A 1 109 ? -17.803 -2.685  -16.269 1.00 79.54  ? 113 ARG A O   1 
ATOM 801  C CB  . ARG A 1 109 ? -16.663 0.121   -15.205 1.00 78.97  ? 113 ARG A CB  1 
ATOM 802  C CG  . ARG A 1 109 ? -18.156 0.341   -15.469 1.00 80.29  ? 113 ARG A CG  1 
ATOM 803  C CD  . ARG A 1 109 ? -19.023 -0.579  -14.608 1.00 82.62  ? 113 ARG A CD  1 
ATOM 804  N NE  . ARG A 1 109 ? -20.436 -0.548  -14.983 1.00 83.51  ? 113 ARG A NE  1 
ATOM 805  C CZ  . ARG A 1 109 ? -21.369 -1.322  -14.436 1.00 84.04  ? 113 ARG A CZ  1 
ATOM 806  N NH1 . ARG A 1 109 ? -21.041 -2.189  -13.488 1.00 85.61  ? 113 ARG A NH1 1 
ATOM 807  N NH2 . ARG A 1 109 ? -22.629 -1.237  -14.840 1.00 83.35  ? 113 ARG A NH2 1 
ATOM 808  N N   . GLY A 1 110 ? -16.375 -3.086  -14.582 1.00 78.47  ? 114 GLY A N   1 
ATOM 809  C CA  . GLY A 1 110 ? -17.063 -4.294  -14.178 1.00 80.13  ? 114 GLY A CA  1 
ATOM 810  C C   . GLY A 1 110 ? -17.404 -4.103  -12.719 1.00 81.28  ? 114 GLY A C   1 
ATOM 811  O O   . GLY A 1 110 ? -18.530 -3.755  -12.366 1.00 81.81  ? 114 GLY A O   1 
ATOM 812  N N   . ASN A 1 111 ? -16.410 -4.326  -11.871 1.00 82.48  ? 115 ASN A N   1 
ATOM 813  C CA  . ASN A 1 111 ? -16.553 -4.152  -10.434 1.00 82.76  ? 115 ASN A CA  1 
ATOM 814  C C   . ASN A 1 111 ? -15.454 -3.177  -10.043 1.00 82.70  ? 115 ASN A C   1 
ATOM 815  O O   . ASN A 1 111 ? -15.088 -3.064  -8.872  1.00 83.85  ? 115 ASN A O   1 
ATOM 816  C CB  . ASN A 1 111 ? -16.359 -5.482  -9.704  1.00 84.22  ? 115 ASN A CB  1 
ATOM 817  C CG  . ASN A 1 111 ? -17.449 -6.485  -10.021 1.00 85.67  ? 115 ASN A CG  1 
ATOM 818  O OD1 . ASN A 1 111 ? -18.633 -6.218  -9.813  1.00 87.54  ? 115 ASN A OD1 1 
ATOM 819  N ND2 . ASN A 1 111 ? -17.055 -7.649  -10.525 1.00 86.15  ? 115 ASN A ND2 1 
ATOM 820  N N   . LEU A 1 112 ? -14.933 -2.478  -11.048 1.00 81.12  ? 116 LEU A N   1 
ATOM 821  C CA  . LEU A 1 112 ? -13.866 -1.506  -10.855 1.00 79.99  ? 116 LEU A CA  1 
ATOM 822  C C   . LEU A 1 112 ? -12.596 -2.207  -10.395 1.00 79.53  ? 116 LEU A C   1 
ATOM 823  O O   . LEU A 1 112 ? -11.823 -1.662  -9.606  1.00 78.69  ? 116 LEU A O   1 
ATOM 824  C CB  . LEU A 1 112 ? -14.293 -0.453  -9.830  1.00 80.16  ? 116 LEU A CB  1 
ATOM 825  C CG  . LEU A 1 112 ? -15.487 0.415   -10.232 1.00 80.26  ? 116 LEU A CG  1 
ATOM 826  C CD1 . LEU A 1 112 ? -15.966 1.211   -9.030  1.00 80.63  ? 116 LEU A CD1 1 
ATOM 827  C CD2 . LEU A 1 112 ? -15.093 1.339   -11.379 1.00 80.00  ? 116 LEU A CD2 1 
ATOM 828  N N   . ALA A 1 113 ? -12.394 -3.423  -10.899 1.00 79.11  ? 117 ALA A N   1 
ATOM 829  C CA  . ALA A 1 113 ? -11.228 -4.242  -10.571 1.00 78.43  ? 117 ALA A CA  1 
ATOM 830  C C   . ALA A 1 113 ? -11.266 -4.763  -9.136  1.00 78.45  ? 117 ALA A C   1 
ATOM 831  O O   . ALA A 1 113 ? -10.270 -4.696  -8.414  1.00 77.13  ? 117 ALA A O   1 
ATOM 832  C CB  . ALA A 1 113 ? -9.946  -3.449  -10.810 1.00 78.15  ? 117 ALA A CB  1 
ATOM 833  N N   . LEU A 1 114 ? -12.419 -5.289  -8.732  1.00 78.75  ? 118 LEU A N   1 
ATOM 834  C CA  . LEU A 1 114 ? -12.585 -5.825  -7.387  1.00 80.33  ? 118 LEU A CA  1 
ATOM 835  C C   . LEU A 1 114 ? -11.738 -7.079  -7.177  1.00 82.40  ? 118 LEU A C   1 
ATOM 836  O O   . LEU A 1 114 ? -11.848 -8.046  -7.930  1.00 81.57  ? 118 LEU A O   1 
ATOM 837  C CB  . LEU A 1 114 ? -14.056 -6.159  -7.126  1.00 79.23  ? 118 LEU A CB  1 
ATOM 838  C CG  . LEU A 1 114 ? -14.363 -6.849  -5.794  1.00 77.82  ? 118 LEU A CG  1 
ATOM 839  C CD1 . LEU A 1 114 ? -13.995 -5.933  -4.638  1.00 77.37  ? 118 LEU A CD1 1 
ATOM 840  C CD2 . LEU A 1 114 ? -15.833 -7.214  -5.734  1.00 77.53  ? 118 LEU A CD2 1 
ATOM 841  N N   . ASN A 1 115 ? -10.893 -7.051  -6.149  1.00 85.52  ? 119 ASN A N   1 
ATOM 842  C CA  . ASN A 1 115 ? -10.026 -8.177  -5.820  1.00 87.46  ? 119 ASN A CA  1 
ATOM 843  C C   . ASN A 1 115 ? -10.826 -9.478  -5.797  1.00 88.52  ? 119 ASN A C   1 
ATOM 844  O O   . ASN A 1 115 ? -11.447 -9.809  -4.790  1.00 89.12  ? 119 ASN A O   1 
ATOM 845  C CB  . ASN A 1 115 ? -9.380  -7.965  -4.445  1.00 89.09  ? 119 ASN A CB  1 
ATOM 846  C CG  . ASN A 1 115 ? -8.419  -6.790  -4.417  1.00 91.17  ? 119 ASN A CG  1 
ATOM 847  O OD1 . ASN A 1 115 ? -8.783  -5.663  -4.760  1.00 92.23  ? 119 ASN A OD1 1 
ATOM 848  N ND2 . ASN A 1 115 ? -7.184  -7.048  -3.998  1.00 92.30  ? 119 ASN A ND2 1 
ATOM 849  N N   . THR A 1 116 ? -10.814 -10.212 -6.903  1.00 89.60  ? 120 THR A N   1 
ATOM 850  C CA  . THR A 1 116 ? -11.545 -11.473 -6.976  1.00 89.81  ? 120 THR A CA  1 
ATOM 851  C C   . THR A 1 116 ? -10.631 -12.639 -6.582  1.00 89.41  ? 120 THR A C   1 
ATOM 852  O O   . THR A 1 116 ? -9.545  -12.797 -7.132  1.00 90.39  ? 120 THR A O   1 
ATOM 853  C CB  . THR A 1 116 ? -12.109 -11.697 -8.403  1.00 90.48  ? 120 THR A CB  1 
ATOM 854  O OG1 . THR A 1 116 ? -11.042 -11.636 -9.361  1.00 91.37  ? 120 THR A OG1 1 
ATOM 855  C CG2 . THR A 1 116 ? -13.137 -10.624 -8.741  1.00 90.92  ? 120 THR A CG2 1 
ATOM 856  N N   . LEU A 1 117 ? -11.072 -13.443 -5.617  1.00 88.19  ? 121 LEU A N   1 
ATOM 857  C CA  . LEU A 1 117 ? -10.291 -14.584 -5.150  1.00 86.02  ? 121 LEU A CA  1 
ATOM 858  C C   . LEU A 1 117 ? -10.213 -15.643 -6.255  1.00 85.85  ? 121 LEU A C   1 
ATOM 859  O O   . LEU A 1 117 ? -11.212 -15.969 -6.893  1.00 86.37  ? 121 LEU A O   1 
ATOM 860  C CB  . LEU A 1 117 ? -10.938 -15.173 -3.897  1.00 85.56  ? 121 LEU A CB  1 
ATOM 861  C CG  . LEU A 1 117 ? -10.025 -15.815 -2.850  1.00 85.63  ? 121 LEU A CG  1 
ATOM 862  C CD1 . LEU A 1 117 ? -9.119  -16.825 -3.530  1.00 86.77  ? 121 LEU A CD1 1 
ATOM 863  C CD2 . LEU A 1 117 ? -9.203  -14.744 -2.150  1.00 84.34  ? 121 LEU A CD2 1 
ATOM 864  N N   . HIS A 1 118 ? -9.020  -16.182 -6.468  1.00 85.32  ? 122 HIS A N   1 
ATOM 865  C CA  . HIS A 1 118 ? -8.801  -17.177 -7.509  1.00 85.01  ? 122 HIS A CA  1 
ATOM 866  C C   . HIS A 1 118 ? -9.483  -18.536 -7.288  1.00 84.95  ? 122 HIS A C   1 
ATOM 867  O O   . HIS A 1 118 ? -9.207  -19.224 -6.306  1.00 86.79  ? 122 HIS A O   1 
ATOM 868  C CB  . HIS A 1 118 ? -7.304  -17.368 -7.673  1.00 86.52  ? 122 HIS A CB  1 
ATOM 869  C CG  . HIS A 1 118 ? -6.917  -18.092 -8.918  1.00 88.44  ? 122 HIS A CG  1 
ATOM 870  N ND1 . HIS A 1 118 ? -5.645  -18.022 -9.437  1.00 90.25  ? 122 HIS A ND1 1 
ATOM 871  C CD2 . HIS A 1 118 ? -7.618  -18.903 -9.740  1.00 88.98  ? 122 HIS A CD2 1 
ATOM 872  C CE1 . HIS A 1 118 ? -5.577  -18.756 -10.531 1.00 90.43  ? 122 HIS A CE1 1 
ATOM 873  N NE2 . HIS A 1 118 ? -6.761  -19.302 -10.738 1.00 90.02  ? 122 HIS A NE2 1 
ATOM 874  N N   . PRO A 1 119 ? -10.369 -18.945 -8.223  1.00 83.73  ? 123 PRO A N   1 
ATOM 875  C CA  . PRO A 1 119 ? -11.118 -20.203 -8.190  1.00 82.02  ? 123 PRO A CA  1 
ATOM 876  C C   . PRO A 1 119 ? -10.620 -21.255 -7.205  1.00 79.93  ? 123 PRO A C   1 
ATOM 877  O O   . PRO A 1 119 ? -11.238 -21.513 -6.166  1.00 80.36  ? 123 PRO A O   1 
ATOM 878  C CB  . PRO A 1 119 ? -11.023 -20.662 -9.636  1.00 81.51  ? 123 PRO A CB  1 
ATOM 879  C CG  . PRO A 1 119 ? -11.285 -19.384 -10.367 1.00 83.64  ? 123 PRO A CG  1 
ATOM 880  C CD  . PRO A 1 119 ? -10.598 -18.280 -9.521  1.00 84.21  ? 123 PRO A CD  1 
ATOM 881  N N   . GLY A 1 120 ? -9.489  -21.855 -7.536  1.00 77.52  ? 124 GLY A N   1 
ATOM 882  C CA  . GLY A 1 120 ? -8.924  -22.879 -6.678  1.00 76.53  ? 124 GLY A CA  1 
ATOM 883  C C   . GLY A 1 120 ? -8.440  -22.422 -5.312  1.00 74.19  ? 124 GLY A C   1 
ATOM 884  O O   . GLY A 1 120 ? -8.707  -23.081 -4.307  1.00 73.75  ? 124 GLY A O   1 
ATOM 885  N N   . VAL A 1 121 ? -7.729  -21.301 -5.255  1.00 73.10  ? 125 VAL A N   1 
ATOM 886  C CA  . VAL A 1 121 ? -7.213  -20.825 -3.971  1.00 72.85  ? 125 VAL A CA  1 
ATOM 887  C C   . VAL A 1 121 ? -8.267  -20.704 -2.875  1.00 72.70  ? 125 VAL A C   1 
ATOM 888  O O   . VAL A 1 121 ? -9.340  -20.129 -3.076  1.00 73.35  ? 125 VAL A O   1 
ATOM 889  C CB  . VAL A 1 121 ? -6.523  -19.453 -4.085  1.00 73.31  ? 125 VAL A CB  1 
ATOM 890  C CG1 . VAL A 1 121 ? -5.776  -19.157 -2.789  1.00 73.62  ? 125 VAL A CG1 1 
ATOM 891  C CG2 . VAL A 1 121 ? -5.575  -19.436 -5.261  1.00 74.16  ? 125 VAL A CG2 1 
ATOM 892  N N   . SER A 1 122 ? -7.938  -21.239 -1.705  1.00 71.69  ? 126 SER A N   1 
ATOM 893  C CA  . SER A 1 122 ? -8.839  -21.200 -0.563  1.00 69.89  ? 126 SER A CA  1 
ATOM 894  C C   . SER A 1 122 ? -8.596  -19.916 0.218   1.00 69.19  ? 126 SER A C   1 
ATOM 895  O O   . SER A 1 122 ? -7.636  -19.196 -0.049  1.00 69.41  ? 126 SER A O   1 
ATOM 896  C CB  . SER A 1 122 ? -8.605  -22.413 0.340   1.00 71.13  ? 126 SER A CB  1 
ATOM 897  O OG  . SER A 1 122 ? -7.360  -22.330 1.014   1.00 73.25  ? 126 SER A OG  1 
ATOM 898  N N   . VAL A 1 123 ? -9.465  -19.629 1.179   1.00 68.11  ? 127 VAL A N   1 
ATOM 899  C CA  . VAL A 1 123 ? -9.339  -18.420 1.984   1.00 67.29  ? 127 VAL A CA  1 
ATOM 900  C C   . VAL A 1 123 ? -8.068  -18.381 2.832   1.00 65.94  ? 127 VAL A C   1 
ATOM 901  O O   . VAL A 1 123 ? -7.476  -17.319 3.022   1.00 65.69  ? 127 VAL A O   1 
ATOM 902  C CB  . VAL A 1 123 ? -10.558 -18.249 2.911   1.00 68.47  ? 127 VAL A CB  1 
ATOM 903  C CG1 . VAL A 1 123 ? -10.320 -17.104 3.867   1.00 69.55  ? 127 VAL A CG1 1 
ATOM 904  C CG2 . VAL A 1 123 ? -11.809 -17.987 2.084   1.00 69.04  ? 127 VAL A CG2 1 
ATOM 905  N N   . GLY A 1 124 ? -7.654  -19.536 3.342   1.00 64.10  ? 128 GLY A N   1 
ATOM 906  C CA  . GLY A 1 124 ? -6.457  -19.592 4.160   1.00 62.07  ? 128 GLY A CA  1 
ATOM 907  C C   . GLY A 1 124 ? -5.194  -19.347 3.357   1.00 62.00  ? 128 GLY A C   1 
ATOM 908  O O   . GLY A 1 124 ? -4.298  -18.629 3.797   1.00 62.61  ? 128 GLY A O   1 
ATOM 909  N N   . GLN A 1 125 ? -5.123  -19.947 2.173   1.00 60.87  ? 129 GLN A N   1 
ATOM 910  C CA  . GLN A 1 125 ? -3.963  -19.792 1.301   1.00 58.93  ? 129 GLN A CA  1 
ATOM 911  C C   . GLN A 1 125 ? -3.876  -18.351 0.814   1.00 58.59  ? 129 GLN A C   1 
ATOM 912  O O   . GLN A 1 125 ? -2.789  -17.823 0.587   1.00 59.55  ? 129 GLN A O   1 
ATOM 913  C CB  . GLN A 1 125 ? -4.085  -20.726 0.097   1.00 58.08  ? 129 GLN A CB  1 
ATOM 914  C CG  . GLN A 1 125 ? -4.482  -22.142 0.461   1.00 60.03  ? 129 GLN A CG  1 
ATOM 915  C CD  . GLN A 1 125 ? -4.667  -23.027 -0.753  1.00 60.76  ? 129 GLN A CD  1 
ATOM 916  O OE1 . GLN A 1 125 ? -3.714  -23.322 -1.471  1.00 62.85  ? 129 GLN A OE1 1 
ATOM 917  N NE2 . GLN A 1 125 ? -5.900  -23.456 -0.991  1.00 60.33  ? 129 GLN A NE2 1 
ATOM 918  N N   . ALA A 1 126 ? -5.032  -17.718 0.654   1.00 56.61  ? 130 ALA A N   1 
ATOM 919  C CA  . ALA A 1 126 ? -5.088  -16.344 0.186   1.00 55.55  ? 130 ALA A CA  1 
ATOM 920  C C   . ALA A 1 126 ? -4.535  -15.381 1.225   1.00 54.51  ? 130 ALA A C   1 
ATOM 921  O O   . ALA A 1 126 ? -3.977  -14.341 0.883   1.00 55.92  ? 130 ALA A O   1 
ATOM 922  C CB  . ALA A 1 126 ? -6.522  -15.975 -0.155  1.00 56.65  ? 130 ALA A CB  1 
ATOM 923  N N   . THR A 1 127 ? -4.688  -15.728 2.495   1.00 53.69  ? 131 THR A N   1 
ATOM 924  C CA  . THR A 1 127 ? -4.205  -14.874 3.570   1.00 54.98  ? 131 THR A CA  1 
ATOM 925  C C   . THR A 1 127 ? -2.691  -14.905 3.698   1.00 55.03  ? 131 THR A C   1 
ATOM 926  O O   . THR A 1 127 ? -2.054  -13.861 3.826   1.00 55.48  ? 131 THR A O   1 
ATOM 927  C CB  . THR A 1 127 ? -4.816  -15.280 4.918   1.00 55.23  ? 131 THR A CB  1 
ATOM 928  O OG1 . THR A 1 127 ? -6.241  -15.164 4.841   1.00 57.41  ? 131 THR A OG1 1 
ATOM 929  C CG2 . THR A 1 127 ? -4.292  -14.384 6.034   1.00 53.88  ? 131 THR A CG2 1 
ATOM 930  N N   . ILE A 1 128 ? -2.118  -16.104 3.675   1.00 56.17  ? 132 ILE A N   1 
ATOM 931  C CA  . ILE A 1 128 ? -0.674  -16.242 3.788   1.00 57.11  ? 132 ILE A CA  1 
ATOM 932  C C   . ILE A 1 128 ? 0.002   -15.481 2.658   1.00 56.17  ? 132 ILE A C   1 
ATOM 933  O O   . ILE A 1 128 ? 0.984   -14.776 2.884   1.00 57.32  ? 132 ILE A O   1 
ATOM 934  C CB  . ILE A 1 128 ? -0.240  -17.729 3.751   1.00 58.71  ? 132 ILE A CB  1 
ATOM 935  C CG1 . ILE A 1 128 ? 1.264   -17.825 3.464   1.00 57.82  ? 132 ILE A CG1 1 
ATOM 936  C CG2 . ILE A 1 128 ? -1.069  -18.489 2.729   1.00 60.70  ? 132 ILE A CG2 1 
ATOM 937  C CD1 . ILE A 1 128 ? 1.788   -19.239 3.339   1.00 57.06  ? 132 ILE A CD1 1 
ATOM 938  N N   . VAL A 1 129 ? -0.540  -15.600 1.447   1.00 54.64  ? 133 VAL A N   1 
ATOM 939  C CA  . VAL A 1 129 ? 0.021   -14.905 0.293   1.00 53.95  ? 133 VAL A CA  1 
ATOM 940  C C   . VAL A 1 129 ? 0.068   -13.412 0.589   1.00 55.57  ? 133 VAL A C   1 
ATOM 941  O O   . VAL A 1 129 ? 1.075   -12.752 0.338   1.00 56.39  ? 133 VAL A O   1 
ATOM 942  C CB  . VAL A 1 129 ? -0.836  -15.101 -0.962  1.00 51.87  ? 133 VAL A CB  1 
ATOM 943  C CG1 . VAL A 1 129 ? -0.245  -14.318 -2.119  1.00 51.35  ? 133 VAL A CG1 1 
ATOM 944  C CG2 . VAL A 1 129 ? -0.919  -16.555 -1.307  1.00 50.78  ? 133 VAL A CG2 1 
ATOM 945  N N   . GLU A 1 130 ? -1.033  -12.886 1.118   1.00 56.41  ? 134 GLU A N   1 
ATOM 946  C CA  . GLU A 1 130 ? -1.116  -11.479 1.469   1.00 58.42  ? 134 GLU A CA  1 
ATOM 947  C C   . GLU A 1 130 ? -0.107  -11.161 2.561   1.00 58.74  ? 134 GLU A C   1 
ATOM 948  O O   . GLU A 1 130 ? 0.442   -10.062 2.603   1.00 59.82  ? 134 GLU A O   1 
ATOM 949  C CB  . GLU A 1 130 ? -2.523  -11.127 1.947   1.00 61.33  ? 134 GLU A CB  1 
ATOM 950  C CG  . GLU A 1 130 ? -3.548  -10.988 0.829   1.00 68.13  ? 134 GLU A CG  1 
ATOM 951  C CD  . GLU A 1 130 ? -3.327  -9.750  -0.036  1.00 71.84  ? 134 GLU A CD  1 
ATOM 952  O OE1 . GLU A 1 130 ? -2.271  -9.658  -0.701  1.00 73.15  ? 134 GLU A OE1 1 
ATOM 953  O OE2 . GLU A 1 130 ? -4.213  -8.865  -0.050  1.00 74.50  ? 134 GLU A OE2 1 
ATOM 954  N N   . ILE A 1 131 ? 0.129   -12.123 3.447   1.00 59.79  ? 135 ILE A N   1 
ATOM 955  C CA  . ILE A 1 131 ? 1.081   -11.928 4.535   1.00 61.08  ? 135 ILE A CA  1 
ATOM 956  C C   . ILE A 1 131 ? 2.478   -11.686 3.982   1.00 61.56  ? 135 ILE A C   1 
ATOM 957  O O   . ILE A 1 131 ? 3.158   -10.742 4.381   1.00 63.00  ? 135 ILE A O   1 
ATOM 958  C CB  . ILE A 1 131 ? 1.126   -13.162 5.483   1.00 60.90  ? 135 ILE A CB  1 
ATOM 959  C CG1 . ILE A 1 131 ? 0.419   -12.844 6.803   1.00 61.83  ? 135 ILE A CG1 1 
ATOM 960  C CG2 . ILE A 1 131 ? 2.564   -13.560 5.775   1.00 60.36  ? 135 ILE A CG2 1 
ATOM 961  C CD1 . ILE A 1 131 ? -1.081  -12.771 6.705   1.00 61.41  ? 135 ILE A CD1 1 
ATOM 962  N N   . PHE A 1 132 ? 2.900   -12.535 3.054   1.00 61.92  ? 136 PHE A N   1 
ATOM 963  C CA  . PHE A 1 132 ? 4.224   -12.409 2.466   1.00 64.23  ? 136 PHE A CA  1 
ATOM 964  C C   . PHE A 1 132 ? 4.383   -11.220 1.532   1.00 65.71  ? 136 PHE A C   1 
ATOM 965  O O   . PHE A 1 132 ? 5.456   -10.624 1.470   1.00 68.28  ? 136 PHE A O   1 
ATOM 966  C CB  . PHE A 1 132 ? 4.608   -13.698 1.733   1.00 63.85  ? 136 PHE A CB  1 
ATOM 967  C CG  . PHE A 1 132 ? 5.152   -14.774 2.639   1.00 64.43  ? 136 PHE A CG  1 
ATOM 968  C CD1 . PHE A 1 132 ? 4.396   -15.259 3.703   1.00 64.17  ? 136 PHE A CD1 1 
ATOM 969  C CD2 . PHE A 1 132 ? 6.423   -15.300 2.427   1.00 65.54  ? 136 PHE A CD2 1 
ATOM 970  C CE1 . PHE A 1 132 ? 4.895   -16.252 4.546   1.00 62.74  ? 136 PHE A CE1 1 
ATOM 971  C CE2 . PHE A 1 132 ? 6.934   -16.294 3.264   1.00 66.15  ? 136 PHE A CE2 1 
ATOM 972  C CZ  . PHE A 1 132 ? 6.167   -16.770 4.325   1.00 65.06  ? 136 PHE A CZ  1 
ATOM 973  N N   . LEU A 1 133 ? 3.325   -10.868 0.807   1.00 65.93  ? 137 LEU A N   1 
ATOM 974  C CA  . LEU A 1 133 ? 3.404   -9.747  -0.124  1.00 64.10  ? 137 LEU A CA  1 
ATOM 975  C C   . LEU A 1 133 ? 3.741   -8.446  0.589   1.00 63.99  ? 137 LEU A C   1 
ATOM 976  O O   . LEU A 1 133 ? 4.634   -7.715  0.173   1.00 64.68  ? 137 LEU A O   1 
ATOM 977  C CB  . LEU A 1 133 ? 2.080   -9.578  -0.866  1.00 62.81  ? 137 LEU A CB  1 
ATOM 978  C CG  . LEU A 1 133 ? 1.625   -10.739 -1.746  1.00 62.76  ? 137 LEU A CG  1 
ATOM 979  C CD1 . LEU A 1 133 ? 0.222   -10.462 -2.267  1.00 61.75  ? 137 LEU A CD1 1 
ATOM 980  C CD2 . LEU A 1 133 ? 2.605   -10.928 -2.892  1.00 62.51  ? 137 LEU A CD2 1 
ATOM 981  N N   . THR A 1 134 ? 3.028   -8.157  1.669   1.00 64.07  ? 138 THR A N   1 
ATOM 982  C CA  . THR A 1 134 ? 3.272   -6.936  2.420   1.00 65.53  ? 138 THR A CA  1 
ATOM 983  C C   . THR A 1 134 ? 4.576   -6.961  3.207   1.00 66.30  ? 138 THR A C   1 
ATOM 984  O O   . THR A 1 134 ? 5.241   -5.936  3.348   1.00 67.48  ? 138 THR A O   1 
ATOM 985  C CB  . THR A 1 134 ? 2.115   -6.637  3.381   1.00 64.69  ? 138 THR A CB  1 
ATOM 986  O OG1 . THR A 1 134 ? 1.972   -7.719  4.310   1.00 66.53  ? 138 THR A OG1 1 
ATOM 987  C CG2 . THR A 1 134 ? 0.825   -6.469  2.604   1.00 65.57  ? 138 THR A CG2 1 
ATOM 988  N N   . LEU A 1 135 ? 4.943   -8.130  3.718   1.00 66.31  ? 139 LEU A N   1 
ATOM 989  C CA  . LEU A 1 135 ? 6.164   -8.246  4.501   1.00 67.55  ? 139 LEU A CA  1 
ATOM 990  C C   . LEU A 1 135 ? 7.362   -7.767  3.688   1.00 68.49  ? 139 LEU A C   1 
ATOM 991  O O   . LEU A 1 135 ? 8.169   -6.976  4.173   1.00 69.96  ? 139 LEU A O   1 
ATOM 992  C CB  . LEU A 1 135 ? 6.378   -9.696  4.946   1.00 68.27  ? 139 LEU A CB  1 
ATOM 993  C CG  . LEU A 1 135 ? 7.360   -9.952  6.098   1.00 68.58  ? 139 LEU A CG  1 
ATOM 994  C CD1 . LEU A 1 135 ? 7.322   -11.423 6.472   1.00 69.19  ? 139 LEU A CD1 1 
ATOM 995  C CD2 . LEU A 1 135 ? 8.767   -9.541  5.707   1.00 67.98  ? 139 LEU A CD2 1 
ATOM 996  N N   . GLN A 1 136 ? 7.471   -8.241  2.451   1.00 68.24  ? 140 GLN A N   1 
ATOM 997  C CA  . GLN A 1 136 ? 8.583   -7.849  1.591   1.00 68.20  ? 140 GLN A CA  1 
ATOM 998  C C   . GLN A 1 136 ? 8.487   -6.377  1.230   1.00 68.03  ? 140 GLN A C   1 
ATOM 999  O O   . GLN A 1 136 ? 9.492   -5.669  1.191   1.00 67.98  ? 140 GLN A O   1 
ATOM 1000 C CB  . GLN A 1 136 ? 8.605   -8.702  0.314   1.00 68.60  ? 140 GLN A CB  1 
ATOM 1001 C CG  . GLN A 1 136 ? 7.453   -8.476  -0.668  1.00 69.43  ? 140 GLN A CG  1 
ATOM 1002 C CD  . GLN A 1 136 ? 7.668   -7.281  -1.589  1.00 70.96  ? 140 GLN A CD  1 
ATOM 1003 O OE1 . GLN A 1 136 ? 8.727   -7.137  -2.205  1.00 72.20  ? 140 GLN A OE1 1 
ATOM 1004 N NE2 . GLN A 1 136 ? 6.657   -6.425  -1.699  1.00 70.74  ? 140 GLN A NE2 1 
ATOM 1005 N N   . PHE A 1 137 ? 7.269   -5.916  0.973   1.00 67.97  ? 141 PHE A N   1 
ATOM 1006 C CA  . PHE A 1 137 ? 7.057   -4.528  0.608   1.00 67.73  ? 141 PHE A CA  1 
ATOM 1007 C C   . PHE A 1 137 ? 7.455   -3.608  1.750   1.00 68.34  ? 141 PHE A C   1 
ATOM 1008 O O   . PHE A 1 137 ? 8.177   -2.634  1.546   1.00 69.59  ? 141 PHE A O   1 
ATOM 1009 C CB  . PHE A 1 137 ? 5.592   -4.301  0.245   1.00 67.41  ? 141 PHE A CB  1 
ATOM 1010 C CG  . PHE A 1 137 ? 5.302   -2.914  -0.237  1.00 68.39  ? 141 PHE A CG  1 
ATOM 1011 C CD1 . PHE A 1 137 ? 5.994   -2.386  -1.324  1.00 68.85  ? 141 PHE A CD1 1 
ATOM 1012 C CD2 . PHE A 1 137 ? 4.333   -2.136  0.384   1.00 67.75  ? 141 PHE A CD2 1 
ATOM 1013 C CE1 . PHE A 1 137 ? 5.722   -1.102  -1.783  1.00 68.39  ? 141 PHE A CE1 1 
ATOM 1014 C CE2 . PHE A 1 137 ? 4.053   -0.851  -0.070  1.00 68.00  ? 141 PHE A CE2 1 
ATOM 1015 C CZ  . PHE A 1 137 ? 4.749   -0.334  -1.154  1.00 68.55  ? 141 PHE A CZ  1 
ATOM 1016 N N   . VAL A 1 138 ? 6.987   -3.925  2.953   1.00 68.33  ? 142 VAL A N   1 
ATOM 1017 C CA  . VAL A 1 138 ? 7.301   -3.119  4.127   1.00 68.64  ? 142 VAL A CA  1 
ATOM 1018 C C   . VAL A 1 138 ? 8.792   -3.158  4.418   1.00 69.20  ? 142 VAL A C   1 
ATOM 1019 O O   . VAL A 1 138 ? 9.407   -2.134  4.711   1.00 69.25  ? 142 VAL A O   1 
ATOM 1020 C CB  . VAL A 1 138 ? 6.542   -3.619  5.372   1.00 67.39  ? 142 VAL A CB  1 
ATOM 1021 C CG1 . VAL A 1 138 ? 7.057   -2.912  6.617   1.00 65.57  ? 142 VAL A CG1 1 
ATOM 1022 C CG2 . VAL A 1 138 ? 5.053   -3.362  5.205   1.00 67.31  ? 142 VAL A CG2 1 
ATOM 1023 N N   . LEU A 1 139 ? 9.370   -4.348  4.335   1.00 70.36  ? 143 LEU A N   1 
ATOM 1024 C CA  . LEU A 1 139 ? 10.791  -4.511  4.597   1.00 71.63  ? 143 LEU A CA  1 
ATOM 1025 C C   . LEU A 1 139 ? 11.614  -3.674  3.621   1.00 71.09  ? 143 LEU A C   1 
ATOM 1026 O O   . LEU A 1 139 ? 12.678  -3.167  3.971   1.00 71.14  ? 143 LEU A O   1 
ATOM 1027 C CB  . LEU A 1 139 ? 11.177  -5.988  4.488   1.00 72.26  ? 143 LEU A CB  1 
ATOM 1028 C CG  . LEU A 1 139 ? 12.571  -6.362  4.991   1.00 72.71  ? 143 LEU A CG  1 
ATOM 1029 C CD1 . LEU A 1 139 ? 12.717  -5.950  6.448   1.00 73.03  ? 143 LEU A CD1 1 
ATOM 1030 C CD2 . LEU A 1 139 ? 12.781  -7.858  4.834   1.00 73.54  ? 143 LEU A CD2 1 
ATOM 1031 N N   . CYS A 1 140 ? 11.122  -3.539  2.393   1.00 70.47  ? 144 CYS A N   1 
ATOM 1032 C CA  . CYS A 1 140 ? 11.816  -2.754  1.382   1.00 70.64  ? 144 CYS A CA  1 
ATOM 1033 C C   . CYS A 1 140 ? 11.736  -1.260  1.685   1.00 71.63  ? 144 CYS A C   1 
ATOM 1034 O O   . CYS A 1 140 ? 12.747  -0.562  1.664   1.00 71.81  ? 144 CYS A O   1 
ATOM 1035 C CB  . CYS A 1 140 ? 11.220  -3.026  0.001   1.00 69.42  ? 144 CYS A CB  1 
ATOM 1036 S SG  . CYS A 1 140 ? 12.072  -2.172  -1.344  1.00 70.88  ? 144 CYS A SG  1 
ATOM 1037 N N   . ILE A 1 141 ? 10.532  -0.779  1.981   1.00 73.38  ? 145 ILE A N   1 
ATOM 1038 C CA  . ILE A 1 141 ? 10.325  0.636   2.287   1.00 74.83  ? 145 ILE A CA  1 
ATOM 1039 C C   . ILE A 1 141 ? 11.078  1.042   3.547   1.00 76.81  ? 145 ILE A C   1 
ATOM 1040 O O   . ILE A 1 141 ? 11.632  2.140   3.622   1.00 77.08  ? 145 ILE A O   1 
ATOM 1041 C CB  . ILE A 1 141 ? 8.827   0.957   2.501   1.00 73.68  ? 145 ILE A CB  1 
ATOM 1042 C CG1 . ILE A 1 141 ? 8.044   0.689   1.215   1.00 74.06  ? 145 ILE A CG1 1 
ATOM 1043 C CG2 . ILE A 1 141 ? 8.660   2.409   2.924   1.00 72.92  ? 145 ILE A CG2 1 
ATOM 1044 C CD1 . ILE A 1 141 ? 6.565   0.982   1.333   1.00 74.63  ? 145 ILE A CD1 1 
ATOM 1045 N N   . PHE A 1 142 ? 11.093  0.153   4.534   1.00 78.80  ? 146 PHE A N   1 
ATOM 1046 C CA  . PHE A 1 142 ? 11.770  0.424   5.795   1.00 81.03  ? 146 PHE A CA  1 
ATOM 1047 C C   . PHE A 1 142 ? 13.256  0.682   5.610   1.00 82.71  ? 146 PHE A C   1 
ATOM 1048 O O   . PHE A 1 142 ? 13.794  1.652   6.142   1.00 84.12  ? 146 PHE A O   1 
ATOM 1049 C CB  . PHE A 1 142 ? 11.567  -0.746  6.758   1.00 81.98  ? 146 PHE A CB  1 
ATOM 1050 C CG  . PHE A 1 142 ? 10.788  -0.386  7.986   1.00 83.49  ? 146 PHE A CG  1 
ATOM 1051 C CD1 . PHE A 1 142 ? 9.524   0.188   7.880   1.00 84.00  ? 146 PHE A CD1 1 
ATOM 1052 C CD2 . PHE A 1 142 ? 11.319  -0.608  9.252   1.00 84.40  ? 146 PHE A CD2 1 
ATOM 1053 C CE1 . PHE A 1 142 ? 8.798   0.536   9.013   1.00 84.37  ? 146 PHE A CE1 1 
ATOM 1054 C CE2 . PHE A 1 142 ? 10.602  -0.264  10.394  1.00 85.89  ? 146 PHE A CE2 1 
ATOM 1055 C CZ  . PHE A 1 142 ? 9.337   0.311   10.273  1.00 86.05  ? 146 PHE A CZ  1 
ATOM 1056 N N   . ALA A 1 143 ? 13.918  -0.186  4.852   1.00 83.50  ? 147 ALA A N   1 
ATOM 1057 C CA  . ALA A 1 143 ? 15.346  -0.041  4.604   1.00 84.11  ? 147 ALA A CA  1 
ATOM 1058 C C   . ALA A 1 143 ? 15.611  1.219   3.792   1.00 85.24  ? 147 ALA A C   1 
ATOM 1059 O O   . ALA A 1 143 ? 16.479  2.020   4.132   1.00 85.59  ? 147 ALA A O   1 
ATOM 1060 C CB  . ALA A 1 143 ? 15.872  -1.260  3.862   1.00 84.12  ? 147 ALA A CB  1 
ATOM 1061 N N   . THR A 1 144 ? 14.847  1.388   2.719   1.00 86.92  ? 148 THR A N   1 
ATOM 1062 C CA  . THR A 1 144 ? 14.982  2.541   1.839   1.00 88.90  ? 148 THR A CA  1 
ATOM 1063 C C   . THR A 1 144 ? 15.061  3.864   2.594   1.00 90.58  ? 148 THR A C   1 
ATOM 1064 O O   . THR A 1 144 ? 15.911  4.703   2.302   1.00 91.21  ? 148 THR A O   1 
ATOM 1065 C CB  . THR A 1 144 ? 13.800  2.618   0.854   1.00 88.47  ? 148 THR A CB  1 
ATOM 1066 O OG1 . THR A 1 144 ? 13.853  1.504   -0.042  1.00 89.52  ? 148 THR A OG1 1 
ATOM 1067 C CG2 . THR A 1 144 ? 13.850  3.908   0.058   1.00 88.47  ? 148 THR A CG2 1 
ATOM 1068 N N   . TYR A 1 145 ? 14.172  4.043   3.565   1.00 92.40  ? 149 TYR A N   1 
ATOM 1069 C CA  . TYR A 1 145 ? 14.129  5.274   4.344   1.00 94.28  ? 149 TYR A CA  1 
ATOM 1070 C C   . TYR A 1 145 ? 15.165  5.325   5.459   1.00 95.42  ? 149 TYR A C   1 
ATOM 1071 O O   . TYR A 1 145 ? 15.568  6.404   5.886   1.00 95.32  ? 149 TYR A O   1 
ATOM 1072 C CB  . TYR A 1 145 ? 12.732  5.467   4.943   1.00 95.12  ? 149 TYR A CB  1 
ATOM 1073 C CG  . TYR A 1 145 ? 11.617  5.629   3.926   1.00 96.45  ? 149 TYR A CG  1 
ATOM 1074 C CD1 . TYR A 1 145 ? 10.296  5.811   4.337   1.00 97.01  ? 149 TYR A CD1 1 
ATOM 1075 C CD2 . TYR A 1 145 ? 11.879  5.604   2.553   1.00 96.55  ? 149 TYR A CD2 1 
ATOM 1076 C CE1 . TYR A 1 145 ? 9.265   5.965   3.410   1.00 97.06  ? 149 TYR A CE1 1 
ATOM 1077 C CE2 . TYR A 1 145 ? 10.854  5.758   1.618   1.00 96.21  ? 149 TYR A CE2 1 
ATOM 1078 C CZ  . TYR A 1 145 ? 9.553   5.937   2.055   1.00 96.36  ? 149 TYR A CZ  1 
ATOM 1079 O OH  . TYR A 1 145 ? 8.541   6.092   1.137   1.00 96.89  ? 149 TYR A OH  1 
ATOM 1080 N N   . ASP A 1 146 ? 15.595  4.159   5.931   1.00 97.47  ? 150 ASP A N   1 
ATOM 1081 C CA  . ASP A 1 146 ? 16.574  4.090   7.009   1.00 99.94  ? 150 ASP A CA  1 
ATOM 1082 C C   . ASP A 1 146 ? 17.763  5.021   6.799   1.00 101.61 ? 150 ASP A C   1 
ATOM 1083 O O   . ASP A 1 146 ? 18.688  4.707   6.051   1.00 102.00 ? 150 ASP A O   1 
ATOM 1084 C CB  . ASP A 1 146 ? 17.074  2.657   7.179   1.00 100.33 ? 150 ASP A CB  1 
ATOM 1085 C CG  . ASP A 1 146 ? 18.127  2.536   8.259   1.00 101.40 ? 150 ASP A CG  1 
ATOM 1086 O OD1 . ASP A 1 146 ? 17.837  2.907   9.415   1.00 102.41 ? 150 ASP A OD1 1 
ATOM 1087 O OD2 . ASP A 1 146 ? 19.245  2.073   7.955   1.00 102.72 ? 150 ASP A OD2 1 
ATOM 1088 N N   . GLU A 1 147 ? 17.732  6.165   7.473   1.00 104.09 ? 151 GLU A N   1 
ATOM 1089 C CA  . GLU A 1 147 ? 18.797  7.160   7.378   1.00 106.72 ? 151 GLU A CA  1 
ATOM 1090 C C   . GLU A 1 147 ? 20.172  6.542   7.612   1.00 107.57 ? 151 GLU A C   1 
ATOM 1091 O O   . GLU A 1 147 ? 21.102  6.761   6.836   1.00 107.31 ? 151 GLU A O   1 
ATOM 1092 C CB  . GLU A 1 147 ? 18.573  8.268   8.412   1.00 108.51 ? 151 GLU A CB  1 
ATOM 1093 C CG  . GLU A 1 147 ? 18.575  7.764   9.854   1.00 110.94 ? 151 GLU A CG  1 
ATOM 1094 C CD  . GLU A 1 147 ? 18.671  8.878   10.877  1.00 111.79 ? 151 GLU A CD  1 
ATOM 1095 O OE1 . GLU A 1 147 ? 17.738  9.706   10.953  1.00 113.16 ? 151 GLU A OE1 1 
ATOM 1096 O OE2 . GLU A 1 147 ? 19.684  8.924   11.606  1.00 111.84 ? 151 GLU A OE2 1 
ATOM 1097 N N   . ARG A 1 148 ? 20.282  5.775   8.691   1.00 109.33 ? 152 ARG A N   1 
ATOM 1098 C CA  . ARG A 1 148 ? 21.523  5.117   9.086   1.00 111.05 ? 152 ARG A CA  1 
ATOM 1099 C C   . ARG A 1 148 ? 22.415  4.776   7.899   1.00 111.75 ? 152 ARG A C   1 
ATOM 1100 O O   . ARG A 1 148 ? 23.622  5.020   7.926   1.00 111.86 ? 152 ARG A O   1 
ATOM 1101 C CB  . ARG A 1 148 ? 21.207  3.839   9.864   1.00 112.28 ? 152 ARG A CB  1 
ATOM 1102 C CG  . ARG A 1 148 ? 22.201  3.525   10.964  1.00 114.89 ? 152 ARG A CG  1 
ATOM 1103 C CD  . ARG A 1 148 ? 21.983  4.397   12.196  1.00 117.54 ? 152 ARG A CD  1 
ATOM 1104 N NE  . ARG A 1 148 ? 20.817  3.984   12.978  1.00 120.03 ? 152 ARG A NE  1 
ATOM 1105 C CZ  . ARG A 1 148 ? 19.553  4.257   12.666  1.00 121.04 ? 152 ARG A CZ  1 
ATOM 1106 N NH1 . ARG A 1 148 ? 19.264  4.955   11.575  1.00 121.73 ? 152 ARG A NH1 1 
ATOM 1107 N NH2 . ARG A 1 148 ? 18.570  3.830   13.448  1.00 120.98 ? 152 ARG A NH2 1 
ATOM 1108 N N   . ARG A 1 149 ? 21.814  4.212   6.858   1.00 112.46 ? 153 ARG A N   1 
ATOM 1109 C CA  . ARG A 1 149 ? 22.556  3.831   5.665   1.00 113.07 ? 153 ARG A CA  1 
ATOM 1110 C C   . ARG A 1 149 ? 22.677  4.947   4.640   1.00 113.45 ? 153 ARG A C   1 
ATOM 1111 O O   . ARG A 1 149 ? 21.686  5.363   4.039   1.00 113.39 ? 153 ARG A O   1 
ATOM 1112 C CB  . ARG A 1 149 ? 21.903  2.618   5.001   1.00 113.17 ? 153 ARG A CB  1 
ATOM 1113 C CG  . ARG A 1 149 ? 22.501  2.265   3.650   1.00 114.14 ? 153 ARG A CG  1 
ATOM 1114 C CD  . ARG A 1 149 ? 21.890  0.995   3.095   1.00 114.28 ? 153 ARG A CD  1 
ATOM 1115 N NE  . ARG A 1 149 ? 20.433  1.043   3.099   1.00 114.38 ? 153 ARG A NE  1 
ATOM 1116 C CZ  . ARG A 1 149 ? 19.657  0.094   2.587   1.00 114.73 ? 153 ARG A CZ  1 
ATOM 1117 N NH1 . ARG A 1 149 ? 20.201  -0.976  2.028   1.00 115.04 ? 153 ARG A NH1 1 
ATOM 1118 N NH2 . ARG A 1 149 ? 18.337  0.214   2.636   1.00 115.38 ? 153 ARG A NH2 1 
ATOM 1119 N N   . ASN A 1 150 ? 23.900  5.426   4.445   1.00 113.92 ? 154 ASN A N   1 
ATOM 1120 C CA  . ASN A 1 150 ? 24.165  6.475   3.472   1.00 114.58 ? 154 ASN A CA  1 
ATOM 1121 C C   . ASN A 1 150 ? 24.340  5.771   2.133   1.00 114.97 ? 154 ASN A C   1 
ATOM 1122 O O   . ASN A 1 150 ? 23.559  5.969   1.200   1.00 115.21 ? 154 ASN A O   1 
ATOM 1123 C CB  . ASN A 1 150 ? 25.450  7.222   3.837   1.00 114.20 ? 154 ASN A CB  1 
ATOM 1124 C CG  . ASN A 1 150 ? 25.408  7.803   5.237   1.00 113.61 ? 154 ASN A CG  1 
ATOM 1125 O OD1 . ASN A 1 150 ? 24.571  8.650   5.544   1.00 113.10 ? 154 ASN A OD1 1 
ATOM 1126 N ND2 . ASN A 1 150 ? 26.313  7.347   6.096   1.00 113.34 ? 154 ASN A ND2 1 
ATOM 1127 N N   . GLY A 1 151 ? 25.374  4.940   2.066   1.00 115.59 ? 155 GLY A N   1 
ATOM 1128 C CA  . GLY A 1 151 ? 25.677  4.175   0.869   1.00 116.12 ? 155 GLY A CA  1 
ATOM 1129 C C   . GLY A 1 151 ? 25.314  4.782   -0.472  1.00 116.08 ? 155 GLY A C   1 
ATOM 1130 O O   . GLY A 1 151 ? 25.394  5.996   -0.677  1.00 115.89 ? 155 GLY A O   1 
ATOM 1131 N N   . ARG A 1 152 ? 24.914  3.909   -1.392  1.00 115.78 ? 156 ARG A N   1 
ATOM 1132 C CA  . ARG A 1 152 ? 24.540  4.296   -2.746  1.00 114.79 ? 156 ARG A CA  1 
ATOM 1133 C C   . ARG A 1 152 ? 23.300  3.527   -3.197  1.00 113.83 ? 156 ARG A C   1 
ATOM 1134 O O   . ARG A 1 152 ? 23.281  2.934   -4.277  1.00 113.72 ? 156 ARG A O   1 
ATOM 1135 C CB  . ARG A 1 152 ? 25.703  4.024   -3.709  1.00 115.09 ? 156 ARG A CB  1 
ATOM 1136 C CG  . ARG A 1 152 ? 26.649  2.917   -3.251  1.00 115.49 ? 156 ARG A CG  1 
ATOM 1137 C CD  . ARG A 1 152 ? 27.552  3.411   -2.128  1.00 116.55 ? 156 ARG A CD  1 
ATOM 1138 N NE  . ARG A 1 152 ? 28.111  2.327   -1.326  1.00 117.50 ? 156 ARG A NE  1 
ATOM 1139 C CZ  . ARG A 1 152 ? 28.839  2.513   -0.229  1.00 117.97 ? 156 ARG A CZ  1 
ATOM 1140 N NH1 . ARG A 1 152 ? 29.097  3.743   0.198   1.00 118.13 ? 156 ARG A NH1 1 
ATOM 1141 N NH2 . ARG A 1 152 ? 29.306  1.472   0.446   1.00 118.11 ? 156 ARG A NH2 1 
ATOM 1142 N N   . LEU A 1 153 ? 22.268  3.540   -2.359  1.00 112.62 ? 157 LEU A N   1 
ATOM 1143 C CA  . LEU A 1 153 ? 21.020  2.851   -2.668  1.00 111.13 ? 157 LEU A CA  1 
ATOM 1144 C C   . LEU A 1 153 ? 20.473  3.367   -3.993  1.00 110.38 ? 157 LEU A C   1 
ATOM 1145 O O   . LEU A 1 153 ? 19.742  2.665   -4.690  1.00 110.03 ? 157 LEU A O   1 
ATOM 1146 C CB  . LEU A 1 153 ? 19.988  3.093   -1.562  1.00 110.81 ? 157 LEU A CB  1 
ATOM 1147 C CG  . LEU A 1 153 ? 20.309  2.626   -0.138  1.00 110.43 ? 157 LEU A CG  1 
ATOM 1148 C CD1 . LEU A 1 153 ? 21.490  3.407   0.423   1.00 110.59 ? 157 LEU A CD1 1 
ATOM 1149 C CD2 . LEU A 1 153 ? 19.086  2.826   0.739   1.00 109.96 ? 157 LEU A CD2 1 
ATOM 1150 N N   . GLY A 1 154 ? 20.839  4.600   -4.328  1.00 109.81 ? 158 GLY A N   1 
ATOM 1151 C CA  . GLY A 1 154 ? 20.380  5.203   -5.564  1.00 109.10 ? 158 GLY A CA  1 
ATOM 1152 C C   . GLY A 1 154 ? 18.981  5.773   -5.430  1.00 108.43 ? 158 GLY A C   1 
ATOM 1153 O O   . GLY A 1 154 ? 18.601  6.254   -4.364  1.00 108.92 ? 158 GLY A O   1 
ATOM 1154 N N   . SER A 1 155 ? 18.213  5.718   -6.514  1.00 106.96 ? 159 SER A N   1 
ATOM 1155 C CA  . SER A 1 155 ? 16.850  6.230   -6.506  1.00 105.11 ? 159 SER A CA  1 
ATOM 1156 C C   . SER A 1 155 ? 16.020  5.450   -5.496  1.00 103.30 ? 159 SER A C   1 
ATOM 1157 O O   . SER A 1 155 ? 15.400  4.444   -5.834  1.00 103.20 ? 159 SER A O   1 
ATOM 1158 C CB  . SER A 1 155 ? 16.229  6.103   -7.899  1.00 105.88 ? 159 SER A CB  1 
ATOM 1159 O OG  . SER A 1 155 ? 14.930  6.667   -7.931  1.00 106.27 ? 159 SER A OG  1 
ATOM 1160 N N   . VAL A 1 156 ? 16.017  5.919   -4.256  1.00 101.66 ? 160 VAL A N   1 
ATOM 1161 C CA  . VAL A 1 156 ? 15.266  5.264   -3.194  1.00 100.41 ? 160 VAL A CA  1 
ATOM 1162 C C   . VAL A 1 156 ? 13.789  5.151   -3.556  1.00 99.97  ? 160 VAL A C   1 
ATOM 1163 O O   . VAL A 1 156 ? 13.132  4.168   -3.212  1.00 99.85  ? 160 VAL A O   1 
ATOM 1164 C CB  . VAL A 1 156 ? 15.400  6.033   -1.858  1.00 100.07 ? 160 VAL A CB  1 
ATOM 1165 C CG1 . VAL A 1 156 ? 16.854  6.055   -1.414  1.00 99.17  ? 160 VAL A CG1 1 
ATOM 1166 C CG2 . VAL A 1 156 ? 14.866  7.448   -2.013  1.00 99.65  ? 160 VAL A CG2 1 
ATOM 1167 N N   . ALA A 1 157 ? 13.273  6.156   -4.256  1.00 99.45  ? 161 ALA A N   1 
ATOM 1168 C CA  . ALA A 1 157 ? 11.871  6.166   -4.660  1.00 98.96  ? 161 ALA A CA  1 
ATOM 1169 C C   . ALA A 1 157 ? 11.592  5.125   -5.740  1.00 98.06  ? 161 ALA A C   1 
ATOM 1170 O O   . ALA A 1 157 ? 10.543  4.479   -5.732  1.00 98.24  ? 161 ALA A O   1 
ATOM 1171 C CB  . ALA A 1 157 ? 11.485  7.551   -5.158  1.00 99.42  ? 161 ALA A CB  1 
ATOM 1172 N N   . LEU A 1 158 ? 12.526  4.971   -6.673  1.00 96.42  ? 162 LEU A N   1 
ATOM 1173 C CA  . LEU A 1 158 ? 12.370  3.999   -7.750  1.00 94.54  ? 162 LEU A CA  1 
ATOM 1174 C C   . LEU A 1 158 ? 12.512  2.588   -7.195  1.00 93.10  ? 162 LEU A C   1 
ATOM 1175 O O   . LEU A 1 158 ? 11.872  1.652   -7.675  1.00 93.54  ? 162 LEU A O   1 
ATOM 1176 C CB  . LEU A 1 158 ? 13.412  4.236   -8.847  1.00 93.77  ? 162 LEU A CB  1 
ATOM 1177 C CG  . LEU A 1 158 ? 13.299  3.342   -10.087 1.00 92.42  ? 162 LEU A CG  1 
ATOM 1178 C CD1 . LEU A 1 158 ? 11.896  3.437   -10.674 1.00 91.24  ? 162 LEU A CD1 1 
ATOM 1179 C CD2 . LEU A 1 158 ? 14.336  3.768   -11.109 1.00 91.86  ? 162 LEU A CD2 1 
ATOM 1180 N N   . ALA A 1 159 ? 13.365  2.442   -6.188  1.00 90.92  ? 163 ALA A N   1 
ATOM 1181 C CA  . ALA A 1 159 ? 13.586  1.151   -5.558  1.00 88.69  ? 163 ALA A CA  1 
ATOM 1182 C C   . ALA A 1 159 ? 12.258  0.625   -5.036  1.00 87.64  ? 163 ALA A C   1 
ATOM 1183 O O   . ALA A 1 159 ? 11.898  -0.528  -5.271  1.00 88.33  ? 163 ALA A O   1 
ATOM 1184 C CB  . ALA A 1 159 ? 14.580  1.288   -4.415  1.00 87.87  ? 163 ALA A CB  1 
ATOM 1185 N N   . VAL A 1 160 ? 11.529  1.482   -4.332  1.00 86.32  ? 164 VAL A N   1 
ATOM 1186 C CA  . VAL A 1 160 ? 10.236  1.101   -3.781  1.00 85.80  ? 164 VAL A CA  1 
ATOM 1187 C C   . VAL A 1 160 ? 9.255   0.766   -4.899  1.00 85.87  ? 164 VAL A C   1 
ATOM 1188 O O   . VAL A 1 160 ? 8.412   -0.117  -4.753  1.00 86.71  ? 164 VAL A O   1 
ATOM 1189 C CB  . VAL A 1 160 ? 9.636   2.238   -2.924  1.00 84.69  ? 164 VAL A CB  1 
ATOM 1190 C CG1 . VAL A 1 160 ? 8.297   1.806   -2.349  1.00 84.10  ? 164 VAL A CG1 1 
ATOM 1191 C CG2 . VAL A 1 160 ? 10.594  2.611   -1.808  1.00 85.39  ? 164 VAL A CG2 1 
ATOM 1192 N N   . GLY A 1 161 ? 9.373   1.472   -6.020  1.00 85.56  ? 165 GLY A N   1 
ATOM 1193 C CA  . GLY A 1 161 ? 8.473   1.237   -7.134  1.00 84.91  ? 165 GLY A CA  1 
ATOM 1194 C C   . GLY A 1 161 ? 8.467   -0.192  -7.637  1.00 84.66  ? 165 GLY A C   1 
ATOM 1195 O O   . GLY A 1 161 ? 7.403   -0.783  -7.821  1.00 84.59  ? 165 GLY A O   1 
ATOM 1196 N N   . PHE A 1 162 ? 9.652   -0.751  -7.860  1.00 85.02  ? 166 PHE A N   1 
ATOM 1197 C CA  . PHE A 1 162 ? 9.764   -2.120  -8.348  1.00 85.11  ? 166 PHE A CA  1 
ATOM 1198 C C   . PHE A 1 162 ? 9.381   -3.148  -7.295  1.00 83.19  ? 166 PHE A C   1 
ATOM 1199 O O   . PHE A 1 162 ? 8.808   -4.190  -7.615  1.00 82.18  ? 166 PHE A O   1 
ATOM 1200 C CB  . PHE A 1 162 ? 11.186  -2.397  -8.843  1.00 87.93  ? 166 PHE A CB  1 
ATOM 1201 C CG  . PHE A 1 162 ? 11.516  -1.720  -10.142 1.00 90.24  ? 166 PHE A CG  1 
ATOM 1202 C CD1 . PHE A 1 162 ? 10.685  -1.870  -11.250 1.00 90.92  ? 166 PHE A CD1 1 
ATOM 1203 C CD2 . PHE A 1 162 ? 12.661  -0.943  -10.265 1.00 91.91  ? 166 PHE A CD2 1 
ATOM 1204 C CE1 . PHE A 1 162 ? 10.990  -1.256  -12.461 1.00 91.76  ? 166 PHE A CE1 1 
ATOM 1205 C CE2 . PHE A 1 162 ? 12.977  -0.324  -11.474 1.00 93.16  ? 166 PHE A CE2 1 
ATOM 1206 C CZ  . PHE A 1 162 ? 12.138  -0.482  -12.574 1.00 92.91  ? 166 PHE A CZ  1 
ATOM 1207 N N   . SER A 1 163 ? 9.686   -2.845  -6.037  1.00 81.62  ? 167 SER A N   1 
ATOM 1208 C CA  . SER A 1 163 ? 9.376   -3.754  -4.941  1.00 80.04  ? 167 SER A CA  1 
ATOM 1209 C C   . SER A 1 163 ? 7.888   -4.055  -4.940  1.00 77.49  ? 167 SER A C   1 
ATOM 1210 O O   . SER A 1 163 ? 7.473   -5.197  -4.751  1.00 78.03  ? 167 SER A O   1 
ATOM 1211 C CB  . SER A 1 163 ? 9.774   -3.125  -3.604  1.00 81.41  ? 167 SER A CB  1 
ATOM 1212 O OG  . SER A 1 163 ? 9.459   -3.985  -2.522  1.00 84.62  ? 167 SER A OG  1 
ATOM 1213 N N   . LEU A 1 164 ? 7.090   -3.017  -5.144  1.00 74.57  ? 168 LEU A N   1 
ATOM 1214 C CA  . LEU A 1 164 ? 5.646   -3.163  -5.186  1.00 71.78  ? 168 LEU A CA  1 
ATOM 1215 C C   . LEU A 1 164 ? 5.245   -3.886  -6.472  1.00 69.57  ? 168 LEU A C   1 
ATOM 1216 O O   . LEU A 1 164 ? 4.279   -4.649  -6.486  1.00 69.00  ? 168 LEU A O   1 
ATOM 1217 C CB  . LEU A 1 164 ? 4.980   -1.786  -5.098  1.00 72.26  ? 168 LEU A CB  1 
ATOM 1218 C CG  . LEU A 1 164 ? 3.463   -1.695  -4.905  1.00 71.68  ? 168 LEU A CG  1 
ATOM 1219 C CD1 . LEU A 1 164 ? 2.758   -1.887  -6.233  1.00 72.03  ? 168 LEU A CD1 1 
ATOM 1220 C CD2 . LEU A 1 164 ? 3.014   -2.722  -3.873  1.00 71.20  ? 168 LEU A CD2 1 
ATOM 1221 N N   . THR A 1 165 ? 5.994   -3.646  -7.547  1.00 67.11  ? 169 THR A N   1 
ATOM 1222 C CA  . THR A 1 165 ? 5.706   -4.282  -8.830  1.00 65.78  ? 169 THR A CA  1 
ATOM 1223 C C   . THR A 1 165 ? 5.712   -5.792  -8.657  1.00 64.71  ? 169 THR A C   1 
ATOM 1224 O O   . THR A 1 165 ? 4.899   -6.503  -9.245  1.00 64.78  ? 169 THR A O   1 
ATOM 1225 C CB  . THR A 1 165 ? 6.758   -3.926  -9.900  1.00 64.95  ? 169 THR A CB  1 
ATOM 1226 O OG1 . THR A 1 165 ? 6.881   -2.503  -10.004 1.00 66.28  ? 169 THR A OG1 1 
ATOM 1227 C CG2 . THR A 1 165 ? 6.344   -4.487  -11.253 1.00 63.01  ? 169 THR A CG2 1 
ATOM 1228 N N   . LEU A 1 166 ? 6.640   -6.275  -7.842  1.00 64.01  ? 170 LEU A N   1 
ATOM 1229 C CA  . LEU A 1 166 ? 6.761   -7.700  -7.574  1.00 63.98  ? 170 LEU A CA  1 
ATOM 1230 C C   . LEU A 1 166 ? 5.534   -8.227  -6.825  1.00 64.50  ? 170 LEU A C   1 
ATOM 1231 O O   . LEU A 1 166 ? 4.946   -9.241  -7.205  1.00 64.95  ? 170 LEU A O   1 
ATOM 1232 C CB  . LEU A 1 166 ? 8.017   -7.961  -6.736  1.00 62.16  ? 170 LEU A CB  1 
ATOM 1233 C CG  . LEU A 1 166 ? 8.267   -9.397  -6.273  1.00 61.77  ? 170 LEU A CG  1 
ATOM 1234 C CD1 . LEU A 1 166 ? 8.597   -10.272 -7.475  1.00 60.74  ? 170 LEU A CD1 1 
ATOM 1235 C CD2 . LEU A 1 166 ? 9.404   -9.417  -5.263  1.00 60.78  ? 170 LEU A CD2 1 
ATOM 1236 N N   . GLY A 1 167 ? 5.140   -7.525  -5.767  1.00 64.57  ? 171 GLY A N   1 
ATOM 1237 C CA  . GLY A 1 167 ? 3.997   -7.956  -4.988  1.00 64.75  ? 171 GLY A CA  1 
ATOM 1238 C C   . GLY A 1 167 ? 2.734   -8.097  -5.810  1.00 65.37  ? 171 GLY A C   1 
ATOM 1239 O O   . GLY A 1 167 ? 2.049   -9.115  -5.730  1.00 66.22  ? 171 GLY A O   1 
ATOM 1240 N N   . HIS A 1 168 ? 2.429   -7.084  -6.610  1.00 66.41  ? 172 HIS A N   1 
ATOM 1241 C CA  . HIS A 1 168 ? 1.228   -7.109  -7.436  1.00 67.51  ? 172 HIS A CA  1 
ATOM 1242 C C   . HIS A 1 168 ? 1.246   -8.151  -8.544  1.00 68.22  ? 172 HIS A C   1 
ATOM 1243 O O   . HIS A 1 168 ? 0.245   -8.831  -8.776  1.00 68.51  ? 172 HIS A O   1 
ATOM 1244 C CB  . HIS A 1 168 ? 0.970   -5.732  -8.048  1.00 66.70  ? 172 HIS A CB  1 
ATOM 1245 C CG  . HIS A 1 168 ? 0.299   -4.776  -7.115  1.00 66.40  ? 172 HIS A CG  1 
ATOM 1246 N ND1 . HIS A 1 168 ? 0.947   -4.196  -6.046  1.00 66.49  ? 172 HIS A ND1 1 
ATOM 1247 C CD2 . HIS A 1 168 ? -0.974  -4.317  -7.077  1.00 68.12  ? 172 HIS A CD2 1 
ATOM 1248 C CE1 . HIS A 1 168 ? 0.102   -3.421  -5.390  1.00 67.91  ? 172 HIS A CE1 1 
ATOM 1249 N NE2 . HIS A 1 168 ? -1.071  -3.476  -5.995  1.00 68.50  ? 172 HIS A NE2 1 
ATOM 1250 N N   . LEU A 1 169 ? 2.376   -8.284  -9.228  1.00 68.73  ? 173 LEU A N   1 
ATOM 1251 C CA  . LEU A 1 169 ? 2.459   -9.249  -10.312 1.00 69.92  ? 173 LEU A CA  1 
ATOM 1252 C C   . LEU A 1 169 ? 2.109   -10.628 -9.772  1.00 70.94  ? 173 LEU A C   1 
ATOM 1253 O O   . LEU A 1 169 ? 1.287   -11.339 -10.349 1.00 71.91  ? 173 LEU A O   1 
ATOM 1254 C CB  . LEU A 1 169 ? 3.871   -9.253  -10.904 1.00 68.90  ? 173 LEU A CB  1 
ATOM 1255 C CG  . LEU A 1 169 ? 4.117   -10.056 -12.184 1.00 69.01  ? 173 LEU A CG  1 
ATOM 1256 C CD1 . LEU A 1 169 ? 5.493   -9.712  -12.733 1.00 69.82  ? 173 LEU A CD1 1 
ATOM 1257 C CD2 . LEU A 1 169 ? 4.011   -11.545 -11.902 1.00 68.31  ? 173 LEU A CD2 1 
ATOM 1258 N N   . PHE A 1 170 ? 2.725   -10.994 -8.652  1.00 71.96  ? 174 PHE A N   1 
ATOM 1259 C CA  . PHE A 1 170 ? 2.481   -12.283 -8.018  1.00 72.01  ? 174 PHE A CA  1 
ATOM 1260 C C   . PHE A 1 170 ? 1.098   -12.315 -7.383  1.00 71.75  ? 174 PHE A C   1 
ATOM 1261 O O   . PHE A 1 170 ? 0.330   -13.255 -7.576  1.00 72.85  ? 174 PHE A O   1 
ATOM 1262 C CB  . PHE A 1 170 ? 3.529   -12.544 -6.940  1.00 73.03  ? 174 PHE A CB  1 
ATOM 1263 C CG  . PHE A 1 170 ? 3.333   -13.836 -6.209  1.00 75.68  ? 174 PHE A CG  1 
ATOM 1264 C CD1 . PHE A 1 170 ? 3.731   -15.039 -6.780  1.00 76.43  ? 174 PHE A CD1 1 
ATOM 1265 C CD2 . PHE A 1 170 ? 2.736   -13.854 -4.950  1.00 76.86  ? 174 PHE A CD2 1 
ATOM 1266 C CE1 . PHE A 1 170 ? 3.541   -16.244 -6.107  1.00 78.21  ? 174 PHE A CE1 1 
ATOM 1267 C CE2 . PHE A 1 170 ? 2.538   -15.055 -4.269  1.00 77.02  ? 174 PHE A CE2 1 
ATOM 1268 C CZ  . PHE A 1 170 ? 2.942   -16.252 -4.847  1.00 77.40  ? 174 PHE A CZ  1 
ATOM 1269 N N   . GLY A 1 171 ? 0.795   -11.269 -6.626  1.00 71.59  ? 175 GLY A N   1 
ATOM 1270 C CA  . GLY A 1 171 ? -0.486  -11.164 -5.955  1.00 72.16  ? 175 GLY A CA  1 
ATOM 1271 C C   . GLY A 1 171 ? -1.677  -11.244 -6.887  1.00 72.86  ? 175 GLY A C   1 
ATOM 1272 O O   . GLY A 1 171 ? -2.730  -11.771 -6.528  1.00 72.95  ? 175 GLY A O   1 
ATOM 1273 N N   . MET A 1 172 ? -1.502  -10.733 -8.100  1.00 73.64  ? 176 MET A N   1 
ATOM 1274 C CA  . MET A 1 172 ? -2.575  -10.697 -9.081  1.00 74.39  ? 176 MET A CA  1 
ATOM 1275 C C   . MET A 1 172 ? -3.170  -12.075 -9.352  1.00 75.09  ? 176 MET A C   1 
ATOM 1276 O O   . MET A 1 172 ? -4.384  -12.203 -9.505  1.00 76.75  ? 176 MET A O   1 
ATOM 1277 C CB  . MET A 1 172 ? -2.045  -10.107 -10.389 1.00 74.41  ? 176 MET A CB  1 
ATOM 1278 C CG  . MET A 1 172 ? -3.115  -9.684  -11.377 1.00 74.93  ? 176 MET A CG  1 
ATOM 1279 S SD  . MET A 1 172 ? -4.066  -8.265  -10.798 1.00 76.38  ? 176 MET A SD  1 
ATOM 1280 C CE  . MET A 1 172 ? -5.727  -8.957  -10.763 1.00 77.09  ? 176 MET A CE  1 
ATOM 1281 N N   . TYR A 1 173 ? -2.333  -13.102 -9.427  1.00 75.12  ? 177 TYR A N   1 
ATOM 1282 C CA  . TYR A 1 173 ? -2.842  -14.444 -9.686  1.00 75.59  ? 177 TYR A CA  1 
ATOM 1283 C C   . TYR A 1 173 ? -3.607  -15.127 -8.550  1.00 77.24  ? 177 TYR A C   1 
ATOM 1284 O O   . TYR A 1 173 ? -4.704  -15.643 -8.764  1.00 79.48  ? 177 TYR A O   1 
ATOM 1285 C CB  . TYR A 1 173 ? -1.694  -15.352 -10.124 1.00 73.97  ? 177 TYR A CB  1 
ATOM 1286 C CG  . TYR A 1 173 ? -1.215  -15.082 -11.528 1.00 73.89  ? 177 TYR A CG  1 
ATOM 1287 C CD1 . TYR A 1 173 ? 0.126   -14.803 -11.787 1.00 73.12  ? 177 TYR A CD1 1 
ATOM 1288 C CD2 . TYR A 1 173 ? -2.100  -15.121 -12.604 1.00 72.79  ? 177 TYR A CD2 1 
ATOM 1289 C CE1 . TYR A 1 173 ? 0.574   -14.573 -13.080 1.00 73.02  ? 177 TYR A CE1 1 
ATOM 1290 C CE2 . TYR A 1 173 ? -1.664  -14.892 -13.902 1.00 72.76  ? 177 TYR A CE2 1 
ATOM 1291 C CZ  . TYR A 1 173 ? -0.325  -14.620 -14.133 1.00 73.65  ? 177 TYR A CZ  1 
ATOM 1292 O OH  . TYR A 1 173 ? 0.116   -14.400 -15.418 1.00 73.97  ? 177 TYR A OH  1 
ATOM 1293 N N   . TYR A 1 174 ? -3.038  -15.130 -7.348  1.00 77.20  ? 178 TYR A N   1 
ATOM 1294 C CA  . TYR A 1 174 ? -3.680  -15.777 -6.204  1.00 76.08  ? 178 TYR A CA  1 
ATOM 1295 C C   . TYR A 1 174 ? -4.900  -15.092 -5.610  1.00 76.14  ? 178 TYR A C   1 
ATOM 1296 O O   . TYR A 1 174 ? -5.936  -15.725 -5.392  1.00 76.42  ? 178 TYR A O   1 
ATOM 1297 C CB  . TYR A 1 174 ? -2.654  -16.014 -5.096  1.00 76.64  ? 178 TYR A CB  1 
ATOM 1298 C CG  . TYR A 1 174 ? -1.498  -16.871 -5.542  1.00 77.65  ? 178 TYR A CG  1 
ATOM 1299 C CD1 . TYR A 1 174 ? -0.534  -16.371 -6.414  1.00 77.86  ? 178 TYR A CD1 1 
ATOM 1300 C CD2 . TYR A 1 174 ? -1.390  -18.197 -5.129  1.00 77.29  ? 178 TYR A CD2 1 
ATOM 1301 C CE1 . TYR A 1 174 ? 0.504   -17.168 -6.867  1.00 78.58  ? 178 TYR A CE1 1 
ATOM 1302 C CE2 . TYR A 1 174 ? -0.354  -19.003 -5.578  1.00 77.88  ? 178 TYR A CE2 1 
ATOM 1303 C CZ  . TYR A 1 174 ? 0.590   -18.482 -6.447  1.00 78.65  ? 178 TYR A CZ  1 
ATOM 1304 O OH  . TYR A 1 174 ? 1.616   -19.276 -6.904  1.00 80.79  ? 178 TYR A OH  1 
ATOM 1305 N N   . THR A 1 175 ? -4.776  -13.795 -5.356  1.00 75.79  ? 179 THR A N   1 
ATOM 1306 C CA  . THR A 1 175 ? -5.861  -13.034 -4.754  1.00 74.46  ? 179 THR A CA  1 
ATOM 1307 C C   . THR A 1 175 ? -6.154  -11.757 -5.529  1.00 76.45  ? 179 THR A C   1 
ATOM 1308 O O   . THR A 1 175 ? -6.465  -10.723 -4.937  1.00 77.47  ? 179 THR A O   1 
ATOM 1309 C CB  . THR A 1 175 ? -5.520  -12.661 -3.298  1.00 71.77  ? 179 THR A CB  1 
ATOM 1310 O OG1 . THR A 1 175 ? -4.356  -11.826 -3.277  1.00 67.54  ? 179 THR A OG1 1 
ATOM 1311 C CG2 . THR A 1 175 ? -5.238  -13.912 -2.484  1.00 70.12  ? 179 THR A CG2 1 
ATOM 1312 N N   . GLY A 1 176 ? -6.053  -11.840 -6.853  1.00 77.37  ? 180 GLY A N   1 
ATOM 1313 C CA  . GLY A 1 176 ? -6.310  -10.685 -7.693  1.00 76.84  ? 180 GLY A CA  1 
ATOM 1314 C C   . GLY A 1 176 ? -5.525  -9.477  -7.229  1.00 77.60  ? 180 GLY A C   1 
ATOM 1315 O O   . GLY A 1 176 ? -6.019  -8.349  -7.279  1.00 78.80  ? 180 GLY A O   1 
ATOM 1316 N N   . ALA A 1 177 ? -4.301  -9.719  -6.770  1.00 77.70  ? 181 ALA A N   1 
ATOM 1317 C CA  . ALA A 1 177 ? -3.422  -8.660  -6.287  1.00 78.68  ? 181 ALA A CA  1 
ATOM 1318 C C   . ALA A 1 177 ? -4.066  -7.860  -5.161  1.00 78.94  ? 181 ALA A C   1 
ATOM 1319 O O   . ALA A 1 177 ? -5.101  -7.225  -5.351  1.00 78.46  ? 181 ALA A O   1 
ATOM 1320 C CB  . ALA A 1 177 ? -3.039  -7.729  -7.440  1.00 79.71  ? 181 ALA A CB  1 
ATOM 1321 N N   . GLY A 1 178 ? -3.447  -7.897  -3.986  1.00 79.96  ? 182 GLY A N   1 
ATOM 1322 C CA  . GLY A 1 178 ? -3.970  -7.164  -2.848  1.00 80.68  ? 182 GLY A CA  1 
ATOM 1323 C C   . GLY A 1 178 ? -2.878  -6.360  -2.168  1.00 80.93  ? 182 GLY A C   1 
ATOM 1324 O O   . GLY A 1 178 ? -2.533  -5.264  -2.611  1.00 80.98  ? 182 GLY A O   1 
ATOM 1325 N N   . MET A 1 179 ? -2.338  -6.913  -1.087  1.00 80.86  ? 183 MET A N   1 
ATOM 1326 C CA  . MET A 1 179 ? -1.264  -6.284  -0.322  1.00 80.87  ? 183 MET A CA  1 
ATOM 1327 C C   . MET A 1 179 ? -1.513  -4.822  0.034   1.00 79.79  ? 183 MET A C   1 
ATOM 1328 O O   . MET A 1 179 ? -0.594  -4.121  0.458   1.00 80.13  ? 183 MET A O   1 
ATOM 1329 C CB  . MET A 1 179 ? 0.058   -6.405  -1.085  1.00 82.92  ? 183 MET A CB  1 
ATOM 1330 C CG  . MET A 1 179 ? 0.168   -5.502  -2.298  1.00 84.14  ? 183 MET A CG  1 
ATOM 1331 S SD  . MET A 1 179 ? 1.050   -6.300  -3.642  1.00 88.13  ? 183 MET A SD  1 
ATOM 1332 C CE  . MET A 1 179 ? -0.321  -7.114  -4.488  1.00 87.74  ? 183 MET A CE  1 
ATOM 1333 N N   . ASN A 1 180 ? -2.749  -4.365  -0.138  1.00 77.61  ? 184 ASN A N   1 
ATOM 1334 C CA  . ASN A 1 180 ? -3.108  -2.987  0.181   1.00 75.49  ? 184 ASN A CA  1 
ATOM 1335 C C   . ASN A 1 180 ? -4.610  -2.892  0.418   1.00 75.17  ? 184 ASN A C   1 
ATOM 1336 O O   . ASN A 1 180 ? -5.402  -3.029  -0.515  1.00 76.01  ? 184 ASN A O   1 
ATOM 1337 C CB  . ASN A 1 180 ? -2.709  -2.049  -0.960  1.00 75.05  ? 184 ASN A CB  1 
ATOM 1338 C CG  . ASN A 1 180 ? -3.018  -0.594  -0.657  1.00 74.45  ? 184 ASN A CG  1 
ATOM 1339 O OD1 . ASN A 1 180 ? -4.159  -0.239  -0.371  1.00 73.84  ? 184 ASN A OD1 1 
ATOM 1340 N ND2 . ASN A 1 180 ? -2.001  0.256   -0.721  1.00 73.55  ? 184 ASN A ND2 1 
ATOM 1341 N N   . PRO A 1 181 ? -5.023  -2.655  1.675   1.00 74.27  ? 185 PRO A N   1 
ATOM 1342 C CA  . PRO A 1 181 ? -6.439  -2.543  2.039   1.00 72.70  ? 185 PRO A CA  1 
ATOM 1343 C C   . PRO A 1 181 ? -7.150  -1.459  1.235   1.00 72.13  ? 185 PRO A C   1 
ATOM 1344 O O   . PRO A 1 181 ? -8.289  -1.640  0.813   1.00 71.57  ? 185 PRO A O   1 
ATOM 1345 C CB  . PRO A 1 181 ? -6.383  -2.217  3.529   1.00 72.92  ? 185 PRO A CB  1 
ATOM 1346 C CG  . PRO A 1 181 ? -5.142  -2.910  3.973   1.00 74.56  ? 185 PRO A CG  1 
ATOM 1347 C CD  . PRO A 1 181 ? -4.173  -2.553  2.872   1.00 74.51  ? 185 PRO A CD  1 
ATOM 1348 N N   . ALA A 1 182 ? -6.469  -0.338  1.026   1.00 71.15  ? 186 ALA A N   1 
ATOM 1349 C CA  . ALA A 1 182 ? -7.039  0.772   0.274   1.00 70.12  ? 186 ALA A CA  1 
ATOM 1350 C C   . ALA A 1 182 ? -7.449  0.296   -1.114  1.00 70.67  ? 186 ALA A C   1 
ATOM 1351 O O   . ALA A 1 182 ? -8.557  0.574   -1.569  1.00 70.64  ? 186 ALA A O   1 
ATOM 1352 C CB  . ALA A 1 182 ? -6.027  1.905   0.161   1.00 69.43  ? 186 ALA A CB  1 
ATOM 1353 N N   . ARG A 1 183 ? -6.551  -0.429  -1.776  1.00 72.21  ? 187 ARG A N   1 
ATOM 1354 C CA  . ARG A 1 183 ? -6.812  -0.950  -3.114  1.00 73.64  ? 187 ARG A CA  1 
ATOM 1355 C C   . ARG A 1 183 ? -8.015  -1.888  -3.105  1.00 73.99  ? 187 ARG A C   1 
ATOM 1356 O O   . ARG A 1 183 ? -8.861  -1.844  -3.996  1.00 74.32  ? 187 ARG A O   1 
ATOM 1357 C CB  . ARG A 1 183 ? -5.571  -1.675  -3.644  1.00 74.41  ? 187 ARG A CB  1 
ATOM 1358 C CG  . ARG A 1 183 ? -5.772  -2.446  -4.950  1.00 75.86  ? 187 ARG A CG  1 
ATOM 1359 C CD  . ARG A 1 183 ? -6.117  -3.902  -4.683  1.00 77.35  ? 187 ARG A CD  1 
ATOM 1360 N NE  . ARG A 1 183 ? -6.169  -4.702  -5.907  1.00 79.45  ? 187 ARG A NE  1 
ATOM 1361 C CZ  . ARG A 1 183 ? -7.107  -4.585  -6.841  1.00 79.90  ? 187 ARG A CZ  1 
ATOM 1362 N NH1 . ARG A 1 183 ? -8.079  -3.696  -6.698  1.00 79.27  ? 187 ARG A NH1 1 
ATOM 1363 N NH2 . ARG A 1 183 ? -7.080  -5.363  -7.916  1.00 80.33  ? 187 ARG A NH2 1 
ATOM 1364 N N   . SER A 1 184 ? -8.062  -2.765  -2.107  1.00 74.83  ? 188 SER A N   1 
ATOM 1365 C CA  . SER A 1 184 ? -9.173  -3.701  -1.943  1.00 75.78  ? 188 SER A CA  1 
ATOM 1366 C C   . SER A 1 184 ? -10.471 -3.010  -1.497  1.00 76.03  ? 188 SER A C   1 
ATOM 1367 O O   . SER A 1 184 ? -11.573 -3.424  -1.861  1.00 76.45  ? 188 SER A O   1 
ATOM 1368 C CB  . SER A 1 184 ? -8.798  -4.783  -0.927  1.00 75.38  ? 188 SER A CB  1 
ATOM 1369 O OG  . SER A 1 184 ? -9.876  -5.683  -0.727  1.00 76.25  ? 188 SER A OG  1 
ATOM 1370 N N   . PHE A 1 185 ? -10.323 -1.968  -0.685  1.00 75.55  ? 189 PHE A N   1 
ATOM 1371 C CA  . PHE A 1 185 ? -11.456 -1.221  -0.138  1.00 73.94  ? 189 PHE A CA  1 
ATOM 1372 C C   . PHE A 1 185 ? -12.297 -0.435  -1.146  1.00 73.63  ? 189 PHE A C   1 
ATOM 1373 O O   . PHE A 1 185 ? -13.524 -0.537  -1.145  1.00 75.68  ? 189 PHE A O   1 
ATOM 1374 C CB  . PHE A 1 185 ? -10.949 -0.261  0.943   1.00 72.92  ? 189 PHE A CB  1 
ATOM 1375 C CG  . PHE A 1 185 ? -12.028 0.548   1.595   1.00 72.98  ? 189 PHE A CG  1 
ATOM 1376 C CD1 . PHE A 1 185 ? -13.028 -0.069  2.339   1.00 73.73  ? 189 PHE A CD1 1 
ATOM 1377 C CD2 . PHE A 1 185 ? -12.045 1.934   1.470   1.00 72.54  ? 189 PHE A CD2 1 
ATOM 1378 C CE1 . PHE A 1 185 ? -14.033 0.683   2.955   1.00 72.43  ? 189 PHE A CE1 1 
ATOM 1379 C CE2 . PHE A 1 185 ? -13.044 2.696   2.078   1.00 72.51  ? 189 PHE A CE2 1 
ATOM 1380 C CZ  . PHE A 1 185 ? -14.040 2.068   2.823   1.00 71.78  ? 189 PHE A CZ  1 
ATOM 1381 N N   . ALA A 1 186 ? -11.643 0.330   -2.016  1.00 71.38  ? 190 ALA A N   1 
ATOM 1382 C CA  . ALA A 1 186 ? -12.350 1.163   -2.985  1.00 69.38  ? 190 ALA A CA  1 
ATOM 1383 C C   . ALA A 1 186 ? -13.317 0.425   -3.908  1.00 68.11  ? 190 ALA A C   1 
ATOM 1384 O O   . ALA A 1 186 ? -14.459 0.839   -4.068  1.00 67.36  ? 190 ALA A O   1 
ATOM 1385 C CB  . ALA A 1 186 ? -11.343 1.960   -3.810  1.00 70.44  ? 190 ALA A CB  1 
ATOM 1386 N N   . PRO A 1 187 ? -12.881 -0.683  -4.522  1.00 67.99  ? 191 PRO A N   1 
ATOM 1387 C CA  . PRO A 1 187 ? -13.772 -1.424  -5.419  1.00 67.39  ? 191 PRO A CA  1 
ATOM 1388 C C   . PRO A 1 187 ? -14.976 -2.041  -4.721  1.00 67.13  ? 191 PRO A C   1 
ATOM 1389 O O   . PRO A 1 187 ? -16.076 -2.057  -5.275  1.00 68.26  ? 191 PRO A O   1 
ATOM 1390 C CB  . PRO A 1 187 ? -12.855 -2.487  -6.016  1.00 67.70  ? 191 PRO A CB  1 
ATOM 1391 C CG  . PRO A 1 187 ? -11.513 -1.827  -5.992  1.00 68.78  ? 191 PRO A CG  1 
ATOM 1392 C CD  . PRO A 1 187 ? -11.503 -1.188  -4.629  1.00 68.37  ? 191 PRO A CD  1 
ATOM 1393 N N   . ALA A 1 188 ? -14.770 -2.550  -3.510  1.00 65.32  ? 192 ALA A N   1 
ATOM 1394 C CA  . ALA A 1 188 ? -15.857 -3.177  -2.775  1.00 64.22  ? 192 ALA A CA  1 
ATOM 1395 C C   . ALA A 1 188 ? -16.947 -2.172  -2.433  1.00 64.48  ? 192 ALA A C   1 
ATOM 1396 O O   . ALA A 1 188 ? -18.128 -2.429  -2.668  1.00 65.06  ? 192 ALA A O   1 
ATOM 1397 C CB  . ALA A 1 188 ? -15.322 -3.824  -1.505  1.00 64.73  ? 192 ALA A CB  1 
ATOM 1398 N N   . ILE A 1 189 ? -16.558 -1.024  -1.887  1.00 64.27  ? 193 ILE A N   1 
ATOM 1399 C CA  . ILE A 1 189 ? -17.543 -0.010  -1.534  1.00 64.44  ? 193 ILE A CA  1 
ATOM 1400 C C   . ILE A 1 189 ? -18.157 0.687   -2.750  1.00 64.63  ? 193 ILE A C   1 
ATOM 1401 O O   . ILE A 1 189 ? -19.377 0.790   -2.846  1.00 64.88  ? 193 ILE A O   1 
ATOM 1402 C CB  . ILE A 1 189 ? -16.951 1.047   -0.572  1.00 64.75  ? 193 ILE A CB  1 
ATOM 1403 C CG1 . ILE A 1 189 ? -17.985 2.143   -0.324  1.00 64.21  ? 193 ILE A CG1 1 
ATOM 1404 C CG2 . ILE A 1 189 ? -15.690 1.648   -1.150  1.00 66.02  ? 193 ILE A CG2 1 
ATOM 1405 C CD1 . ILE A 1 189 ? -17.594 3.111   0.760   1.00 63.77  ? 193 ILE A CD1 1 
ATOM 1406 N N   . LEU A 1 190 ? -17.325 1.140   -3.686  1.00 65.73  ? 194 LEU A N   1 
ATOM 1407 C CA  . LEU A 1 190 ? -17.825 1.818   -4.886  1.00 67.65  ? 194 LEU A CA  1 
ATOM 1408 C C   . LEU A 1 190 ? -18.596 0.872   -5.797  1.00 68.79  ? 194 LEU A C   1 
ATOM 1409 O O   . LEU A 1 190 ? -18.971 1.243   -6.909  1.00 70.05  ? 194 LEU A O   1 
ATOM 1410 C CB  . LEU A 1 190 ? -16.678 2.443   -5.695  1.00 68.67  ? 194 LEU A CB  1 
ATOM 1411 C CG  . LEU A 1 190 ? -16.198 3.874   -5.426  1.00 69.95  ? 194 LEU A CG  1 
ATOM 1412 C CD1 . LEU A 1 190 ? -17.362 4.846   -5.575  1.00 69.86  ? 194 LEU A CD1 1 
ATOM 1413 C CD2 . LEU A 1 190 ? -15.584 3.963   -4.037  1.00 70.63  ? 194 LEU A CD2 1 
ATOM 1414 N N   . THR A 1 191 ? -18.819 -0.351  -5.330  1.00 69.24  ? 195 THR A N   1 
ATOM 1415 C CA  . THR A 1 191 ? -19.543 -1.349  -6.106  1.00 71.46  ? 195 THR A CA  1 
ATOM 1416 C C   . THR A 1 191 ? -20.117 -2.383  -5.153  1.00 72.91  ? 195 THR A C   1 
ATOM 1417 O O   . THR A 1 191 ? -19.892 -3.582  -5.312  1.00 72.50  ? 195 THR A O   1 
ATOM 1418 C CB  . THR A 1 191 ? -18.612 -2.052  -7.125  1.00 73.06  ? 195 THR A CB  1 
ATOM 1419 O OG1 . THR A 1 191 ? -18.092 -1.082  -8.044  1.00 75.53  ? 195 THR A OG1 1 
ATOM 1420 C CG2 . THR A 1 191 ? -19.372 -3.121  -7.908  1.00 72.85  ? 195 THR A CG2 1 
ATOM 1421 N N   . ARG A 1 192 ? -20.854 -1.894  -4.157  1.00 74.81  ? 196 ARG A N   1 
ATOM 1422 C CA  . ARG A 1 192 ? -21.484 -2.730  -3.139  1.00 74.77  ? 196 ARG A CA  1 
ATOM 1423 C C   . ARG A 1 192 ? -21.200 -4.217  -3.322  1.00 75.45  ? 196 ARG A C   1 
ATOM 1424 O O   . ARG A 1 192 ? -22.016 -4.959  -3.873  1.00 76.08  ? 196 ARG A O   1 
ATOM 1425 C CB  . ARG A 1 192 ? -22.999 -2.486  -3.119  1.00 74.80  ? 196 ARG A CB  1 
ATOM 1426 C CG  . ARG A 1 192 ? -23.410 -1.126  -2.556  1.00 74.01  ? 196 ARG A CG  1 
ATOM 1427 C CD  . ARG A 1 192 ? -23.052 0.025   -3.489  1.00 75.41  ? 196 ARG A CD  1 
ATOM 1428 N NE  . ARG A 1 192 ? -23.189 1.326   -2.831  1.00 76.13  ? 196 ARG A NE  1 
ATOM 1429 C CZ  . ARG A 1 192 ? -22.984 2.500   -3.425  1.00 74.60  ? 196 ARG A CZ  1 
ATOM 1430 N NH1 . ARG A 1 192 ? -22.634 2.554   -4.704  1.00 73.29  ? 196 ARG A NH1 1 
ATOM 1431 N NH2 . ARG A 1 192 ? -23.111 3.624   -2.732  1.00 72.79  ? 196 ARG A NH2 1 
ATOM 1432 N N   . ASN A 1 193 ? -20.024 -4.635  -2.863  1.00 75.68  ? 197 ASN A N   1 
ATOM 1433 C CA  . ASN A 1 193 ? -19.580 -6.022  -2.947  1.00 75.65  ? 197 ASN A CA  1 
ATOM 1434 C C   . ASN A 1 193 ? -18.516 -6.281  -1.891  1.00 75.58  ? 197 ASN A C   1 
ATOM 1435 O O   . ASN A 1 193 ? -17.396 -5.786  -1.997  1.00 76.86  ? 197 ASN A O   1 
ATOM 1436 C CB  . ASN A 1 193 ? -18.992 -6.319  -4.331  1.00 76.16  ? 197 ASN A CB  1 
ATOM 1437 C CG  . ASN A 1 193 ? -20.027 -6.834  -5.310  1.00 77.57  ? 197 ASN A CG  1 
ATOM 1438 O OD1 . ASN A 1 193 ? -19.776 -6.908  -6.515  1.00 76.61  ? 197 ASN A OD1 1 
ATOM 1439 N ND2 . ASN A 1 193 ? -21.194 -7.206  -4.795  1.00 77.85  ? 197 ASN A ND2 1 
ATOM 1440 N N   . PHE A 1 194 ? -18.872 -7.051  -0.869  1.00 74.78  ? 198 PHE A N   1 
ATOM 1441 C CA  . PHE A 1 194 ? -17.938 -7.382  0.200   1.00 73.49  ? 198 PHE A CA  1 
ATOM 1442 C C   . PHE A 1 194 ? -17.858 -8.892  0.344   1.00 73.06  ? 198 PHE A C   1 
ATOM 1443 O O   . PHE A 1 194 ? -18.807 -9.529  0.795   1.00 74.26  ? 198 PHE A O   1 
ATOM 1444 C CB  . PHE A 1 194 ? -18.399 -6.761  1.517   1.00 72.93  ? 198 PHE A CB  1 
ATOM 1445 C CG  . PHE A 1 194 ? -18.256 -5.270  1.566   1.00 71.58  ? 198 PHE A CG  1 
ATOM 1446 C CD1 . PHE A 1 194 ? -17.003 -4.686  1.714   1.00 70.95  ? 198 PHE A CD1 1 
ATOM 1447 C CD2 . PHE A 1 194 ? -19.371 -4.447  1.460   1.00 71.15  ? 198 PHE A CD2 1 
ATOM 1448 C CE1 . PHE A 1 194 ? -16.863 -3.304  1.757   1.00 70.95  ? 198 PHE A CE1 1 
ATOM 1449 C CE2 . PHE A 1 194 ? -19.241 -3.063  1.501   1.00 70.76  ? 198 PHE A CE2 1 
ATOM 1450 C CZ  . PHE A 1 194 ? -17.985 -2.490  1.651   1.00 70.50  ? 198 PHE A CZ  1 
ATOM 1451 N N   . THR A 1 195 ? -16.725 -9.462  -0.049  1.00 72.00  ? 199 THR A N   1 
ATOM 1452 C CA  . THR A 1 195 ? -16.531 -10.903 0.037   1.00 72.29  ? 199 THR A CA  1 
ATOM 1453 C C   . THR A 1 195 ? -15.045 -11.204 0.174   1.00 72.69  ? 199 THR A C   1 
ATOM 1454 O O   . THR A 1 195 ? -14.251 -10.868 -0.705  1.00 73.40  ? 199 THR A O   1 
ATOM 1455 C CB  . THR A 1 195 ? -17.083 -11.614 -1.218  1.00 72.52  ? 199 THR A CB  1 
ATOM 1456 O OG1 . THR A 1 195 ? -18.454 -11.244 -1.411  1.00 74.00  ? 199 THR A OG1 1 
ATOM 1457 C CG2 . THR A 1 195 ? -17.000 -13.125 -1.058  1.00 70.61  ? 199 THR A CG2 1 
ATOM 1458 N N   . ASN A 1 196 ? -14.677 -11.841 1.282   1.00 72.49  ? 200 ASN A N   1 
ATOM 1459 C CA  . ASN A 1 196 ? -13.283 -12.177 1.553   1.00 70.90  ? 200 ASN A CA  1 
ATOM 1460 C C   . ASN A 1 196 ? -12.485 -10.887 1.669   1.00 70.48  ? 200 ASN A C   1 
ATOM 1461 O O   . ASN A 1 196 ? -11.269 -10.909 1.849   1.00 70.97  ? 200 ASN A O   1 
ATOM 1462 C CB  . ASN A 1 196 ? -12.702 -13.043 0.432   1.00 70.04  ? 200 ASN A CB  1 
ATOM 1463 C CG  . ASN A 1 196 ? -13.554 -14.259 0.133   1.00 70.51  ? 200 ASN A CG  1 
ATOM 1464 O OD1 . ASN A 1 196 ? -14.085 -14.895 1.043   1.00 70.93  ? 200 ASN A OD1 1 
ATOM 1465 N ND2 . ASN A 1 196 ? -13.681 -14.596 -1.146  1.00 70.58  ? 200 ASN A ND2 1 
ATOM 1466 N N   . HIS A 1 197 ? -13.188 -9.763  1.572   1.00 69.95  ? 201 HIS A N   1 
ATOM 1467 C CA  . HIS A 1 197 ? -12.563 -8.452  1.659   1.00 70.15  ? 201 HIS A CA  1 
ATOM 1468 C C   . HIS A 1 197 ? -11.761 -8.310  2.944   1.00 70.09  ? 201 HIS A C   1 
ATOM 1469 O O   . HIS A 1 197 ? -10.910 -7.430  3.061   1.00 73.17  ? 201 HIS A O   1 
ATOM 1470 C CB  . HIS A 1 197 ? -13.629 -7.357  1.588   1.00 70.08  ? 201 HIS A CB  1 
ATOM 1471 C CG  . HIS A 1 197 ? -13.092 -5.979  1.816   1.00 70.85  ? 201 HIS A CG  1 
ATOM 1472 N ND1 . HIS A 1 197 ? -12.029 -5.468  1.103   1.00 70.62  ? 201 HIS A ND1 1 
ATOM 1473 C CD2 . HIS A 1 197 ? -13.469 -5.006  2.679   1.00 71.82  ? 201 HIS A CD2 1 
ATOM 1474 C CE1 . HIS A 1 197 ? -11.775 -4.239  1.518   1.00 71.96  ? 201 HIS A CE1 1 
ATOM 1475 N NE2 . HIS A 1 197 ? -12.634 -3.935  2.473   1.00 72.67  ? 201 HIS A NE2 1 
ATOM 1476 N N   . TRP A 1 198 ? -12.030 -9.182  3.905   1.00 68.22  ? 202 TRP A N   1 
ATOM 1477 C CA  . TRP A 1 198 ? -11.332 -9.146  5.181   1.00 67.22  ? 202 TRP A CA  1 
ATOM 1478 C C   . TRP A 1 198 ? -9.956  -9.800  5.089   1.00 67.32  ? 202 TRP A C   1 
ATOM 1479 O O   . TRP A 1 198 ? -9.009  -9.361  5.742   1.00 66.74  ? 202 TRP A O   1 
ATOM 1480 C CB  . TRP A 1 198 ? -12.156 -9.861  6.247   1.00 65.58  ? 202 TRP A CB  1 
ATOM 1481 C CG  . TRP A 1 198 ? -12.453 -11.263 5.868   1.00 63.08  ? 202 TRP A CG  1 
ATOM 1482 C CD1 . TRP A 1 198 ? -13.522 -11.711 5.149   1.00 62.73  ? 202 TRP A CD1 1 
ATOM 1483 C CD2 . TRP A 1 198 ? -11.630 -12.404 6.119   1.00 62.16  ? 202 TRP A CD2 1 
ATOM 1484 N NE1 . TRP A 1 198 ? -13.414 -13.065 4.933   1.00 62.99  ? 202 TRP A NE1 1 
ATOM 1485 C CE2 . TRP A 1 198 ? -12.260 -13.515 5.519   1.00 61.73  ? 202 TRP A CE2 1 
ATOM 1486 C CE3 . TRP A 1 198 ? -10.416 -12.594 6.792   1.00 60.92  ? 202 TRP A CE3 1 
ATOM 1487 C CZ2 . TRP A 1 198 ? -11.720 -14.800 5.572   1.00 61.16  ? 202 TRP A CZ2 1 
ATOM 1488 C CZ3 . TRP A 1 198 ? -9.874  -13.874 6.844   1.00 61.58  ? 202 TRP A CZ3 1 
ATOM 1489 C CH2 . TRP A 1 198 ? -10.528 -14.961 6.237   1.00 61.33  ? 202 TRP A CH2 1 
ATOM 1490 N N   . VAL A 1 199 ? -9.842  -10.845 4.273   1.00 68.30  ? 203 VAL A N   1 
ATOM 1491 C CA  . VAL A 1 199 ? -8.566  -11.539 4.139   1.00 68.78  ? 203 VAL A CA  1 
ATOM 1492 C C   . VAL A 1 199 ? -7.545  -10.504 3.714   1.00 69.26  ? 203 VAL A C   1 
ATOM 1493 O O   . VAL A 1 199 ? -6.377  -10.575 4.092   1.00 70.43  ? 203 VAL A O   1 
ATOM 1494 C CB  . VAL A 1 199 ? -8.611  -12.678 3.070   1.00 67.03  ? 203 VAL A CB  1 
ATOM 1495 C CG1 . VAL A 1 199 ? -9.951  -13.394 3.119   1.00 65.73  ? 203 VAL A CG1 1 
ATOM 1496 C CG2 . VAL A 1 199 ? -8.338  -12.125 1.684   1.00 65.99  ? 203 VAL A CG2 1 
ATOM 1497 N N   . TYR A 1 200 ? -8.002  -9.537  2.928   1.00 69.53  ? 204 TYR A N   1 
ATOM 1498 C CA  . TYR A 1 200 ? -7.125  -8.487  2.449   1.00 70.70  ? 204 TYR A CA  1 
ATOM 1499 C C   . TYR A 1 200 ? -6.657  -7.586  3.580   1.00 70.73  ? 204 TYR A C   1 
ATOM 1500 O O   . TYR A 1 200 ? -5.517  -7.153  3.586   1.00 72.44  ? 204 TYR A O   1 
ATOM 1501 C CB  . TYR A 1 200 ? -7.816  -7.687  1.346   1.00 70.70  ? 204 TYR A CB  1 
ATOM 1502 C CG  . TYR A 1 200 ? -8.068  -8.528  0.115   1.00 72.01  ? 204 TYR A CG  1 
ATOM 1503 C CD1 . TYR A 1 200 ? -9.240  -9.273  -0.020  1.00 72.83  ? 204 TYR A CD1 1 
ATOM 1504 C CD2 . TYR A 1 200 ? -7.101  -8.638  -0.886  1.00 71.85  ? 204 TYR A CD2 1 
ATOM 1505 C CE1 . TYR A 1 200 ? -9.444  -10.110 -1.121  1.00 72.35  ? 204 TYR A CE1 1 
ATOM 1506 C CE2 . TYR A 1 200 ? -7.292  -9.471  -1.989  1.00 71.91  ? 204 TYR A CE2 1 
ATOM 1507 C CZ  . TYR A 1 200 ? -8.464  -10.204 -2.099  1.00 73.03  ? 204 TYR A CZ  1 
ATOM 1508 O OH  . TYR A 1 200 ? -8.651  -11.033 -3.183  1.00 74.84  ? 204 TYR A OH  1 
ATOM 1509 N N   . TRP A 1 201 ? -7.534  -7.253  4.518   1.00 70.34  ? 205 TRP A N   1 
ATOM 1510 C CA  . TRP A 1 201 ? -7.094  -6.448  5.651   1.00 68.98  ? 205 TRP A CA  1 
ATOM 1511 C C   . TRP A 1 201 ? -6.225  -7.285  6.586   1.00 67.11  ? 205 TRP A C   1 
ATOM 1512 O O   . TRP A 1 201 ? -5.207  -6.816  7.095   1.00 67.75  ? 205 TRP A O   1 
ATOM 1513 C CB  . TRP A 1 201 ? -8.285  -5.865  6.419   1.00 69.20  ? 205 TRP A CB  1 
ATOM 1514 C CG  . TRP A 1 201 ? -8.773  -4.582  5.832   1.00 68.71  ? 205 TRP A CG  1 
ATOM 1515 C CD1 . TRP A 1 201 ? -9.539  -4.430  4.715   1.00 69.16  ? 205 TRP A CD1 1 
ATOM 1516 C CD2 . TRP A 1 201 ? -8.481  -3.260  6.302   1.00 69.26  ? 205 TRP A CD2 1 
ATOM 1517 N NE1 . TRP A 1 201 ? -9.743  -3.095  4.457   1.00 70.31  ? 205 TRP A NE1 1 
ATOM 1518 C CE2 . TRP A 1 201 ? -9.105  -2.354  5.415   1.00 69.94  ? 205 TRP A CE2 1 
ATOM 1519 C CE3 . TRP A 1 201 ? -7.749  -2.753  7.384   1.00 68.84  ? 205 TRP A CE3 1 
ATOM 1520 C CZ2 . TRP A 1 201 ? -9.022  -0.965  5.577   1.00 69.44  ? 205 TRP A CZ2 1 
ATOM 1521 C CZ3 . TRP A 1 201 ? -7.666  -1.372  7.547   1.00 68.83  ? 205 TRP A CZ3 1 
ATOM 1522 C CH2 . TRP A 1 201 ? -8.300  -0.495  6.645   1.00 69.92  ? 205 TRP A CH2 1 
ATOM 1523 N N   . VAL A 1 202 ? -6.633  -8.533  6.794   1.00 64.98  ? 206 VAL A N   1 
ATOM 1524 C CA  . VAL A 1 202 ? -5.923  -9.443  7.685   1.00 63.39  ? 206 VAL A CA  1 
ATOM 1525 C C   . VAL A 1 202 ? -4.496  -9.789  7.271   1.00 63.74  ? 206 VAL A C   1 
ATOM 1526 O O   . VAL A 1 202 ? -3.579  -9.703  8.085   1.00 64.48  ? 206 VAL A O   1 
ATOM 1527 C CB  . VAL A 1 202 ? -6.701  -10.766 7.850   1.00 62.49  ? 206 VAL A CB  1 
ATOM 1528 C CG1 . VAL A 1 202 ? -5.968  -11.686 8.812   1.00 60.29  ? 206 VAL A CG1 1 
ATOM 1529 C CG2 . VAL A 1 202 ? -8.106  -10.482 8.350   1.00 61.61  ? 206 VAL A CG2 1 
ATOM 1530 N N   . GLY A 1 203 ? -4.294  -10.163 6.010   1.00 63.89  ? 207 GLY A N   1 
ATOM 1531 C CA  . GLY A 1 203 ? -2.954  -10.530 5.587   1.00 62.90  ? 207 GLY A CA  1 
ATOM 1532 C C   . GLY A 1 203 ? -1.958  -9.387  5.576   1.00 62.36  ? 207 GLY A C   1 
ATOM 1533 O O   . GLY A 1 203 ? -0.865  -9.518  6.130   1.00 64.53  ? 207 GLY A O   1 
ATOM 1534 N N   . PRO A 1 204 ? -2.307  -8.246  4.968   1.00 60.53  ? 208 PRO A N   1 
ATOM 1535 C CA  . PRO A 1 204 ? -1.443  -7.066  4.891   1.00 60.84  ? 208 PRO A CA  1 
ATOM 1536 C C   . PRO A 1 204 ? -1.097  -6.466  6.249   1.00 61.69  ? 208 PRO A C   1 
ATOM 1537 O O   . PRO A 1 204 ? 0.020   -5.994  6.460   1.00 63.71  ? 208 PRO A O   1 
ATOM 1538 C CB  . PRO A 1 204 ? -2.247  -6.120  4.014   1.00 60.03  ? 208 PRO A CB  1 
ATOM 1539 C CG  . PRO A 1 204 ? -2.812  -7.060  3.015   1.00 59.86  ? 208 PRO A CG  1 
ATOM 1540 C CD  . PRO A 1 204 ? -3.304  -8.212  3.888   1.00 59.15  ? 208 PRO A CD  1 
ATOM 1541 N N   . VAL A 1 205 ? -2.052  -6.476  7.169   1.00 61.18  ? 209 VAL A N   1 
ATOM 1542 C CA  . VAL A 1 205 ? -1.784  -5.940  8.493   1.00 60.42  ? 209 VAL A CA  1 
ATOM 1543 C C   . VAL A 1 205 ? -0.819  -6.877  9.219   1.00 60.22  ? 209 VAL A C   1 
ATOM 1544 O O   . VAL A 1 205 ? 0.182   -6.430  9.781   1.00 61.05  ? 209 VAL A O   1 
ATOM 1545 C CB  . VAL A 1 205 ? -3.080  -5.785  9.303   1.00 59.71  ? 209 VAL A CB  1 
ATOM 1546 C CG1 . VAL A 1 205 ? -2.754  -5.469  10.757  1.00 59.62  ? 209 VAL A CG1 1 
ATOM 1547 C CG2 . VAL A 1 205 ? -3.918  -4.669  8.702   1.00 58.63  ? 209 VAL A CG2 1 
ATOM 1548 N N   . ILE A 1 206 ? -1.107  -8.175  9.193   1.00 57.58  ? 210 ILE A N   1 
ATOM 1549 C CA  . ILE A 1 206 ? -0.221  -9.129  9.843   1.00 57.04  ? 210 ILE A CA  1 
ATOM 1550 C C   . ILE A 1 206 ? 1.135   -9.016  9.163   1.00 58.00  ? 210 ILE A C   1 
ATOM 1551 O O   . ILE A 1 206 ? 2.164   -8.868  9.822   1.00 58.06  ? 210 ILE A O   1 
ATOM 1552 C CB  . ILE A 1 206 ? -0.717  -10.587 9.681   1.00 56.81  ? 210 ILE A CB  1 
ATOM 1553 C CG1 . ILE A 1 206 ? -2.046  -10.781 10.416  1.00 57.48  ? 210 ILE A CG1 1 
ATOM 1554 C CG2 . ILE A 1 206 ? 0.326   -11.554 10.230  1.00 53.75  ? 210 ILE A CG2 1 
ATOM 1555 C CD1 . ILE A 1 206 ? -2.630  -12.176 10.284  1.00 54.94  ? 210 ILE A CD1 1 
ATOM 1556 N N   . GLY A 1 207 ? 1.113   -9.040  7.831   1.00 58.27  ? 211 GLY A N   1 
ATOM 1557 C CA  . GLY A 1 207 ? 2.338   -8.958  7.061   1.00 55.73  ? 211 GLY A CA  1 
ATOM 1558 C C   . GLY A 1 207 ? 3.136   -7.718  7.385   1.00 55.53  ? 211 GLY A C   1 
ATOM 1559 O O   . GLY A 1 207 ? 4.337   -7.795  7.626   1.00 54.97  ? 211 GLY A O   1 
ATOM 1560 N N   . ALA A 1 208 ? 2.467   -6.571  7.404   1.00 56.19  ? 212 ALA A N   1 
ATOM 1561 C CA  . ALA A 1 208 ? 3.129   -5.308  7.701   1.00 56.11  ? 212 ALA A CA  1 
ATOM 1562 C C   . ALA A 1 208 ? 3.749   -5.340  9.091   1.00 56.76  ? 212 ALA A C   1 
ATOM 1563 O O   . ALA A 1 208 ? 4.917   -4.990  9.271   1.00 55.49  ? 212 ALA A O   1 
ATOM 1564 C CB  . ALA A 1 208 ? 2.129   -4.168  7.608   1.00 55.85  ? 212 ALA A CB  1 
ATOM 1565 N N   . GLY A 1 209 ? 2.966   -5.776  10.073  1.00 57.73  ? 213 GLY A N   1 
ATOM 1566 C CA  . GLY A 1 209 ? 3.479   -5.835  11.425  1.00 60.08  ? 213 GLY A CA  1 
ATOM 1567 C C   . GLY A 1 209 ? 4.657   -6.781  11.492  1.00 62.65  ? 213 GLY A C   1 
ATOM 1568 O O   . GLY A 1 209 ? 5.711   -6.441  12.028  1.00 62.77  ? 213 GLY A O   1 
ATOM 1569 N N   . LEU A 1 210 ? 4.485   -7.966  10.920  1.00 64.04  ? 214 LEU A N   1 
ATOM 1570 C CA  . LEU A 1 210 ? 5.537   -8.970  10.920  1.00 66.16  ? 214 LEU A CA  1 
ATOM 1571 C C   . LEU A 1 210 ? 6.774   -8.452  10.200  1.00 67.54  ? 214 LEU A C   1 
ATOM 1572 O O   . LEU A 1 210 ? 7.886   -8.537  10.715  1.00 68.05  ? 214 LEU A O   1 
ATOM 1573 C CB  . LEU A 1 210 ? 5.036   -10.241 10.234  1.00 67.31  ? 214 LEU A CB  1 
ATOM 1574 C CG  . LEU A 1 210 ? 6.019   -11.403 10.113  1.00 68.64  ? 214 LEU A CG  1 
ATOM 1575 C CD1 . LEU A 1 210 ? 6.517   -11.805 11.499  1.00 67.90  ? 214 LEU A CD1 1 
ATOM 1576 C CD2 . LEU A 1 210 ? 5.332   -12.573 9.422   1.00 68.50  ? 214 LEU A CD2 1 
ATOM 1577 N N   . GLY A 1 211 ? 6.569   -7.895  9.014   1.00 69.67  ? 215 GLY A N   1 
ATOM 1578 C CA  . GLY A 1 211 ? 7.680   -7.372  8.241   1.00 71.58  ? 215 GLY A CA  1 
ATOM 1579 C C   . GLY A 1 211 ? 8.396   -6.236  8.941   1.00 72.05  ? 215 GLY A C   1 
ATOM 1580 O O   . GLY A 1 211 ? 9.610   -6.077  8.808   1.00 73.00  ? 215 GLY A O   1 
ATOM 1581 N N   . SER A 1 212 ? 7.638   -5.437  9.684   1.00 71.83  ? 216 SER A N   1 
ATOM 1582 C CA  . SER A 1 212 ? 8.207   -4.308  10.403  1.00 73.01  ? 216 SER A CA  1 
ATOM 1583 C C   . SER A 1 212 ? 9.129   -4.785  11.520  1.00 73.96  ? 216 SER A C   1 
ATOM 1584 O O   . SER A 1 212 ? 10.259  -4.312  11.656  1.00 73.29  ? 216 SER A O   1 
ATOM 1585 C CB  . SER A 1 212 ? 7.086   -3.452  10.990  1.00 72.43  ? 216 SER A CB  1 
ATOM 1586 O OG  . SER A 1 212 ? 7.616   -2.362  11.717  1.00 73.56  ? 216 SER A OG  1 
ATOM 1587 N N   . LEU A 1 213 ? 8.642   -5.732  12.313  1.00 75.28  ? 217 LEU A N   1 
ATOM 1588 C CA  . LEU A 1 213 ? 9.414   -6.275  13.420  1.00 76.01  ? 217 LEU A CA  1 
ATOM 1589 C C   . LEU A 1 213 ? 10.692  -6.942  12.933  1.00 76.08  ? 217 LEU A C   1 
ATOM 1590 O O   . LEU A 1 213 ? 11.747  -6.801  13.548  1.00 75.22  ? 217 LEU A O   1 
ATOM 1591 C CB  . LEU A 1 213 ? 8.561   -7.280  14.209  1.00 77.15  ? 217 LEU A CB  1 
ATOM 1592 C CG  . LEU A 1 213 ? 9.228   -8.218  15.225  1.00 78.61  ? 217 LEU A CG  1 
ATOM 1593 C CD1 . LEU A 1 213 ? 8.196   -8.676  16.243  1.00 80.11  ? 217 LEU A CD1 1 
ATOM 1594 C CD2 . LEU A 1 213 ? 9.849   -9.419  14.516  1.00 78.67  ? 217 LEU A CD2 1 
ATOM 1595 N N   . LEU A 1 214 ? 10.602  -7.642  11.809  1.00 77.66  ? 218 LEU A N   1 
ATOM 1596 C CA  . LEU A 1 214 ? 11.757  -8.348  11.275  1.00 80.02  ? 218 LEU A CA  1 
ATOM 1597 C C   . LEU A 1 214 ? 12.943  -7.423  11.041  1.00 81.73  ? 218 LEU A C   1 
ATOM 1598 O O   . LEU A 1 214 ? 14.087  -7.794  11.301  1.00 82.74  ? 218 LEU A O   1 
ATOM 1599 C CB  . LEU A 1 214 ? 11.402  -9.047  9.961   1.00 79.96  ? 218 LEU A CB  1 
ATOM 1600 C CG  . LEU A 1 214 ? 12.561  -9.879  9.400   1.00 79.98  ? 218 LEU A CG  1 
ATOM 1601 C CD1 . LEU A 1 214 ? 12.832  -11.043 10.366  1.00 80.56  ? 218 LEU A CD1 1 
ATOM 1602 C CD2 . LEU A 1 214 ? 12.240  -10.402 7.994   1.00 78.73  ? 218 LEU A CD2 1 
ATOM 1603 N N   . TYR A 1 215 ? 12.676  -6.219  10.554  1.00 83.15  ? 219 TYR A N   1 
ATOM 1604 C CA  . TYR A 1 215 ? 13.752  -5.276  10.291  1.00 84.69  ? 219 TYR A CA  1 
ATOM 1605 C C   . TYR A 1 215 ? 14.371  -4.731  11.572  1.00 86.68  ? 219 TYR A C   1 
ATOM 1606 O O   . TYR A 1 215 ? 15.571  -4.470  11.623  1.00 87.16  ? 219 TYR A O   1 
ATOM 1607 C CB  . TYR A 1 215 ? 13.249  -4.114  9.439   1.00 83.90  ? 219 TYR A CB  1 
ATOM 1608 C CG  . TYR A 1 215 ? 14.364  -3.253  8.902   1.00 82.68  ? 219 TYR A CG  1 
ATOM 1609 C CD1 . TYR A 1 215 ? 15.202  -3.720  7.892   1.00 83.05  ? 219 TYR A CD1 1 
ATOM 1610 C CD2 . TYR A 1 215 ? 14.604  -1.984  9.423   1.00 82.37  ? 219 TYR A CD2 1 
ATOM 1611 C CE1 . TYR A 1 215 ? 16.256  -2.943  7.414   1.00 83.21  ? 219 TYR A CE1 1 
ATOM 1612 C CE2 . TYR A 1 215 ? 15.653  -1.200  8.955   1.00 82.45  ? 219 TYR A CE2 1 
ATOM 1613 C CZ  . TYR A 1 215 ? 16.476  -1.686  7.952   1.00 82.79  ? 219 TYR A CZ  1 
ATOM 1614 O OH  . TYR A 1 215 ? 17.523  -0.916  7.495   1.00 83.42  ? 219 TYR A OH  1 
ATOM 1615 N N   . ASP A 1 216 ? 13.551  -4.563  12.606  1.00 89.38  ? 220 ASP A N   1 
ATOM 1616 C CA  . ASP A 1 216 ? 14.028  -4.032  13.879  1.00 92.64  ? 220 ASP A CA  1 
ATOM 1617 C C   . ASP A 1 216 ? 14.587  -5.080  14.839  1.00 94.30  ? 220 ASP A C   1 
ATOM 1618 O O   . ASP A 1 216 ? 15.803  -5.229  14.959  1.00 95.33  ? 220 ASP A O   1 
ATOM 1619 C CB  . ASP A 1 216 ? 12.910  -3.249  14.576  1.00 94.14  ? 220 ASP A CB  1 
ATOM 1620 C CG  . ASP A 1 216 ? 12.552  -1.966  13.845  1.00 95.61  ? 220 ASP A CG  1 
ATOM 1621 O OD1 . ASP A 1 216 ? 11.695  -1.211  14.354  1.00 95.80  ? 220 ASP A OD1 1 
ATOM 1622 O OD2 . ASP A 1 216 ? 13.125  -1.713  12.763  1.00 95.80  ? 220 ASP A OD2 1 
ATOM 1623 N N   . PHE A 1 217 ? 13.700  -5.792  15.528  1.00 95.65  ? 221 PHE A N   1 
ATOM 1624 C CA  . PHE A 1 217 ? 14.111  -6.815  16.486  1.00 96.92  ? 221 PHE A CA  1 
ATOM 1625 C C   . PHE A 1 217 ? 15.274  -7.686  16.012  1.00 97.57  ? 221 PHE A C   1 
ATOM 1626 O O   . PHE A 1 217 ? 16.024  -8.220  16.830  1.00 97.10  ? 221 PHE A O   1 
ATOM 1627 C CB  . PHE A 1 217 ? 12.922  -7.713  16.856  1.00 97.58  ? 221 PHE A CB  1 
ATOM 1628 C CG  . PHE A 1 217 ? 12.125  -7.228  18.045  1.00 99.09  ? 221 PHE A CG  1 
ATOM 1629 C CD1 . PHE A 1 217 ? 11.069  -7.988  18.544  1.00 99.79  ? 221 PHE A CD1 1 
ATOM 1630 C CD2 . PHE A 1 217 ? 12.438  -6.026  18.679  1.00 99.97  ? 221 PHE A CD2 1 
ATOM 1631 C CE1 . PHE A 1 217 ? 10.338  -7.564  19.658  1.00 99.57  ? 221 PHE A CE1 1 
ATOM 1632 C CE2 . PHE A 1 217 ? 11.711  -5.594  19.794  1.00 100.66 ? 221 PHE A CE2 1 
ATOM 1633 C CZ  . PHE A 1 217 ? 10.661  -6.365  20.284  1.00 99.61  ? 221 PHE A CZ  1 
ATOM 1634 N N   . LEU A 1 218 ? 15.428  -7.826  14.699  1.00 98.18  ? 222 LEU A N   1 
ATOM 1635 C CA  . LEU A 1 218 ? 16.506  -8.642  14.148  1.00 99.28  ? 222 LEU A CA  1 
ATOM 1636 C C   . LEU A 1 218 ? 17.406  -7.882  13.176  1.00 100.01 ? 222 LEU A C   1 
ATOM 1637 O O   . LEU A 1 218 ? 18.266  -7.105  13.586  1.00 100.18 ? 222 LEU A O   1 
ATOM 1638 C CB  . LEU A 1 218 ? 15.926  -9.866  13.438  1.00 99.27  ? 222 LEU A CB  1 
ATOM 1639 C CG  . LEU A 1 218 ? 15.137  -10.871 14.282  1.00 99.78  ? 222 LEU A CG  1 
ATOM 1640 C CD1 . LEU A 1 218 ? 14.672  -12.030 13.379  1.00 99.56  ? 222 LEU A CD1 1 
ATOM 1641 C CD2 . LEU A 1 218 ? 16.019  -11.409 15.433  1.00 99.17  ? 222 LEU A CD2 1 
ATOM 1642 N N   . LEU A 1 219 ? 17.197  -8.132  11.887  1.00 101.09 ? 223 LEU A N   1 
ATOM 1643 C CA  . LEU A 1 219 ? 17.957  -7.519  10.800  1.00 101.81 ? 223 LEU A CA  1 
ATOM 1644 C C   . LEU A 1 219 ? 18.861  -6.341  11.166  1.00 103.13 ? 223 LEU A C   1 
ATOM 1645 O O   . LEU A 1 219 ? 20.009  -6.537  11.563  1.00 103.28 ? 223 LEU A O   1 
ATOM 1646 C CB  . LEU A 1 219 ? 16.994  -7.110  9.683   1.00 100.86 ? 223 LEU A CB  1 
ATOM 1647 C CG  . LEU A 1 219 ? 16.225  -8.283  9.064   1.00 100.33 ? 223 LEU A CG  1 
ATOM 1648 C CD1 . LEU A 1 219 ? 15.230  -7.777  8.034   1.00 100.94 ? 223 LEU A CD1 1 
ATOM 1649 C CD2 . LEU A 1 219 ? 17.209  -9.251  8.428   1.00 99.58  ? 223 LEU A CD2 1 
ATOM 1650 N N   . PHE A 1 220 ? 18.350  -5.121  11.029  1.00 104.71 ? 224 PHE A N   1 
ATOM 1651 C CA  . PHE A 1 220 ? 19.141  -3.930  11.335  1.00 107.04 ? 224 PHE A CA  1 
ATOM 1652 C C   . PHE A 1 220 ? 18.530  -3.109  12.473  1.00 109.77 ? 224 PHE A C   1 
ATOM 1653 O O   . PHE A 1 220 ? 17.800  -2.146  12.234  1.00 109.94 ? 224 PHE A O   1 
ATOM 1654 C CB  . PHE A 1 220 ? 19.271  -3.070  10.074  1.00 105.88 ? 224 PHE A CB  1 
ATOM 1655 C CG  . PHE A 1 220 ? 20.198  -1.901  10.226  1.00 105.60 ? 224 PHE A CG  1 
ATOM 1656 C CD1 . PHE A 1 220 ? 21.520  -2.092  10.611  1.00 105.99 ? 224 PHE A CD1 1 
ATOM 1657 C CD2 . PHE A 1 220 ? 19.754  -0.610  9.971   1.00 105.84 ? 224 PHE A CD2 1 
ATOM 1658 C CE1 . PHE A 1 220 ? 22.388  -1.011  10.741  1.00 106.04 ? 224 PHE A CE1 1 
ATOM 1659 C CE2 . PHE A 1 220 ? 20.613  0.477   10.097  1.00 106.11 ? 224 PHE A CE2 1 
ATOM 1660 C CZ  . PHE A 1 220 ? 21.932  0.275   10.482  1.00 106.20 ? 224 PHE A CZ  1 
ATOM 1661 N N   . PRO A 1 221 ? 18.834  -3.479  13.730  1.00 112.40 ? 225 PRO A N   1 
ATOM 1662 C CA  . PRO A 1 221 ? 18.327  -2.800  14.929  1.00 114.29 ? 225 PRO A CA  1 
ATOM 1663 C C   . PRO A 1 221 ? 18.740  -1.336  15.057  1.00 116.72 ? 225 PRO A C   1 
ATOM 1664 O O   . PRO A 1 221 ? 19.545  -0.831  14.274  1.00 117.00 ? 225 PRO A O   1 
ATOM 1665 C CB  . PRO A 1 221 ? 18.893  -3.645  16.071  1.00 113.36 ? 225 PRO A CB  1 
ATOM 1666 C CG  . PRO A 1 221 ? 19.053  -4.996  15.457  1.00 112.62 ? 225 PRO A CG  1 
ATOM 1667 C CD  . PRO A 1 221 ? 19.631  -4.656  14.109  1.00 112.50 ? 225 PRO A CD  1 
ATOM 1668 N N   . ARG A 1 222 ? 18.172  -0.668  16.056  1.00 119.58 ? 226 ARG A N   1 
ATOM 1669 C CA  . ARG A 1 222 ? 18.473  0.731   16.339  1.00 122.16 ? 226 ARG A CA  1 
ATOM 1670 C C   . ARG A 1 222 ? 19.428  0.769   17.525  1.00 123.71 ? 226 ARG A C   1 
ATOM 1671 O O   . ARG A 1 222 ? 19.005  0.658   18.677  1.00 123.73 ? 226 ARG A O   1 
ATOM 1672 C CB  . ARG A 1 222 ? 17.195  1.503   16.682  1.00 122.41 ? 226 ARG A CB  1 
ATOM 1673 C CG  . ARG A 1 222 ? 16.642  2.351   15.543  1.00 123.14 ? 226 ARG A CG  1 
ATOM 1674 C CD  . ARG A 1 222 ? 15.364  1.783   14.930  1.00 123.15 ? 226 ARG A CD  1 
ATOM 1675 N NE  . ARG A 1 222 ? 15.580  0.557   14.166  1.00 123.53 ? 226 ARG A NE  1 
ATOM 1676 C CZ  . ARG A 1 222 ? 15.659  -0.659  14.695  1.00 123.87 ? 226 ARG A CZ  1 
ATOM 1677 N NH1 . ARG A 1 222 ? 15.539  -0.831  16.004  1.00 124.17 ? 226 ARG A NH1 1 
ATOM 1678 N NH2 . ARG A 1 222 ? 15.853  -1.708  13.910  1.00 123.77 ? 226 ARG A NH2 1 
ATOM 1679 N N   . LEU A 1 223 ? 20.717  0.918   17.236  1.00 125.75 ? 227 LEU A N   1 
ATOM 1680 C CA  . LEU A 1 223 ? 21.741  0.949   18.274  1.00 127.85 ? 227 LEU A CA  1 
ATOM 1681 C C   . LEU A 1 223 ? 21.665  2.189   19.162  1.00 129.70 ? 227 LEU A C   1 
ATOM 1682 O O   . LEU A 1 223 ? 22.609  2.978   19.224  1.00 129.75 ? 227 LEU A O   1 
ATOM 1683 C CB  . LEU A 1 223 ? 23.134  0.845   17.641  1.00 127.36 ? 227 LEU A CB  1 
ATOM 1684 C CG  . LEU A 1 223 ? 23.480  -0.457  16.906  1.00 126.91 ? 227 LEU A CG  1 
ATOM 1685 C CD1 . LEU A 1 223 ? 22.632  -0.598  15.651  1.00 126.64 ? 227 LEU A CD1 1 
ATOM 1686 C CD2 . LEU A 1 223 ? 24.955  -0.458  16.540  1.00 126.41 ? 227 LEU A CD2 1 
ATOM 1687 N N   . LYS A 1 224 ? 20.537  2.350   19.850  1.00 131.96 ? 228 LYS A N   1 
ATOM 1688 C CA  . LYS A 1 224 ? 20.323  3.482   20.749  1.00 133.72 ? 228 LYS A CA  1 
ATOM 1689 C C   . LYS A 1 224 ? 19.473  3.073   21.954  1.00 134.81 ? 228 LYS A C   1 
ATOM 1690 O O   . LYS A 1 224 ? 19.969  2.423   22.876  1.00 134.63 ? 228 LYS A O   1 
ATOM 1691 C CB  . LYS A 1 224 ? 19.649  4.639   20.002  1.00 133.68 ? 228 LYS A CB  1 
ATOM 1692 C CG  . LYS A 1 224 ? 20.508  5.267   18.911  1.00 134.06 ? 228 LYS A CG  1 
ATOM 1693 C CD  . LYS A 1 224 ? 21.802  5.844   19.478  1.00 134.13 ? 228 LYS A CD  1 
ATOM 1694 C CE  . LYS A 1 224 ? 22.692  6.399   18.374  1.00 134.03 ? 228 LYS A CE  1 
ATOM 1695 N NZ  . LYS A 1 224 ? 23.982  6.924   18.903  1.00 133.59 ? 228 LYS A NZ  1 
ATOM 1696 N N   . SER A 1 225 ? 18.197  3.451   21.943  1.00 136.23 ? 229 SER A N   1 
ATOM 1697 C CA  . SER A 1 225 ? 17.291  3.121   23.041  1.00 137.67 ? 229 SER A CA  1 
ATOM 1698 C C   . SER A 1 225 ? 15.902  2.715   22.547  1.00 138.82 ? 229 SER A C   1 
ATOM 1699 O O   . SER A 1 225 ? 15.152  3.540   22.023  1.00 139.01 ? 229 SER A O   1 
ATOM 1700 C CB  . SER A 1 225 ? 17.165  4.313   23.994  1.00 137.23 ? 229 SER A CB  1 
ATOM 1701 O OG  . SER A 1 225 ? 18.418  4.653   24.562  1.00 136.84 ? 229 SER A OG  1 
ATOM 1702 N N   . VAL A 1 226 ? 15.567  1.437   22.719  1.00 140.20 ? 230 VAL A N   1 
ATOM 1703 C CA  . VAL A 1 226 ? 14.273  0.905   22.296  1.00 141.33 ? 230 VAL A CA  1 
ATOM 1704 C C   . VAL A 1 226 ? 13.127  1.403   23.175  1.00 142.17 ? 230 VAL A C   1 
ATOM 1705 O O   . VAL A 1 226 ? 12.067  1.782   22.674  1.00 141.98 ? 230 VAL A O   1 
ATOM 1706 C CB  . VAL A 1 226 ? 14.272  -0.642  22.324  1.00 141.17 ? 230 VAL A CB  1 
ATOM 1707 C CG1 . VAL A 1 226 ? 12.920  -1.170  21.869  1.00 140.97 ? 230 VAL A CG1 1 
ATOM 1708 C CG2 . VAL A 1 226 ? 15.380  -1.180  21.434  1.00 141.32 ? 230 VAL A CG2 1 
ATOM 1709 N N   . SER A 1 227 ? 13.340  1.387   24.486  1.00 143.18 ? 231 SER A N   1 
ATOM 1710 C CA  . SER A 1 227 ? 12.326  1.834   25.433  1.00 144.10 ? 231 SER A CA  1 
ATOM 1711 C C   . SER A 1 227 ? 12.137  3.346   25.388  1.00 144.93 ? 231 SER A C   1 
ATOM 1712 O O   . SER A 1 227 ? 11.028  3.847   25.572  1.00 145.09 ? 231 SER A O   1 
ATOM 1713 C CB  . SER A 1 227 ? 12.711  1.411   26.852  1.00 144.01 ? 231 SER A CB  1 
ATOM 1714 O OG  . SER A 1 227 ? 11.774  1.897   27.797  1.00 143.78 ? 231 SER A OG  1 
ATOM 1715 N N   . GLU A 1 228 ? 13.227  4.066   25.148  1.00 145.98 ? 232 GLU A N   1 
ATOM 1716 C CA  . GLU A 1 228 ? 13.189  5.523   25.084  1.00 147.06 ? 232 GLU A CA  1 
ATOM 1717 C C   . GLU A 1 228 ? 12.475  6.021   23.829  1.00 148.00 ? 232 GLU A C   1 
ATOM 1718 O O   . GLU A 1 228 ? 11.693  6.970   23.887  1.00 147.93 ? 232 GLU A O   1 
ATOM 1719 C CB  . GLU A 1 228 ? 14.613  6.085   25.124  1.00 146.70 ? 232 GLU A CB  1 
ATOM 1720 C CG  . GLU A 1 228 ? 14.690  7.599   25.229  1.00 146.24 ? 232 GLU A CG  1 
ATOM 1721 C CD  . GLU A 1 228 ? 14.148  8.124   26.545  1.00 146.19 ? 232 GLU A CD  1 
ATOM 1722 O OE1 . GLU A 1 228 ? 14.145  9.358   26.738  1.00 145.89 ? 232 GLU A OE1 1 
ATOM 1723 O OE2 . GLU A 1 228 ? 13.726  7.306   27.390  1.00 146.24 ? 232 GLU A OE2 1 
ATOM 1724 N N   . ARG A 1 229 ? 12.744  5.375   22.698  1.00 149.23 ? 233 ARG A N   1 
ATOM 1725 C CA  . ARG A 1 229 ? 12.134  5.760   21.429  1.00 150.26 ? 233 ARG A CA  1 
ATOM 1726 C C   . ARG A 1 229 ? 10.615  5.610   21.453  1.00 150.56 ? 233 ARG A C   1 
ATOM 1727 O O   . ARG A 1 229 ? 9.898   6.388   20.824  1.00 150.71 ? 233 ARG A O   1 
ATOM 1728 C CB  . ARG A 1 229 ? 12.714  4.922   20.283  1.00 150.58 ? 233 ARG A CB  1 
ATOM 1729 C CG  . ARG A 1 229 ? 12.342  3.449   20.335  1.00 151.32 ? 233 ARG A CG  1 
ATOM 1730 C CD  . ARG A 1 229 ? 12.978  2.671   19.196  1.00 151.71 ? 233 ARG A CD  1 
ATOM 1731 N NE  . ARG A 1 229 ? 12.587  1.264   19.210  1.00 151.96 ? 233 ARG A NE  1 
ATOM 1732 C CZ  . ARG A 1 229 ? 13.047  0.352   18.360  1.00 152.04 ? 233 ARG A CZ  1 
ATOM 1733 N NH1 . ARG A 1 229 ? 13.919  0.699   17.424  1.00 152.07 ? 233 ARG A NH1 1 
ATOM 1734 N NH2 . ARG A 1 229 ? 12.636  -0.906  18.445  1.00 151.95 ? 233 ARG A NH2 1 
ATOM 1735 N N   . LEU A 1 230 ? 10.130  4.605   22.178  1.00 150.78 ? 234 LEU A N   1 
ATOM 1736 C CA  . LEU A 1 230 ? 8.695   4.355   22.278  1.00 151.04 ? 234 LEU A CA  1 
ATOM 1737 C C   . LEU A 1 230 ? 7.954   5.508   22.948  1.00 151.39 ? 234 LEU A C   1 
ATOM 1738 O O   . LEU A 1 230 ? 6.779   5.382   23.297  1.00 151.39 ? 234 LEU A O   1 
ATOM 1739 C CB  . LEU A 1 230 ? 8.439   3.056   23.048  1.00 150.87 ? 234 LEU A CB  1 
ATOM 1740 C CG  . LEU A 1 230 ? 8.868   1.762   22.350  1.00 150.62 ? 234 LEU A CG  1 
ATOM 1741 C CD1 . LEU A 1 230 ? 8.674   0.581   23.285  1.00 150.58 ? 234 LEU A CD1 1 
ATOM 1742 C CD2 . LEU A 1 230 ? 8.055   1.576   21.079  1.00 150.37 ? 234 LEU A CD2 1 
ATOM 1743 N N   . SER A 1 231 ? 8.646   6.629   23.126  1.00 151.74 ? 235 SER A N   1 
ATOM 1744 C CA  . SER A 1 231 ? 8.053   7.807   23.745  1.00 152.09 ? 235 SER A CA  1 
ATOM 1745 C C   . SER A 1 231 ? 7.366   8.675   22.693  1.00 152.39 ? 235 SER A C   1 
ATOM 1746 O O   . SER A 1 231 ? 6.596   9.576   23.028  1.00 152.56 ? 235 SER A O   1 
ATOM 1747 C CB  . SER A 1 231 ? 9.130   8.623   24.467  1.00 151.98 ? 235 SER A CB  1 
ATOM 1748 O OG  . SER A 1 231 ? 9.739   7.866   25.500  1.00 151.73 ? 235 SER A OG  1 
ATOM 1749 N N   . ILE A 1 232 ? 7.650   8.398   21.423  1.00 152.75 ? 236 ILE A N   1 
ATOM 1750 C CA  . ILE A 1 232 ? 7.054   9.149   20.322  1.00 152.95 ? 236 ILE A CA  1 
ATOM 1751 C C   . ILE A 1 232 ? 5.535   9.010   20.370  1.00 152.64 ? 236 ILE A C   1 
ATOM 1752 O O   . ILE A 1 232 ? 4.804   9.914   19.962  1.00 152.68 ? 236 ILE A O   1 
ATOM 1753 C CB  . ILE A 1 232 ? 7.559   8.639   18.948  1.00 153.20 ? 236 ILE A CB  1 
ATOM 1754 C CG1 . ILE A 1 232 ? 9.084   8.771   18.864  1.00 153.25 ? 236 ILE A CG1 1 
ATOM 1755 C CG2 . ILE A 1 232 ? 6.903   9.430   17.823  1.00 153.02 ? 236 ILE A CG2 1 
ATOM 1756 C CD1 . ILE A 1 232 ? 9.596   10.197  18.962  1.00 152.92 ? 236 ILE A CD1 1 
ATOM 1757 N N   . LEU A 1 233 ? 5.069   7.869   20.869  1.00 152.17 ? 237 LEU A N   1 
ATOM 1758 C CA  . LEU A 1 233 ? 3.640   7.607   20.982  1.00 151.54 ? 237 LEU A CA  1 
ATOM 1759 C C   . LEU A 1 233 ? 2.981   8.675   21.851  1.00 151.13 ? 237 LEU A C   1 
ATOM 1760 O O   . LEU A 1 233 ? 1.856   9.098   21.586  1.00 151.10 ? 237 LEU A O   1 
ATOM 1761 C CB  . LEU A 1 233 ? 3.401   6.219   21.589  1.00 151.22 ? 237 LEU A CB  1 
ATOM 1762 C CG  . LEU A 1 233 ? 3.928   5.016   20.798  1.00 150.51 ? 237 LEU A CG  1 
ATOM 1763 C CD1 . LEU A 1 233 ? 3.678   3.739   21.582  1.00 149.95 ? 237 LEU A CD1 1 
ATOM 1764 C CD2 . LEU A 1 233 ? 3.247   4.951   19.440  1.00 149.99 ? 237 LEU A CD2 1 
ATOM 1765 N N   . LYS A 1 234 ? 3.693   9.108   22.887  1.00 150.42 ? 238 LYS A N   1 
ATOM 1766 C CA  . LYS A 1 234 ? 3.189   10.136  23.792  1.00 149.79 ? 238 LYS A CA  1 
ATOM 1767 C C   . LYS A 1 234 ? 3.385   11.519  23.178  1.00 149.72 ? 238 LYS A C   1 
ATOM 1768 O O   . LYS A 1 234 ? 3.268   12.536  23.862  1.00 149.77 ? 238 LYS A O   1 
ATOM 1769 C CB  . LYS A 1 234 ? 3.913   10.062  25.140  1.00 149.29 ? 238 LYS A CB  1 
ATOM 1770 C CG  . LYS A 1 234 ? 3.648   8.784   25.927  1.00 148.22 ? 238 LYS A CG  1 
ATOM 1771 C CD  . LYS A 1 234 ? 4.420   8.764   27.241  1.00 146.90 ? 238 LYS A CD  1 
ATOM 1772 C CE  . LYS A 1 234 ? 4.012   9.909   28.156  1.00 145.88 ? 238 LYS A CE  1 
ATOM 1773 N NZ  . LYS A 1 234 ? 4.787   9.906   29.428  1.00 145.09 ? 238 LYS A NZ  1 
ATOM 1774 N N   . GLY A 1 235 ? 3.686   11.546  21.883  1.00 149.51 ? 239 GLY A N   1 
ATOM 1775 C CA  . GLY A 1 235 ? 3.897   12.805  21.194  1.00 149.26 ? 239 GLY A CA  1 
ATOM 1776 C C   . GLY A 1 235 ? 5.124   12.776  20.304  1.00 149.11 ? 239 GLY A C   1 
ATOM 1777 O O   . GLY A 1 235 ? 4.977   12.971  19.079  1.00 149.16 ? 239 GLY A O   1 
ATOM 1778 O OXT . GLY A 1 235 ? 6.235   12.556  20.829  1.00 148.69 ? 239 GLY A OXT 1 
# 
loop_
_pdbx_poly_seq_scheme.asym_id 
_pdbx_poly_seq_scheme.entity_id 
_pdbx_poly_seq_scheme.seq_id 
_pdbx_poly_seq_scheme.mon_id 
_pdbx_poly_seq_scheme.ndb_seq_num 
_pdbx_poly_seq_scheme.pdb_seq_num 
_pdbx_poly_seq_scheme.auth_seq_num 
_pdbx_poly_seq_scheme.pdb_mon_id 
_pdbx_poly_seq_scheme.auth_mon_id 
_pdbx_poly_seq_scheme.pdb_strand_id 
_pdbx_poly_seq_scheme.pdb_ins_code 
_pdbx_poly_seq_scheme.hetero 
A 1 1   ARG 1   5   5   ARG ARG A . n 
A 1 2   SER 2   6   6   SER SER A . n 
A 1 3   ALA 3   7   7   ALA ALA A . n 
A 1 4   SER 4   8   8   SER SER A . n 
A 1 5   PHE 5   9   9   PHE PHE A . n 
A 1 6   TRP 6   10  10  TRP TRP A . n 
A 1 7   ARG 7   11  11  ARG ARG A . n 
A 1 8   ALA 8   12  12  ALA ALA A . n 
A 1 9   ILE 9   13  13  ILE ILE A . n 
A 1 10  PHE 10  14  14  PHE PHE A . n 
A 1 11  ALA 11  15  15  ALA ALA A . n 
A 1 12  GLU 12  16  16  GLU GLU A . n 
A 1 13  PHE 13  17  17  PHE PHE A . n 
A 1 14  PHE 14  18  18  PHE PHE A . n 
A 1 15  ALA 15  19  19  ALA ALA A . n 
A 1 16  THR 16  20  20  THR THR A . n 
A 1 17  LEU 17  21  21  LEU LEU A . n 
A 1 18  PHE 18  22  22  PHE PHE A . n 
A 1 19  TYR 19  23  23  TYR TYR A . n 
A 1 20  VAL 20  24  24  VAL VAL A . n 
A 1 21  PHE 21  25  25  PHE PHE A . n 
A 1 22  PHE 22  26  26  PHE PHE A . n 
A 1 23  GLY 23  27  27  GLY GLY A . n 
A 1 24  LEU 24  28  28  LEU LEU A . n 
A 1 25  GLY 25  29  29  GLY GLY A . n 
A 1 26  ALA 26  30  30  ALA ALA A . n 
A 1 27  SER 27  31  31  SER SER A . n 
A 1 28  LEU 28  32  32  LEU LEU A . n 
A 1 29  ARG 29  33  33  ARG ARG A . n 
A 1 30  TRP 30  34  34  TRP TRP A . n 
A 1 31  ALA 31  35  35  ALA ALA A . n 
A 1 32  PRO 32  36  36  PRO PRO A . n 
A 1 33  GLY 33  37  37  GLY GLY A . n 
A 1 34  PRO 34  38  38  PRO PRO A . n 
A 1 35  LEU 35  39  39  LEU LEU A . n 
A 1 36  HIS 36  40  40  HIS HIS A . n 
A 1 37  VAL 37  41  41  VAL VAL A . n 
A 1 38  LEU 38  42  42  LEU LEU A . n 
A 1 39  GLN 39  43  43  GLN GLN A . n 
A 1 40  VAL 40  44  44  VAL VAL A . n 
A 1 41  ALA 41  45  45  ALA ALA A . n 
A 1 42  LEU 42  46  46  LEU LEU A . n 
A 1 43  ALA 43  47  47  ALA ALA A . n 
A 1 44  PHE 44  48  48  PHE PHE A . n 
A 1 45  GLY 45  49  49  GLY GLY A . n 
A 1 46  LEU 46  50  50  LEU LEU A . n 
A 1 47  ALA 47  51  51  ALA ALA A . n 
A 1 48  LEU 48  52  52  LEU LEU A . n 
A 1 49  ALA 49  53  53  ALA ALA A . n 
A 1 50  THR 50  54  54  THR THR A . n 
A 1 51  LEU 51  55  55  LEU LEU A . n 
A 1 52  VAL 52  56  56  VAL VAL A . n 
A 1 53  GLN 53  57  57  GLN GLN A . n 
A 1 54  ALA 54  58  58  ALA ALA A . n 
A 1 55  VAL 55  59  59  VAL VAL A . n 
A 1 56  GLY 56  60  60  GLY GLY A . n 
A 1 57  HIS 57  61  61  HIS HIS A . n 
A 1 58  ILE 58  62  62  ILE ILE A . n 
A 1 59  SER 59  63  63  SER SER A . n 
A 1 60  GLY 60  64  64  GLY GLY A . n 
A 1 61  ALA 61  65  65  ALA ALA A . n 
A 1 62  HIS 62  66  66  HIS HIS A . n 
A 1 63  VAL 63  67  67  VAL VAL A . n 
A 1 64  ASN 64  68  68  ASN ASN A . n 
A 1 65  PRO 65  69  69  PRO PRO A . n 
A 1 66  ALA 66  70  70  ALA ALA A . n 
A 1 67  VAL 67  71  71  VAL VAL A . n 
A 1 68  THR 68  72  72  THR THR A . n 
A 1 69  PHE 69  73  73  PHE PHE A . n 
A 1 70  ALA 70  74  74  ALA ALA A . n 
A 1 71  PHE 71  75  75  PHE PHE A . n 
A 1 72  LEU 72  76  76  LEU LEU A . n 
A 1 73  VAL 73  77  77  VAL VAL A . n 
A 1 74  GLY 74  78  78  GLY GLY A . n 
A 1 75  SER 75  79  79  SER SER A . n 
A 1 76  GLN 76  80  80  GLN GLN A . n 
A 1 77  MET 77  81  81  MET MET A . n 
A 1 78  SER 78  82  82  SER SER A . n 
A 1 79  LEU 79  83  83  LEU LEU A . n 
A 1 80  LEU 80  84  84  LEU LEU A . n 
A 1 81  ARG 81  85  85  ARG ARG A . n 
A 1 82  ALA 82  86  86  ALA ALA A . n 
A 1 83  ILE 83  87  87  ILE ILE A . n 
A 1 84  CYS 84  88  88  CYS CYS A . n 
A 1 85  TYR 85  89  89  TYR TYR A . n 
A 1 86  VAL 86  90  90  VAL VAL A . n 
A 1 87  VAL 87  91  91  VAL VAL A . n 
A 1 88  ALA 88  92  92  ALA ALA A . n 
A 1 89  GLN 89  93  93  GLN GLN A . n 
A 1 90  LEU 90  94  94  LEU LEU A . n 
A 1 91  LEU 91  95  95  LEU LEU A . n 
A 1 92  GLY 92  96  96  GLY GLY A . n 
A 1 93  ALA 93  97  97  ALA ALA A . n 
A 1 94  VAL 94  98  98  VAL VAL A . n 
A 1 95  ALA 95  99  99  ALA ALA A . n 
A 1 96  GLY 96  100 100 GLY GLY A . n 
A 1 97  ALA 97  101 101 ALA ALA A . n 
A 1 98  ALA 98  102 102 ALA ALA A . n 
A 1 99  VAL 99  103 103 VAL VAL A . n 
A 1 100 LEU 100 104 104 LEU LEU A . n 
A 1 101 TYR 101 105 105 TYR TYR A . n 
A 1 102 SER 102 106 106 SER SER A . n 
A 1 103 VAL 103 107 107 VAL VAL A . n 
A 1 104 THR 104 108 108 THR THR A . n 
A 1 105 PRO 105 109 109 PRO PRO A . n 
A 1 106 PRO 106 110 110 PRO PRO A . n 
A 1 107 ALA 107 111 111 ALA ALA A . n 
A 1 108 VAL 108 112 112 VAL VAL A . n 
A 1 109 ARG 109 113 113 ARG ARG A . n 
A 1 110 GLY 110 114 114 GLY GLY A . n 
A 1 111 ASN 111 115 115 ASN ASN A . n 
A 1 112 LEU 112 116 116 LEU LEU A . n 
A 1 113 ALA 113 117 117 ALA ALA A . n 
A 1 114 LEU 114 118 118 LEU LEU A . n 
A 1 115 ASN 115 119 119 ASN ASN A . n 
A 1 116 THR 116 120 120 THR THR A . n 
A 1 117 LEU 117 121 121 LEU LEU A . n 
A 1 118 HIS 118 122 122 HIS HIS A . n 
A 1 119 PRO 119 123 123 PRO PRO A . n 
A 1 120 GLY 120 124 124 GLY GLY A . n 
A 1 121 VAL 121 125 125 VAL VAL A . n 
A 1 122 SER 122 126 126 SER SER A . n 
A 1 123 VAL 123 127 127 VAL VAL A . n 
A 1 124 GLY 124 128 128 GLY GLY A . n 
A 1 125 GLN 125 129 129 GLN GLN A . n 
A 1 126 ALA 126 130 130 ALA ALA A . n 
A 1 127 THR 127 131 131 THR THR A . n 
A 1 128 ILE 128 132 132 ILE ILE A . n 
A 1 129 VAL 129 133 133 VAL VAL A . n 
A 1 130 GLU 130 134 134 GLU GLU A . n 
A 1 131 ILE 131 135 135 ILE ILE A . n 
A 1 132 PHE 132 136 136 PHE PHE A . n 
A 1 133 LEU 133 137 137 LEU LEU A . n 
A 1 134 THR 134 138 138 THR THR A . n 
A 1 135 LEU 135 139 139 LEU LEU A . n 
A 1 136 GLN 136 140 140 GLN GLN A . n 
A 1 137 PHE 137 141 141 PHE PHE A . n 
A 1 138 VAL 138 142 142 VAL VAL A . n 
A 1 139 LEU 139 143 143 LEU LEU A . n 
A 1 140 CYS 140 144 144 CYS CYS A . n 
A 1 141 ILE 141 145 145 ILE ILE A . n 
A 1 142 PHE 142 146 146 PHE PHE A . n 
A 1 143 ALA 143 147 147 ALA ALA A . n 
A 1 144 THR 144 148 148 THR THR A . n 
A 1 145 TYR 145 149 149 TYR TYR A . n 
A 1 146 ASP 146 150 150 ASP ASP A . n 
A 1 147 GLU 147 151 151 GLU GLU A . n 
A 1 148 ARG 148 152 152 ARG ARG A . n 
A 1 149 ARG 149 153 153 ARG ARG A . n 
A 1 150 ASN 150 154 154 ASN ASN A . n 
A 1 151 GLY 151 155 155 GLY GLY A . n 
A 1 152 ARG 152 156 156 ARG ARG A . n 
A 1 153 LEU 153 157 157 LEU LEU A . n 
A 1 154 GLY 154 158 158 GLY GLY A . n 
A 1 155 SER 155 159 159 SER SER A . n 
A 1 156 VAL 156 160 160 VAL VAL A . n 
A 1 157 ALA 157 161 161 ALA ALA A . n 
A 1 158 LEU 158 162 162 LEU LEU A . n 
A 1 159 ALA 159 163 163 ALA ALA A . n 
A 1 160 VAL 160 164 164 VAL VAL A . n 
A 1 161 GLY 161 165 165 GLY GLY A . n 
A 1 162 PHE 162 166 166 PHE PHE A . n 
A 1 163 SER 163 167 167 SER SER A . n 
A 1 164 LEU 164 168 168 LEU LEU A . n 
A 1 165 THR 165 169 169 THR THR A . n 
A 1 166 LEU 166 170 170 LEU LEU A . n 
A 1 167 GLY 167 171 171 GLY GLY A . n 
A 1 168 HIS 168 172 172 HIS HIS A . n 
A 1 169 LEU 169 173 173 LEU LEU A . n 
A 1 170 PHE 170 174 174 PHE PHE A . n 
A 1 171 GLY 171 175 175 GLY GLY A . n 
A 1 172 MET 172 176 176 MET MET A . n 
A 1 173 TYR 173 177 177 TYR TYR A . n 
A 1 174 TYR 174 178 178 TYR TYR A . n 
A 1 175 THR 175 179 179 THR THR A . n 
A 1 176 GLY 176 180 180 GLY GLY A . n 
A 1 177 ALA 177 181 181 ALA ALA A . n 
A 1 178 GLY 178 182 182 GLY GLY A . n 
A 1 179 MET 179 183 183 MET MET A . n 
A 1 180 ASN 180 184 184 ASN ASN A . n 
A 1 181 PRO 181 185 185 PRO PRO A . n 
A 1 182 ALA 182 186 186 ALA ALA A . n 
A 1 183 ARG 183 187 187 ARG ARG A . n 
A 1 184 SER 184 188 188 SER SER A . n 
A 1 185 PHE 185 189 189 PHE PHE A . n 
A 1 186 ALA 186 190 190 ALA ALA A . n 
A 1 187 PRO 187 191 191 PRO PRO A . n 
A 1 188 ALA 188 192 192 ALA ALA A . n 
A 1 189 ILE 189 193 193 ILE ILE A . n 
A 1 190 LEU 190 194 194 LEU LEU A . n 
A 1 191 THR 191 195 195 THR THR A . n 
A 1 192 ARG 192 196 196 ARG ARG A . n 
A 1 193 ASN 193 197 197 ASN ASN A . n 
A 1 194 PHE 194 198 198 PHE PHE A . n 
A 1 195 THR 195 199 199 THR THR A . n 
A 1 196 ASN 196 200 200 ASN ASN A . n 
A 1 197 HIS 197 201 201 HIS HIS A . n 
A 1 198 TRP 198 202 202 TRP TRP A . n 
A 1 199 VAL 199 203 203 VAL VAL A . n 
A 1 200 TYR 200 204 204 TYR TYR A . n 
A 1 201 TRP 201 205 205 TRP TRP A . n 
A 1 202 VAL 202 206 206 VAL VAL A . n 
A 1 203 GLY 203 207 207 GLY GLY A . n 
A 1 204 PRO 204 208 208 PRO PRO A . n 
A 1 205 VAL 205 209 209 VAL VAL A . n 
A 1 206 ILE 206 210 210 ILE ILE A . n 
A 1 207 GLY 207 211 211 GLY GLY A . n 
A 1 208 ALA 208 212 212 ALA ALA A . n 
A 1 209 GLY 209 213 213 GLY GLY A . n 
A 1 210 LEU 210 214 214 LEU LEU A . n 
A 1 211 GLY 211 215 215 GLY GLY A . n 
A 1 212 SER 212 216 216 SER SER A . n 
A 1 213 LEU 213 217 217 LEU LEU A . n 
A 1 214 LEU 214 218 218 LEU LEU A . n 
A 1 215 TYR 215 219 219 TYR TYR A . n 
A 1 216 ASP 216 220 220 ASP ASP A . n 
A 1 217 PHE 217 221 221 PHE PHE A . n 
A 1 218 LEU 218 222 222 LEU LEU A . n 
A 1 219 LEU 219 223 223 LEU LEU A . n 
A 1 220 PHE 220 224 224 PHE PHE A . n 
A 1 221 PRO 221 225 225 PRO PRO A . n 
A 1 222 ARG 222 226 226 ARG ARG A . n 
A 1 223 LEU 223 227 227 LEU LEU A . n 
A 1 224 LYS 224 228 228 LYS LYS A . n 
A 1 225 SER 225 229 229 SER SER A . n 
A 1 226 VAL 226 230 230 VAL VAL A . n 
A 1 227 SER 227 231 231 SER SER A . n 
A 1 228 GLU 228 232 232 GLU GLU A . n 
A 1 229 ARG 229 233 233 ARG ARG A . n 
A 1 230 LEU 230 234 234 LEU LEU A . n 
A 1 231 SER 231 235 235 SER SER A . n 
A 1 232 ILE 232 236 236 ILE ILE A . n 
A 1 233 LEU 233 237 237 LEU LEU A . n 
A 1 234 LYS 234 238 238 LYS LYS A . n 
A 1 235 GLY 235 239 239 GLY GLY A . n 
# 
_pdbx_struct_assembly.id                   1 
_pdbx_struct_assembly.details              author_and_software_defined_assembly 
_pdbx_struct_assembly.method_details       PISA,PQS 
_pdbx_struct_assembly.oligomeric_details   octameric 
_pdbx_struct_assembly.oligomeric_count     8 
# 
_pdbx_struct_assembly_gen.assembly_id       1 
_pdbx_struct_assembly_gen.oper_expression   1,2,3,4,5,6,7,8 
_pdbx_struct_assembly_gen.asym_id_list      A 
# 
loop_
_pdbx_struct_assembly_prop.biol_id 
_pdbx_struct_assembly_prop.type 
_pdbx_struct_assembly_prop.value 
_pdbx_struct_assembly_prop.details 
1 'ABSA (A^2)' 31700 ? 
1 MORE         -323  ? 
1 'SSA (A^2)'  59330 ? 
# 
loop_
_pdbx_struct_oper_list.id 
_pdbx_struct_oper_list.type 
_pdbx_struct_oper_list.name 
_pdbx_struct_oper_list.symmetry_operation 
_pdbx_struct_oper_list.matrix[1][1] 
_pdbx_struct_oper_list.matrix[1][2] 
_pdbx_struct_oper_list.matrix[1][3] 
_pdbx_struct_oper_list.vector[1] 
_pdbx_struct_oper_list.matrix[2][1] 
_pdbx_struct_oper_list.matrix[2][2] 
_pdbx_struct_oper_list.matrix[2][3] 
_pdbx_struct_oper_list.vector[2] 
_pdbx_struct_oper_list.matrix[3][1] 
_pdbx_struct_oper_list.matrix[3][2] 
_pdbx_struct_oper_list.matrix[3][3] 
_pdbx_struct_oper_list.vector[3] 
1 'identity operation'         1_555 x,y,z    1.0000000000  0.0000000000  0.0000000000  0.0000000000   0.0000000000  1.0000000000  0.0000000000  0.0000000000   0.0000000000  0.0000000000  1.0000000000  0.0000000000   
2 'crystal symmetry operation' 2_555 -x,-y,z  -0.2411579937 0.7024050066  0.6696790491  26.6138155932  0.7024050066  -0.3498346306 0.6198733241  -0.2223378857  0.6696790491  0.6198733241  -0.4090073757 -29.9240509363 
3 'crystal symmetry operation' 3_555 -y,x,z   0.3794210031  -0.1923932216 0.9049997517  21.7772286750  0.8947982282  0.3250826847  -0.3060349308 -16.5609297924 -0.2353207027 0.9259082548  0.2954963122  -7.3064789846  
4 'crystal symmetry operation' 4_555 y,-x,z   0.3794210031  0.8947982282  -0.2353207027 4.8365869182   -0.1923932216 0.3250826847  0.9259082548  16.3385919067  0.9049997517  -0.3060349308 0.2954963122  -22.6175719518 
5 'crystal symmetry operation' 5_555 -x,y,-z  0.1599509063  -0.9252888527 -0.3438840598 -23.7306967896 -0.9252888527 -0.2619002612 0.2743151331  -11.1783577543 -0.3438840598 0.2743151331  -0.8980506451 -49.9681009751 
6 'crystal symmetry operation' 6_555 x,-y,-z  -0.9187929125 0.2228838461  -0.3257949892 -8.9776619756  0.2228838461  -0.3882651082 -0.8941884571 -43.9542143150 -0.3257949892 -0.8941884571 0.3070580207  -32.3078453288 
7 'crystal symmetry operation' 7_555 y,x,-z   -0.6863350541 -0.6499739442 0.3263097689  -2.4111839428  -0.6499739442 0.3468707094  -0.6761764435 -28.9955506071 0.3263097689  -0.6761764435 -0.6605356553 -55.4382682783 
8 'crystal symmetry operation' 8_555 -y,-x,-z -0.0725069522 -0.0524310624 -0.9959888180 -30.2971748224 -0.0524310624 -0.9970360788 0.0563031194  -26.1370214622 -0.9959888180 0.0563031194  0.0695430310  -26.8376780257 
# 
loop_
_pdbx_audit_revision_history.ordinal 
_pdbx_audit_revision_history.data_content_type 
_pdbx_audit_revision_history.major_revision 
_pdbx_audit_revision_history.minor_revision 
_pdbx_audit_revision_history.revision_date 
1 'Structure model' 1 0 2004-05-11 
2 'Structure model' 1 1 2008-04-29 
3 'Structure model' 1 2 2011-07-13 
4 'Structure model' 1 3 2017-10-11 
5 'Structure model' 1 4 2018-01-31 
6 'Structure model' 1 5 2023-08-23 
# 
_pdbx_audit_revision_details.ordinal             1 
_pdbx_audit_revision_details.revision_ordinal    1 
_pdbx_audit_revision_details.data_content_type   'Structure model' 
_pdbx_audit_revision_details.provider            repository 
_pdbx_audit_revision_details.type                'Initial release' 
_pdbx_audit_revision_details.description         ? 
_pdbx_audit_revision_details.details             ? 
# 
loop_
_pdbx_audit_revision_group.ordinal 
_pdbx_audit_revision_group.revision_ordinal 
_pdbx_audit_revision_group.data_content_type 
_pdbx_audit_revision_group.group 
1  2 'Structure model' 'Version format compliance' 
2  3 'Structure model' 'Derived calculations'      
3  3 'Structure model' 'Version format compliance' 
4  4 'Structure model' 'Data collection'           
5  4 'Structure model' 'Data processing'           
6  4 'Structure model' 'Refinement description'    
7  5 'Structure model' 'Experimental preparation'  
8  6 'Structure model' 'Data collection'           
9  6 'Structure model' 'Database references'       
10 6 'Structure model' 'Refinement description'    
# 
loop_
_pdbx_audit_revision_category.ordinal 
_pdbx_audit_revision_category.revision_ordinal 
_pdbx_audit_revision_category.data_content_type 
_pdbx_audit_revision_category.category 
1 4 'Structure model' em_3d_reconstruction          
2 4 'Structure model' em_image_scans                
3 4 'Structure model' software                      
4 5 'Structure model' exptl_crystal_grow            
5 6 'Structure model' chem_comp_atom                
6 6 'Structure model' chem_comp_bond                
7 6 'Structure model' database_2                    
8 6 'Structure model' pdbx_initial_refinement_model 
# 
loop_
_pdbx_audit_revision_item.ordinal 
_pdbx_audit_revision_item.revision_ordinal 
_pdbx_audit_revision_item.data_content_type 
_pdbx_audit_revision_item.item 
1 5 'Structure model' '_exptl_crystal_grow.temp'            
2 6 'Structure model' '_database_2.pdbx_DOI'                
3 6 'Structure model' '_database_2.pdbx_database_accession' 
# 
loop_
_software.name 
_software.classification 
_software.version 
_software.citation_id 
_software.pdbx_ordinal 
CNS    refinement 1.1         ? 1 
MOLREP phasing    'V. 7.4.03' ? 2 
# 
loop_
_pdbx_database_remark.id 
_pdbx_database_remark.text 
240 
;EXPERIMENT TYPE                : SINGLE-CRYSTAL ELECTRON DIFFRACTION   
DATE OF DATA COLLECTION        : 28-JAN-2003                          
TEMPERATURE           (KELVIN) : 100.0                                
PH                             : 6.00                                 
NUMBER OF CRYSTALS USED        : 131                                  
RADIATION SOURCE               : ELECTRON MICROSCOPE                            
X-RAY GENERATOR MODEL          : TECNAI T20                           
OPTICS                         : CRYSTALS TILTED TO 0, 20, 45, 60 AND 70 DEGREES          
DETECTOR TYPE                  : CCD                                  
DETECTOR MANUFACTURER          : GATAN 2K X 2K                                  
INTENSITY-INTEGRATION SOFTWARE : DIGITAL MICROGRAPH 3.7.4                       
DATA SCALING SOFTWARE          : MRC                                  
NUMBER OF UNIQUE REFLECTIONS   : 6635                                 
RESOLUTION RANGE HIGH      (A) : 3.000                                
RESOLUTION RANGE LOW       (A) : 30.000                               
VERALL.                                                               
COMPLETENESS FOR RANGE     (%) : 88.0                                 
DATA REDUNDANCY                : 6.700                                
IN THE HIGHEST RESOLUTION SHELL.                                      
HIGHEST RESOLUTION SHELL, RANGE HIGH (A) : 3.00                       
HIGHEST RESOLUTION SHELL, RANGE LOW  (A) : 3.50                       
COMPLETENESS FOR SHELL     (%) : 82.0                                 
DATA REDUNDANCY IN SHELL       : 4.50                                 
R MERGE FOR SHELL          (I) : 0.54000                              
METHOD USED TO DETERMINE THE STRUCTURE: MOLECULAR REPLACEMENT                   
SOFTWARE USED: MOLREP 7.4.03                                          
STARTING MODEL: PDB ENTRY 1J4N                                                  
;
999 
;SEQUENCE
The sequence of this protein has been deposited to gene bank.
The accession number is AY573927.   
;
# 
_em_entity_assembly.id                   1 
_em_entity_assembly.name                 aquaporin-0 
_em_entity_assembly.parent_id            0 
_em_entity_assembly.source               . 
_em_entity_assembly.type                 COMPLEX 
_em_entity_assembly.details              ? 
_em_entity_assembly.entity_id_list       ? 
_em_entity_assembly.synonym              ? 
_em_entity_assembly.oligomeric_details   ? 
# 
_em_imaging.entry_id                        1SOR 
_em_imaging.id                              1 
_em_imaging.specimen_id                     1 
_em_imaging.accelerating_voltage            200 
_em_imaging.electron_source                 'FIELD EMISSION GUN' 
_em_imaging.illumination_mode               'FLOOD BEAM' 
_em_imaging.mode                            DIFFRACTION 
_em_imaging.microscope_model                'FEI TECNAI F20' 
_em_imaging.calibrated_defocus_max          ? 
_em_imaging.alignment_procedure             ? 
_em_imaging.c2_aperture_diameter            ? 
_em_imaging.calibrated_defocus_min          ? 
_em_imaging.calibrated_magnification        ? 
_em_imaging.cryogen                         ? 
_em_imaging.details                         ? 
_em_imaging.nominal_cs                      ? 
_em_imaging.nominal_defocus_max             ? 
_em_imaging.nominal_defocus_min             ? 
_em_imaging.nominal_magnification           ? 
_em_imaging.residual_tilt                   ? 
_em_imaging.specimen_holder_model           ? 
_em_imaging.recording_temperature_maximum   ? 
_em_imaging.recording_temperature_minimum   ? 
_em_imaging.citation_id                     ? 
_em_imaging.date                            ? 
_em_imaging.temperature                     ? 
_em_imaging.tilt_angle_min                  ? 
_em_imaging.tilt_angle_max                  ? 
_em_imaging.astigmatism                     ? 
_em_imaging.detector_distance               ? 
_em_imaging.electron_beam_tilt_params       ? 
_em_imaging.specimen_holder_type            ? 
# 
_em_experiment.entry_id                1SOR 
_em_experiment.id                      1 
_em_experiment.entity_assembly_id      1 
_em_experiment.aggregation_state       '2D ARRAY' 
_em_experiment.reconstruction_method   CRYSTALLOGRAPHY 
# 
loop_
_pdbx_validate_torsion.id 
_pdbx_validate_torsion.PDB_model_num 
_pdbx_validate_torsion.auth_comp_id 
_pdbx_validate_torsion.auth_asym_id 
_pdbx_validate_torsion.auth_seq_id 
_pdbx_validate_torsion.PDB_ins_code 
_pdbx_validate_torsion.label_alt_id 
_pdbx_validate_torsion.phi 
_pdbx_validate_torsion.psi 
1  1 LEU A 32  ? ? -20.31  123.73  
2  1 ARG A 33  ? ? -64.89  97.38   
3  1 TRP A 34  ? ? -157.34 22.45   
4  1 PRO A 36  ? ? -31.04  81.91   
5  1 HIS A 40  ? ? -49.59  -7.41   
6  1 SER A 63  ? ? -179.92 115.26  
7  1 ALA A 65  ? ? 91.38   20.18   
8  1 VAL A 67  ? ? 69.22   -49.02  
9  1 SER A 79  ? ? 63.54   75.18   
10 1 GLN A 80  ? ? 176.18  54.46   
11 1 MET A 81  ? ? 178.68  154.22  
12 1 ALA A 117 ? ? 70.55   46.52   
13 1 ASN A 119 ? ? -48.42  95.95   
14 1 PRO A 123 ? ? -14.67  -72.66  
15 1 ASP A 150 ? ? -46.88  100.28  
16 1 ARG A 152 ? ? -29.62  -45.78  
17 1 SER A 159 ? ? -61.86  88.96   
18 1 ALA A 181 ? ? 56.77   117.92  
19 1 MET A 183 ? ? 48.85   13.19   
20 1 LEU A 194 ? ? -67.59  6.65    
21 1 THR A 195 ? ? -157.28 53.26   
22 1 ARG A 196 ? ? 0.72    80.92   
23 1 ASP A 220 ? ? -86.85  -79.45  
24 1 LEU A 222 ? ? -123.92 -102.80 
25 1 LEU A 223 ? ? -11.60  -94.01  
26 1 LEU A 227 ? ? -67.98  61.08   
27 1 LYS A 228 ? ? -145.99 -103.43 
28 1 LEU A 234 ? ? -63.42  11.12   
# 
loop_
_pdbx_unobs_or_zero_occ_atoms.id 
_pdbx_unobs_or_zero_occ_atoms.PDB_model_num 
_pdbx_unobs_or_zero_occ_atoms.polymer_flag 
_pdbx_unobs_or_zero_occ_atoms.occupancy_flag 
_pdbx_unobs_or_zero_occ_atoms.auth_asym_id 
_pdbx_unobs_or_zero_occ_atoms.auth_comp_id 
_pdbx_unobs_or_zero_occ_atoms.auth_seq_id 
_pdbx_unobs_or_zero_occ_atoms.PDB_ins_code 
_pdbx_unobs_or_zero_occ_atoms.auth_atom_id 
_pdbx_unobs_or_zero_occ_atoms.label_alt_id 
_pdbx_unobs_or_zero_occ_atoms.label_asym_id 
_pdbx_unobs_or_zero_occ_atoms.label_comp_id 
_pdbx_unobs_or_zero_occ_atoms.label_seq_id 
_pdbx_unobs_or_zero_occ_atoms.label_atom_id 
1 1 Y 1 A ARG 5 ? CG  ? A ARG 1 CG  
2 1 Y 1 A ARG 5 ? CD  ? A ARG 1 CD  
3 1 Y 1 A ARG 5 ? NE  ? A ARG 1 NE  
4 1 Y 1 A ARG 5 ? CZ  ? A ARG 1 CZ  
5 1 Y 1 A ARG 5 ? NH1 ? A ARG 1 NH1 
6 1 Y 1 A ARG 5 ? NH2 ? A ARG 1 NH2 
7 1 Y 1 A SER 6 ? OG  ? A SER 2 OG  
# 
loop_
_chem_comp_atom.comp_id 
_chem_comp_atom.atom_id 
_chem_comp_atom.type_symbol 
_chem_comp_atom.pdbx_aromatic_flag 
_chem_comp_atom.pdbx_stereo_config 
_chem_comp_atom.pdbx_ordinal 
ALA N    N N N 1   
ALA CA   C N S 2   
ALA C    C N N 3   
ALA O    O N N 4   
ALA CB   C N N 5   
ALA OXT  O N N 6   
ALA H    H N N 7   
ALA H2   H N N 8   
ALA HA   H N N 9   
ALA HB1  H N N 10  
ALA HB2  H N N 11  
ALA HB3  H N N 12  
ALA HXT  H N N 13  
ARG N    N N N 14  
ARG CA   C N S 15  
ARG C    C N N 16  
ARG O    O N N 17  
ARG CB   C N N 18  
ARG CG   C N N 19  
ARG CD   C N N 20  
ARG NE   N N N 21  
ARG CZ   C N N 22  
ARG NH1  N N N 23  
ARG NH2  N N N 24  
ARG OXT  O N N 25  
ARG H    H N N 26  
ARG H2   H N N 27  
ARG HA   H N N 28  
ARG HB2  H N N 29  
ARG HB3  H N N 30  
ARG HG2  H N N 31  
ARG HG3  H N N 32  
ARG HD2  H N N 33  
ARG HD3  H N N 34  
ARG HE   H N N 35  
ARG HH11 H N N 36  
ARG HH12 H N N 37  
ARG HH21 H N N 38  
ARG HH22 H N N 39  
ARG HXT  H N N 40  
ASN N    N N N 41  
ASN CA   C N S 42  
ASN C    C N N 43  
ASN O    O N N 44  
ASN CB   C N N 45  
ASN CG   C N N 46  
ASN OD1  O N N 47  
ASN ND2  N N N 48  
ASN OXT  O N N 49  
ASN H    H N N 50  
ASN H2   H N N 51  
ASN HA   H N N 52  
ASN HB2  H N N 53  
ASN HB3  H N N 54  
ASN HD21 H N N 55  
ASN HD22 H N N 56  
ASN HXT  H N N 57  
ASP N    N N N 58  
ASP CA   C N S 59  
ASP C    C N N 60  
ASP O    O N N 61  
ASP CB   C N N 62  
ASP CG   C N N 63  
ASP OD1  O N N 64  
ASP OD2  O N N 65  
ASP OXT  O N N 66  
ASP H    H N N 67  
ASP H2   H N N 68  
ASP HA   H N N 69  
ASP HB2  H N N 70  
ASP HB3  H N N 71  
ASP HD2  H N N 72  
ASP HXT  H N N 73  
CYS N    N N N 74  
CYS CA   C N R 75  
CYS C    C N N 76  
CYS O    O N N 77  
CYS CB   C N N 78  
CYS SG   S N N 79  
CYS OXT  O N N 80  
CYS H    H N N 81  
CYS H2   H N N 82  
CYS HA   H N N 83  
CYS HB2  H N N 84  
CYS HB3  H N N 85  
CYS HG   H N N 86  
CYS HXT  H N N 87  
GLN N    N N N 88  
GLN CA   C N S 89  
GLN C    C N N 90  
GLN O    O N N 91  
GLN CB   C N N 92  
GLN CG   C N N 93  
GLN CD   C N N 94  
GLN OE1  O N N 95  
GLN NE2  N N N 96  
GLN OXT  O N N 97  
GLN H    H N N 98  
GLN H2   H N N 99  
GLN HA   H N N 100 
GLN HB2  H N N 101 
GLN HB3  H N N 102 
GLN HG2  H N N 103 
GLN HG3  H N N 104 
GLN HE21 H N N 105 
GLN HE22 H N N 106 
GLN HXT  H N N 107 
GLU N    N N N 108 
GLU CA   C N S 109 
GLU C    C N N 110 
GLU O    O N N 111 
GLU CB   C N N 112 
GLU CG   C N N 113 
GLU CD   C N N 114 
GLU OE1  O N N 115 
GLU OE2  O N N 116 
GLU OXT  O N N 117 
GLU H    H N N 118 
GLU H2   H N N 119 
GLU HA   H N N 120 
GLU HB2  H N N 121 
GLU HB3  H N N 122 
GLU HG2  H N N 123 
GLU HG3  H N N 124 
GLU HE2  H N N 125 
GLU HXT  H N N 126 
GLY N    N N N 127 
GLY CA   C N N 128 
GLY C    C N N 129 
GLY O    O N N 130 
GLY OXT  O N N 131 
GLY H    H N N 132 
GLY H2   H N N 133 
GLY HA2  H N N 134 
GLY HA3  H N N 135 
GLY HXT  H N N 136 
HIS N    N N N 137 
HIS CA   C N S 138 
HIS C    C N N 139 
HIS O    O N N 140 
HIS CB   C N N 141 
HIS CG   C Y N 142 
HIS ND1  N Y N 143 
HIS CD2  C Y N 144 
HIS CE1  C Y N 145 
HIS NE2  N Y N 146 
HIS OXT  O N N 147 
HIS H    H N N 148 
HIS H2   H N N 149 
HIS HA   H N N 150 
HIS HB2  H N N 151 
HIS HB3  H N N 152 
HIS HD1  H N N 153 
HIS HD2  H N N 154 
HIS HE1  H N N 155 
HIS HE2  H N N 156 
HIS HXT  H N N 157 
ILE N    N N N 158 
ILE CA   C N S 159 
ILE C    C N N 160 
ILE O    O N N 161 
ILE CB   C N S 162 
ILE CG1  C N N 163 
ILE CG2  C N N 164 
ILE CD1  C N N 165 
ILE OXT  O N N 166 
ILE H    H N N 167 
ILE H2   H N N 168 
ILE HA   H N N 169 
ILE HB   H N N 170 
ILE HG12 H N N 171 
ILE HG13 H N N 172 
ILE HG21 H N N 173 
ILE HG22 H N N 174 
ILE HG23 H N N 175 
ILE HD11 H N N 176 
ILE HD12 H N N 177 
ILE HD13 H N N 178 
ILE HXT  H N N 179 
LEU N    N N N 180 
LEU CA   C N S 181 
LEU C    C N N 182 
LEU O    O N N 183 
LEU CB   C N N 184 
LEU CG   C N N 185 
LEU CD1  C N N 186 
LEU CD2  C N N 187 
LEU OXT  O N N 188 
LEU H    H N N 189 
LEU H2   H N N 190 
LEU HA   H N N 191 
LEU HB2  H N N 192 
LEU HB3  H N N 193 
LEU HG   H N N 194 
LEU HD11 H N N 195 
LEU HD12 H N N 196 
LEU HD13 H N N 197 
LEU HD21 H N N 198 
LEU HD22 H N N 199 
LEU HD23 H N N 200 
LEU HXT  H N N 201 
LYS N    N N N 202 
LYS CA   C N S 203 
LYS C    C N N 204 
LYS O    O N N 205 
LYS CB   C N N 206 
LYS CG   C N N 207 
LYS CD   C N N 208 
LYS CE   C N N 209 
LYS NZ   N N N 210 
LYS OXT  O N N 211 
LYS H    H N N 212 
LYS H2   H N N 213 
LYS HA   H N N 214 
LYS HB2  H N N 215 
LYS HB3  H N N 216 
LYS HG2  H N N 217 
LYS HG3  H N N 218 
LYS HD2  H N N 219 
LYS HD3  H N N 220 
LYS HE2  H N N 221 
LYS HE3  H N N 222 
LYS HZ1  H N N 223 
LYS HZ2  H N N 224 
LYS HZ3  H N N 225 
LYS HXT  H N N 226 
MET N    N N N 227 
MET CA   C N S 228 
MET C    C N N 229 
MET O    O N N 230 
MET CB   C N N 231 
MET CG   C N N 232 
MET SD   S N N 233 
MET CE   C N N 234 
MET OXT  O N N 235 
MET H    H N N 236 
MET H2   H N N 237 
MET HA   H N N 238 
MET HB2  H N N 239 
MET HB3  H N N 240 
MET HG2  H N N 241 
MET HG3  H N N 242 
MET HE1  H N N 243 
MET HE2  H N N 244 
MET HE3  H N N 245 
MET HXT  H N N 246 
PHE N    N N N 247 
PHE CA   C N S 248 
PHE C    C N N 249 
PHE O    O N N 250 
PHE CB   C N N 251 
PHE CG   C Y N 252 
PHE CD1  C Y N 253 
PHE CD2  C Y N 254 
PHE CE1  C Y N 255 
PHE CE2  C Y N 256 
PHE CZ   C Y N 257 
PHE OXT  O N N 258 
PHE H    H N N 259 
PHE H2   H N N 260 
PHE HA   H N N 261 
PHE HB2  H N N 262 
PHE HB3  H N N 263 
PHE HD1  H N N 264 
PHE HD2  H N N 265 
PHE HE1  H N N 266 
PHE HE2  H N N 267 
PHE HZ   H N N 268 
PHE HXT  H N N 269 
PRO N    N N N 270 
PRO CA   C N S 271 
PRO C    C N N 272 
PRO O    O N N 273 
PRO CB   C N N 274 
PRO CG   C N N 275 
PRO CD   C N N 276 
PRO OXT  O N N 277 
PRO H    H N N 278 
PRO HA   H N N 279 
PRO HB2  H N N 280 
PRO HB3  H N N 281 
PRO HG2  H N N 282 
PRO HG3  H N N 283 
PRO HD2  H N N 284 
PRO HD3  H N N 285 
PRO HXT  H N N 286 
SER N    N N N 287 
SER CA   C N S 288 
SER C    C N N 289 
SER O    O N N 290 
SER CB   C N N 291 
SER OG   O N N 292 
SER OXT  O N N 293 
SER H    H N N 294 
SER H2   H N N 295 
SER HA   H N N 296 
SER HB2  H N N 297 
SER HB3  H N N 298 
SER HG   H N N 299 
SER HXT  H N N 300 
THR N    N N N 301 
THR CA   C N S 302 
THR C    C N N 303 
THR O    O N N 304 
THR CB   C N R 305 
THR OG1  O N N 306 
THR CG2  C N N 307 
THR OXT  O N N 308 
THR H    H N N 309 
THR H2   H N N 310 
THR HA   H N N 311 
THR HB   H N N 312 
THR HG1  H N N 313 
THR HG21 H N N 314 
THR HG22 H N N 315 
THR HG23 H N N 316 
THR HXT  H N N 317 
TRP N    N N N 318 
TRP CA   C N S 319 
TRP C    C N N 320 
TRP O    O N N 321 
TRP CB   C N N 322 
TRP CG   C Y N 323 
TRP CD1  C Y N 324 
TRP CD2  C Y N 325 
TRP NE1  N Y N 326 
TRP CE2  C Y N 327 
TRP CE3  C Y N 328 
TRP CZ2  C Y N 329 
TRP CZ3  C Y N 330 
TRP CH2  C Y N 331 
TRP OXT  O N N 332 
TRP H    H N N 333 
TRP H2   H N N 334 
TRP HA   H N N 335 
TRP HB2  H N N 336 
TRP HB3  H N N 337 
TRP HD1  H N N 338 
TRP HE1  H N N 339 
TRP HE3  H N N 340 
TRP HZ2  H N N 341 
TRP HZ3  H N N 342 
TRP HH2  H N N 343 
TRP HXT  H N N 344 
TYR N    N N N 345 
TYR CA   C N S 346 
TYR C    C N N 347 
TYR O    O N N 348 
TYR CB   C N N 349 
TYR CG   C Y N 350 
TYR CD1  C Y N 351 
TYR CD2  C Y N 352 
TYR CE1  C Y N 353 
TYR CE2  C Y N 354 
TYR CZ   C Y N 355 
TYR OH   O N N 356 
TYR OXT  O N N 357 
TYR H    H N N 358 
TYR H2   H N N 359 
TYR HA   H N N 360 
TYR HB2  H N N 361 
TYR HB3  H N N 362 
TYR HD1  H N N 363 
TYR HD2  H N N 364 
TYR HE1  H N N 365 
TYR HE2  H N N 366 
TYR HH   H N N 367 
TYR HXT  H N N 368 
VAL N    N N N 369 
VAL CA   C N S 370 
VAL C    C N N 371 
VAL O    O N N 372 
VAL CB   C N N 373 
VAL CG1  C N N 374 
VAL CG2  C N N 375 
VAL OXT  O N N 376 
VAL H    H N N 377 
VAL H2   H N N 378 
VAL HA   H N N 379 
VAL HB   H N N 380 
VAL HG11 H N N 381 
VAL HG12 H N N 382 
VAL HG13 H N N 383 
VAL HG21 H N N 384 
VAL HG22 H N N 385 
VAL HG23 H N N 386 
VAL HXT  H N N 387 
# 
loop_
_chem_comp_bond.comp_id 
_chem_comp_bond.atom_id_1 
_chem_comp_bond.atom_id_2 
_chem_comp_bond.value_order 
_chem_comp_bond.pdbx_aromatic_flag 
_chem_comp_bond.pdbx_stereo_config 
_chem_comp_bond.pdbx_ordinal 
ALA N   CA   sing N N 1   
ALA N   H    sing N N 2   
ALA N   H2   sing N N 3   
ALA CA  C    sing N N 4   
ALA CA  CB   sing N N 5   
ALA CA  HA   sing N N 6   
ALA C   O    doub N N 7   
ALA C   OXT  sing N N 8   
ALA CB  HB1  sing N N 9   
ALA CB  HB2  sing N N 10  
ALA CB  HB3  sing N N 11  
ALA OXT HXT  sing N N 12  
ARG N   CA   sing N N 13  
ARG N   H    sing N N 14  
ARG N   H2   sing N N 15  
ARG CA  C    sing N N 16  
ARG CA  CB   sing N N 17  
ARG CA  HA   sing N N 18  
ARG C   O    doub N N 19  
ARG C   OXT  sing N N 20  
ARG CB  CG   sing N N 21  
ARG CB  HB2  sing N N 22  
ARG CB  HB3  sing N N 23  
ARG CG  CD   sing N N 24  
ARG CG  HG2  sing N N 25  
ARG CG  HG3  sing N N 26  
ARG CD  NE   sing N N 27  
ARG CD  HD2  sing N N 28  
ARG CD  HD3  sing N N 29  
ARG NE  CZ   sing N N 30  
ARG NE  HE   sing N N 31  
ARG CZ  NH1  sing N N 32  
ARG CZ  NH2  doub N N 33  
ARG NH1 HH11 sing N N 34  
ARG NH1 HH12 sing N N 35  
ARG NH2 HH21 sing N N 36  
ARG NH2 HH22 sing N N 37  
ARG OXT HXT  sing N N 38  
ASN N   CA   sing N N 39  
ASN N   H    sing N N 40  
ASN N   H2   sing N N 41  
ASN CA  C    sing N N 42  
ASN CA  CB   sing N N 43  
ASN CA  HA   sing N N 44  
ASN C   O    doub N N 45  
ASN C   OXT  sing N N 46  
ASN CB  CG   sing N N 47  
ASN CB  HB2  sing N N 48  
ASN CB  HB3  sing N N 49  
ASN CG  OD1  doub N N 50  
ASN CG  ND2  sing N N 51  
ASN ND2 HD21 sing N N 52  
ASN ND2 HD22 sing N N 53  
ASN OXT HXT  sing N N 54  
ASP N   CA   sing N N 55  
ASP N   H    sing N N 56  
ASP N   H2   sing N N 57  
ASP CA  C    sing N N 58  
ASP CA  CB   sing N N 59  
ASP CA  HA   sing N N 60  
ASP C   O    doub N N 61  
ASP C   OXT  sing N N 62  
ASP CB  CG   sing N N 63  
ASP CB  HB2  sing N N 64  
ASP CB  HB3  sing N N 65  
ASP CG  OD1  doub N N 66  
ASP CG  OD2  sing N N 67  
ASP OD2 HD2  sing N N 68  
ASP OXT HXT  sing N N 69  
CYS N   CA   sing N N 70  
CYS N   H    sing N N 71  
CYS N   H2   sing N N 72  
CYS CA  C    sing N N 73  
CYS CA  CB   sing N N 74  
CYS CA  HA   sing N N 75  
CYS C   O    doub N N 76  
CYS C   OXT  sing N N 77  
CYS CB  SG   sing N N 78  
CYS CB  HB2  sing N N 79  
CYS CB  HB3  sing N N 80  
CYS SG  HG   sing N N 81  
CYS OXT HXT  sing N N 82  
GLN N   CA   sing N N 83  
GLN N   H    sing N N 84  
GLN N   H2   sing N N 85  
GLN CA  C    sing N N 86  
GLN CA  CB   sing N N 87  
GLN CA  HA   sing N N 88  
GLN C   O    doub N N 89  
GLN C   OXT  sing N N 90  
GLN CB  CG   sing N N 91  
GLN CB  HB2  sing N N 92  
GLN CB  HB3  sing N N 93  
GLN CG  CD   sing N N 94  
GLN CG  HG2  sing N N 95  
GLN CG  HG3  sing N N 96  
GLN CD  OE1  doub N N 97  
GLN CD  NE2  sing N N 98  
GLN NE2 HE21 sing N N 99  
GLN NE2 HE22 sing N N 100 
GLN OXT HXT  sing N N 101 
GLU N   CA   sing N N 102 
GLU N   H    sing N N 103 
GLU N   H2   sing N N 104 
GLU CA  C    sing N N 105 
GLU CA  CB   sing N N 106 
GLU CA  HA   sing N N 107 
GLU C   O    doub N N 108 
GLU C   OXT  sing N N 109 
GLU CB  CG   sing N N 110 
GLU CB  HB2  sing N N 111 
GLU CB  HB3  sing N N 112 
GLU CG  CD   sing N N 113 
GLU CG  HG2  sing N N 114 
GLU CG  HG3  sing N N 115 
GLU CD  OE1  doub N N 116 
GLU CD  OE2  sing N N 117 
GLU OE2 HE2  sing N N 118 
GLU OXT HXT  sing N N 119 
GLY N   CA   sing N N 120 
GLY N   H    sing N N 121 
GLY N   H2   sing N N 122 
GLY CA  C    sing N N 123 
GLY CA  HA2  sing N N 124 
GLY CA  HA3  sing N N 125 
GLY C   O    doub N N 126 
GLY C   OXT  sing N N 127 
GLY OXT HXT  sing N N 128 
HIS N   CA   sing N N 129 
HIS N   H    sing N N 130 
HIS N   H2   sing N N 131 
HIS CA  C    sing N N 132 
HIS CA  CB   sing N N 133 
HIS CA  HA   sing N N 134 
HIS C   O    doub N N 135 
HIS C   OXT  sing N N 136 
HIS CB  CG   sing N N 137 
HIS CB  HB2  sing N N 138 
HIS CB  HB3  sing N N 139 
HIS CG  ND1  sing Y N 140 
HIS CG  CD2  doub Y N 141 
HIS ND1 CE1  doub Y N 142 
HIS ND1 HD1  sing N N 143 
HIS CD2 NE2  sing Y N 144 
HIS CD2 HD2  sing N N 145 
HIS CE1 NE2  sing Y N 146 
HIS CE1 HE1  sing N N 147 
HIS NE2 HE2  sing N N 148 
HIS OXT HXT  sing N N 149 
ILE N   CA   sing N N 150 
ILE N   H    sing N N 151 
ILE N   H2   sing N N 152 
ILE CA  C    sing N N 153 
ILE CA  CB   sing N N 154 
ILE CA  HA   sing N N 155 
ILE C   O    doub N N 156 
ILE C   OXT  sing N N 157 
ILE CB  CG1  sing N N 158 
ILE CB  CG2  sing N N 159 
ILE CB  HB   sing N N 160 
ILE CG1 CD1  sing N N 161 
ILE CG1 HG12 sing N N 162 
ILE CG1 HG13 sing N N 163 
ILE CG2 HG21 sing N N 164 
ILE CG2 HG22 sing N N 165 
ILE CG2 HG23 sing N N 166 
ILE CD1 HD11 sing N N 167 
ILE CD1 HD12 sing N N 168 
ILE CD1 HD13 sing N N 169 
ILE OXT HXT  sing N N 170 
LEU N   CA   sing N N 171 
LEU N   H    sing N N 172 
LEU N   H2   sing N N 173 
LEU CA  C    sing N N 174 
LEU CA  CB   sing N N 175 
LEU CA  HA   sing N N 176 
LEU C   O    doub N N 177 
LEU C   OXT  sing N N 178 
LEU CB  CG   sing N N 179 
LEU CB  HB2  sing N N 180 
LEU CB  HB3  sing N N 181 
LEU CG  CD1  sing N N 182 
LEU CG  CD2  sing N N 183 
LEU CG  HG   sing N N 184 
LEU CD1 HD11 sing N N 185 
LEU CD1 HD12 sing N N 186 
LEU CD1 HD13 sing N N 187 
LEU CD2 HD21 sing N N 188 
LEU CD2 HD22 sing N N 189 
LEU CD2 HD23 sing N N 190 
LEU OXT HXT  sing N N 191 
LYS N   CA   sing N N 192 
LYS N   H    sing N N 193 
LYS N   H2   sing N N 194 
LYS CA  C    sing N N 195 
LYS CA  CB   sing N N 196 
LYS CA  HA   sing N N 197 
LYS C   O    doub N N 198 
LYS C   OXT  sing N N 199 
LYS CB  CG   sing N N 200 
LYS CB  HB2  sing N N 201 
LYS CB  HB3  sing N N 202 
LYS CG  CD   sing N N 203 
LYS CG  HG2  sing N N 204 
LYS CG  HG3  sing N N 205 
LYS CD  CE   sing N N 206 
LYS CD  HD2  sing N N 207 
LYS CD  HD3  sing N N 208 
LYS CE  NZ   sing N N 209 
LYS CE  HE2  sing N N 210 
LYS CE  HE3  sing N N 211 
LYS NZ  HZ1  sing N N 212 
LYS NZ  HZ2  sing N N 213 
LYS NZ  HZ3  sing N N 214 
LYS OXT HXT  sing N N 215 
MET N   CA   sing N N 216 
MET N   H    sing N N 217 
MET N   H2   sing N N 218 
MET CA  C    sing N N 219 
MET CA  CB   sing N N 220 
MET CA  HA   sing N N 221 
MET C   O    doub N N 222 
MET C   OXT  sing N N 223 
MET CB  CG   sing N N 224 
MET CB  HB2  sing N N 225 
MET CB  HB3  sing N N 226 
MET CG  SD   sing N N 227 
MET CG  HG2  sing N N 228 
MET CG  HG3  sing N N 229 
MET SD  CE   sing N N 230 
MET CE  HE1  sing N N 231 
MET CE  HE2  sing N N 232 
MET CE  HE3  sing N N 233 
MET OXT HXT  sing N N 234 
PHE N   CA   sing N N 235 
PHE N   H    sing N N 236 
PHE N   H2   sing N N 237 
PHE CA  C    sing N N 238 
PHE CA  CB   sing N N 239 
PHE CA  HA   sing N N 240 
PHE C   O    doub N N 241 
PHE C   OXT  sing N N 242 
PHE CB  CG   sing N N 243 
PHE CB  HB2  sing N N 244 
PHE CB  HB3  sing N N 245 
PHE CG  CD1  doub Y N 246 
PHE CG  CD2  sing Y N 247 
PHE CD1 CE1  sing Y N 248 
PHE CD1 HD1  sing N N 249 
PHE CD2 CE2  doub Y N 250 
PHE CD2 HD2  sing N N 251 
PHE CE1 CZ   doub Y N 252 
PHE CE1 HE1  sing N N 253 
PHE CE2 CZ   sing Y N 254 
PHE CE2 HE2  sing N N 255 
PHE CZ  HZ   sing N N 256 
PHE OXT HXT  sing N N 257 
PRO N   CA   sing N N 258 
PRO N   CD   sing N N 259 
PRO N   H    sing N N 260 
PRO CA  C    sing N N 261 
PRO CA  CB   sing N N 262 
PRO CA  HA   sing N N 263 
PRO C   O    doub N N 264 
PRO C   OXT  sing N N 265 
PRO CB  CG   sing N N 266 
PRO CB  HB2  sing N N 267 
PRO CB  HB3  sing N N 268 
PRO CG  CD   sing N N 269 
PRO CG  HG2  sing N N 270 
PRO CG  HG3  sing N N 271 
PRO CD  HD2  sing N N 272 
PRO CD  HD3  sing N N 273 
PRO OXT HXT  sing N N 274 
SER N   CA   sing N N 275 
SER N   H    sing N N 276 
SER N   H2   sing N N 277 
SER CA  C    sing N N 278 
SER CA  CB   sing N N 279 
SER CA  HA   sing N N 280 
SER C   O    doub N N 281 
SER C   OXT  sing N N 282 
SER CB  OG   sing N N 283 
SER CB  HB2  sing N N 284 
SER CB  HB3  sing N N 285 
SER OG  HG   sing N N 286 
SER OXT HXT  sing N N 287 
THR N   CA   sing N N 288 
THR N   H    sing N N 289 
THR N   H2   sing N N 290 
THR CA  C    sing N N 291 
THR CA  CB   sing N N 292 
THR CA  HA   sing N N 293 
THR C   O    doub N N 294 
THR C   OXT  sing N N 295 
THR CB  OG1  sing N N 296 
THR CB  CG2  sing N N 297 
THR CB  HB   sing N N 298 
THR OG1 HG1  sing N N 299 
THR CG2 HG21 sing N N 300 
THR CG2 HG22 sing N N 301 
THR CG2 HG23 sing N N 302 
THR OXT HXT  sing N N 303 
TRP N   CA   sing N N 304 
TRP N   H    sing N N 305 
TRP N   H2   sing N N 306 
TRP CA  C    sing N N 307 
TRP CA  CB   sing N N 308 
TRP CA  HA   sing N N 309 
TRP C   O    doub N N 310 
TRP C   OXT  sing N N 311 
TRP CB  CG   sing N N 312 
TRP CB  HB2  sing N N 313 
TRP CB  HB3  sing N N 314 
TRP CG  CD1  doub Y N 315 
TRP CG  CD2  sing Y N 316 
TRP CD1 NE1  sing Y N 317 
TRP CD1 HD1  sing N N 318 
TRP CD2 CE2  doub Y N 319 
TRP CD2 CE3  sing Y N 320 
TRP NE1 CE2  sing Y N 321 
TRP NE1 HE1  sing N N 322 
TRP CE2 CZ2  sing Y N 323 
TRP CE3 CZ3  doub Y N 324 
TRP CE3 HE3  sing N N 325 
TRP CZ2 CH2  doub Y N 326 
TRP CZ2 HZ2  sing N N 327 
TRP CZ3 CH2  sing Y N 328 
TRP CZ3 HZ3  sing N N 329 
TRP CH2 HH2  sing N N 330 
TRP OXT HXT  sing N N 331 
TYR N   CA   sing N N 332 
TYR N   H    sing N N 333 
TYR N   H2   sing N N 334 
TYR CA  C    sing N N 335 
TYR CA  CB   sing N N 336 
TYR CA  HA   sing N N 337 
TYR C   O    doub N N 338 
TYR C   OXT  sing N N 339 
TYR CB  CG   sing N N 340 
TYR CB  HB2  sing N N 341 
TYR CB  HB3  sing N N 342 
TYR CG  CD1  doub Y N 343 
TYR CG  CD2  sing Y N 344 
TYR CD1 CE1  sing Y N 345 
TYR CD1 HD1  sing N N 346 
TYR CD2 CE2  doub Y N 347 
TYR CD2 HD2  sing N N 348 
TYR CE1 CZ   doub Y N 349 
TYR CE1 HE1  sing N N 350 
TYR CE2 CZ   sing Y N 351 
TYR CE2 HE2  sing N N 352 
TYR CZ  OH   sing N N 353 
TYR OH  HH   sing N N 354 
TYR OXT HXT  sing N N 355 
VAL N   CA   sing N N 356 
VAL N   H    sing N N 357 
VAL N   H2   sing N N 358 
VAL CA  C    sing N N 359 
VAL CA  CB   sing N N 360 
VAL CA  HA   sing N N 361 
VAL C   O    doub N N 362 
VAL C   OXT  sing N N 363 
VAL CB  CG1  sing N N 364 
VAL CB  CG2  sing N N 365 
VAL CB  HB   sing N N 366 
VAL CG1 HG11 sing N N 367 
VAL CG1 HG12 sing N N 368 
VAL CG1 HG13 sing N N 369 
VAL CG2 HG21 sing N N 370 
VAL CG2 HG22 sing N N 371 
VAL CG2 HG23 sing N N 372 
VAL OXT HXT  sing N N 373 
# 
_em_embedding.details       '10% glucose' 
_em_embedding.id            1 
_em_embedding.material      glucose 
_em_embedding.specimen_id   1 
# 
_em_image_recording.id                            1 
_em_image_recording.imaging_id                    1 
_em_image_recording.film_or_detector_model        'GENERIC GATAN (2k x 2k)' 
_em_image_recording.avg_electron_dose_per_image   . 
_em_image_recording.average_exposure_time         ? 
_em_image_recording.details                       ? 
_em_image_recording.num_grids_imaged              ? 
_em_image_recording.num_diffraction_images        ? 
_em_image_recording.num_real_images               ? 
_em_image_recording.detector_mode                 ? 
# 
_em_specimen.experiment_id           1 
_em_specimen.id                      1 
_em_specimen.embedding_applied       YES 
_em_specimen.shadowing_applied       NO 
_em_specimen.staining_applied        NO 
_em_specimen.vitrification_applied   YES 
_em_specimen.concentration           ? 
_em_specimen.details                 ? 
# 
_pdbx_initial_refinement_model.id               1 
_pdbx_initial_refinement_model.entity_id_list   ? 
_pdbx_initial_refinement_model.type             'experimental model' 
_pdbx_initial_refinement_model.source_name      PDB 
_pdbx_initial_refinement_model.accession_code   1J4N 
_pdbx_initial_refinement_model.details          'PDB entry 1J4N' 
# 
